data_5NKK
#
_entry.id   5NKK
#
_cell.length_a   110.605
_cell.length_b   110.605
_cell.length_c   360.266
_cell.angle_alpha   90.000
_cell.angle_beta   90.000
_cell.angle_gamma   120.000
#
_symmetry.space_group_name_H-M   'P 32 2 1'
#
loop_
_entity.id
_entity.type
_entity.pdbx_description
1 polymer 'Protein smg-8'
2 polymer 'Protein smg-9'
3 non-polymer 'PYROPHOSPHATE 2-'
4 non-polymer 1,2-ETHANEDIOL
5 non-polymer "GUANOSINE-5'-DIPHOSPHATE"
6 non-polymer 'MAGNESIUM ION'
7 water water
#
loop_
_entity_poly.entity_id
_entity_poly.type
_entity_poly.pdbx_seq_one_letter_code
_entity_poly.pdbx_strand_id
1 'polypeptide(L)'
;MDIAKWVEHARTCYSTQLDTKIKVIGVIGKDYPDHGKGDNINCYLRENVFPVAATEDETCTIRGHFSEDDQILFLVMNGV
DDVANIRKCLKSNPKSNYFDAMAESECQQIRMLHFLFISCHFIIIFEQTSRIDLELMRFLKKVNSARIQLRKKINQRLVA
SDLRDVSFNNRILSSAESEGRMVVPRLLIAFQRNNIRPDVNPGKKLQRELYEKLEKNLDNQFSDILKLYDLIDCGASSLC
QLNETIPVVHLLNPKIVKRDIIGEMFEILMADAENTKISGNAGTLPSNNSFVKFLEDNFRSEKNEISLENVIELMNCLQC
VLDGDLEEKHEKTAIQTFIKRIQNDHMEEARRLYTNAQRPGERRGADRFKDSEKPVKIRSKEEHLMRFNEATHYIDSVVG
VNSREALSQLQAQCNEMWQSDMRHHHHHH
;
A,C,E
2 'polypeptide(L)'
;MKESVRFLTDFGEISDAISDLLTSSPNFNVISAIGPQGAGKSTLLSMLAGNNSRQMYREYVFRPVSREANEQSRHQTIQI
DIYIVNHQIFLDCQPMYSFSIMEGLPKVRGGRFDDSTAMSDTLRLTAFLLYVSHTVLVVSETHYDKVIIDTLRVAEQIRP
YLAIFRPKLAIDRKTNLVFIKTKASSIDLAPTVIREREELLRLSFQDSRWLKVSQEPFKTLIVLEEIRVRREHLFEEGDE
PDEAASLNEFDEQIAELREELQKNREDFTVETAAMDEKKWLDMCREVIRDKTLHKTLKEYQRAMTDGVRTHFDNGFH
;
B,D,F
#
# COMPACT_ATOMS: atom_id res chain seq x y z
N MET A 1 5.77 -14.14 46.56
CA MET A 1 5.55 -12.99 47.43
C MET A 1 5.19 -11.74 46.62
N ASP A 2 4.28 -10.93 47.18
CA ASP A 2 3.91 -9.67 46.56
C ASP A 2 5.14 -8.77 46.42
N ILE A 3 5.27 -8.13 45.25
CA ILE A 3 6.46 -7.35 44.98
C ILE A 3 6.50 -6.08 45.82
N ALA A 4 5.35 -5.54 46.18
CA ALA A 4 5.33 -4.38 47.07
C ALA A 4 5.94 -4.73 48.42
N LYS A 5 5.71 -5.95 48.90
CA LYS A 5 6.32 -6.42 50.14
C LYS A 5 7.69 -7.04 49.92
N TRP A 6 7.95 -7.58 48.72
CA TRP A 6 9.26 -8.16 48.44
C TRP A 6 10.36 -7.10 48.53
N VAL A 7 10.07 -5.90 48.05
CA VAL A 7 11.09 -4.85 47.99
C VAL A 7 11.49 -4.40 49.39
N GLU A 8 10.51 -4.23 50.27
CA GLU A 8 10.77 -3.66 51.61
C GLU A 8 11.93 -4.35 52.32
N HIS A 9 12.04 -5.66 52.19
CA HIS A 9 12.96 -6.47 52.97
C HIS A 9 13.97 -7.23 52.09
N ALA A 10 13.98 -6.97 50.78
CA ALA A 10 14.89 -7.67 49.90
C ALA A 10 16.35 -7.26 50.14
N ARG A 11 16.60 -5.98 50.43
CA ARG A 11 17.96 -5.53 50.65
C ARG A 11 18.61 -6.21 51.84
N THR A 12 17.81 -6.73 52.78
CA THR A 12 18.35 -7.40 53.96
C THR A 12 18.35 -8.92 53.83
N CYS A 13 17.37 -9.49 53.13
CA CYS A 13 17.36 -10.95 52.94
C CYS A 13 18.55 -11.40 52.11
N TYR A 14 18.96 -10.60 51.14
CA TYR A 14 20.13 -10.86 50.31
C TYR A 14 21.20 -9.79 50.52
N SER A 15 21.34 -9.35 51.77
CA SER A 15 22.34 -8.32 52.11
C SER A 15 23.73 -8.66 51.59
N THR A 16 24.06 -9.95 51.45
CA THR A 16 25.37 -10.33 50.94
C THR A 16 25.46 -10.12 49.43
N GLN A 17 24.52 -10.69 48.68
CA GLN A 17 24.68 -10.82 47.23
C GLN A 17 23.90 -9.72 46.50
N LEU A 18 24.24 -8.49 46.84
CA LEU A 18 23.63 -7.33 46.19
C LEU A 18 24.31 -7.00 44.86
N ASP A 19 25.52 -7.50 44.64
CA ASP A 19 26.29 -7.22 43.43
C ASP A 19 26.19 -8.34 42.40
N THR A 20 25.35 -9.34 42.64
CA THR A 20 25.22 -10.45 41.70
C THR A 20 24.37 -10.05 40.50
N LYS A 21 24.88 -10.32 39.31
CA LYS A 21 24.16 -10.01 38.08
C LYS A 21 23.05 -11.03 37.87
N ILE A 22 21.84 -10.56 37.64
CA ILE A 22 20.66 -11.40 37.53
C ILE A 22 19.84 -10.96 36.33
N LYS A 23 18.84 -11.78 36.00
CA LYS A 23 17.84 -11.42 35.00
C LYS A 23 16.49 -11.26 35.68
N VAL A 24 15.61 -10.50 35.03
CA VAL A 24 14.22 -10.35 35.45
C VAL A 24 13.36 -10.97 34.36
N ILE A 25 12.57 -11.98 34.75
CA ILE A 25 11.76 -12.75 33.81
C ILE A 25 10.30 -12.65 34.23
N GLY A 26 9.46 -12.18 33.31
CA GLY A 26 8.04 -12.10 33.57
C GLY A 26 7.31 -13.35 33.08
N VAL A 27 6.17 -13.64 33.71
CA VAL A 27 5.38 -14.83 33.43
C VAL A 27 3.93 -14.42 33.31
N ILE A 28 3.28 -14.83 32.22
CA ILE A 28 1.85 -14.59 32.01
C ILE A 28 1.16 -15.93 31.81
N GLY A 29 0.13 -16.19 32.60
CA GLY A 29 -0.63 -17.42 32.46
C GLY A 29 -1.90 -17.34 33.29
N LYS A 30 -2.69 -18.40 33.20
CA LYS A 30 -3.94 -18.50 33.94
C LYS A 30 -3.93 -19.73 34.84
N ASP A 31 -4.68 -19.64 35.94
CA ASP A 31 -4.85 -20.78 36.84
C ASP A 31 -5.91 -21.74 36.31
N TYR A 32 -5.66 -23.02 36.48
CA TYR A 32 -6.57 -24.09 36.08
C TYR A 32 -6.61 -25.11 37.19
N PRO A 33 -7.64 -25.95 37.25
CA PRO A 33 -7.70 -27.00 38.28
C PRO A 33 -6.45 -27.87 38.26
N ASP A 34 -5.77 -27.93 39.41
CA ASP A 34 -4.54 -28.71 39.57
C ASP A 34 -3.42 -28.24 38.64
N HIS A 35 -3.43 -26.94 38.31
CA HIS A 35 -2.34 -26.35 37.54
C HIS A 35 -2.41 -24.83 37.63
N GLY A 36 -1.46 -24.21 38.34
CA GLY A 36 -1.38 -22.77 38.41
C GLY A 36 -0.42 -22.20 37.37
N LYS A 37 -0.42 -20.87 37.27
CA LYS A 37 0.36 -20.19 36.23
C LYS A 37 1.83 -20.59 36.33
N GLY A 38 2.39 -20.54 37.53
CA GLY A 38 3.82 -20.76 37.71
C GLY A 38 4.22 -22.21 37.93
N ASP A 39 3.32 -23.14 37.60
CA ASP A 39 3.65 -24.55 37.78
C ASP A 39 4.78 -25.00 36.86
N ASN A 40 4.87 -24.41 35.67
CA ASN A 40 6.01 -24.70 34.80
C ASN A 40 7.28 -24.04 35.31
N ILE A 41 7.16 -22.85 35.92
CA ILE A 41 8.35 -22.17 36.41
C ILE A 41 8.84 -22.79 37.72
N ASN A 42 7.92 -23.15 38.63
CA ASN A 42 8.35 -23.78 39.87
C ASN A 42 8.83 -25.21 39.63
N CYS A 43 8.44 -25.82 38.52
CA CYS A 43 9.03 -27.09 38.10
C CYS A 43 10.42 -26.88 37.51
N TYR A 44 10.65 -25.72 36.91
CA TYR A 44 11.98 -25.38 36.41
C TYR A 44 12.97 -25.16 37.55
N LEU A 45 12.48 -24.73 38.72
CA LEU A 45 13.30 -24.58 39.90
C LEU A 45 13.30 -25.80 40.81
N ARG A 46 12.51 -26.82 40.47
CA ARG A 46 12.35 -28.02 41.30
C ARG A 46 11.87 -27.67 42.71
N GLU A 47 11.07 -26.63 42.83
CA GLU A 47 10.52 -26.20 44.11
C GLU A 47 9.24 -25.43 43.84
N ASN A 48 8.11 -25.95 44.36
CA ASN A 48 6.82 -25.30 44.13
C ASN A 48 6.75 -23.96 44.86
N VAL A 49 7.08 -22.90 44.15
CA VAL A 49 7.12 -21.56 44.73
C VAL A 49 5.75 -20.89 44.67
N PHE A 50 5.06 -21.02 43.56
CA PHE A 50 3.76 -20.40 43.41
C PHE A 50 2.65 -21.42 43.61
N PRO A 51 1.50 -21.00 44.14
CA PRO A 51 0.43 -21.95 44.45
C PRO A 51 -0.29 -22.39 43.19
N VAL A 52 -1.13 -23.42 43.36
CA VAL A 52 -1.93 -23.93 42.25
C VAL A 52 -3.12 -23.02 41.96
N ALA A 53 -3.41 -22.06 42.85
CA ALA A 53 -4.42 -21.06 42.60
C ALA A 53 -4.15 -19.86 43.49
N ALA A 54 -4.28 -18.67 42.95
CA ALA A 54 -4.08 -17.46 43.72
C ALA A 54 -5.18 -17.29 44.76
N THR A 55 -4.79 -16.89 45.97
CA THR A 55 -5.74 -16.61 47.03
C THR A 55 -6.26 -15.19 46.92
N GLU A 56 -7.24 -14.86 47.77
CA GLU A 56 -7.91 -13.56 47.67
C GLU A 56 -6.95 -12.40 47.90
N ASP A 57 -6.00 -12.57 48.82
CA ASP A 57 -5.01 -11.53 49.09
C ASP A 57 -3.86 -11.52 48.10
N GLU A 58 -3.83 -12.45 47.16
CA GLU A 58 -2.82 -12.47 46.11
C GLU A 58 -3.39 -12.01 44.76
N THR A 59 -4.67 -11.68 44.71
CA THR A 59 -5.29 -11.20 43.48
C THR A 59 -4.71 -9.85 43.07
N CYS A 60 -4.57 -9.66 41.76
CA CYS A 60 -4.10 -8.40 41.17
C CYS A 60 -2.79 -7.94 41.82
N THR A 61 -1.83 -8.86 41.90
CA THR A 61 -0.50 -8.57 42.39
C THR A 61 0.51 -9.30 41.51
N ILE A 62 1.67 -8.68 41.33
CA ILE A 62 2.79 -9.35 40.68
C ILE A 62 3.53 -10.12 41.77
N ARG A 63 3.55 -11.44 41.65
CA ARG A 63 4.14 -12.30 42.67
C ARG A 63 5.61 -12.51 42.34
N GLY A 64 6.49 -11.98 43.19
CA GLY A 64 7.92 -12.04 42.95
C GLY A 64 8.60 -13.12 43.77
N HIS A 65 9.58 -13.77 43.16
CA HIS A 65 10.45 -14.71 43.87
C HIS A 65 11.78 -14.76 43.12
N PHE A 66 12.87 -14.72 43.87
CA PHE A 66 14.21 -14.64 43.31
C PHE A 66 14.96 -15.92 43.62
N SER A 67 15.30 -16.68 42.58
CA SER A 67 16.08 -17.90 42.74
C SER A 67 17.55 -17.52 42.64
N GLU A 68 18.27 -17.62 43.78
CA GLU A 68 19.67 -17.20 43.81
C GLU A 68 20.60 -18.21 43.17
N ASP A 69 20.14 -19.44 42.95
CA ASP A 69 20.97 -20.45 42.30
C ASP A 69 20.98 -20.28 40.79
N ASP A 70 19.91 -19.73 40.21
CA ASP A 70 19.89 -19.44 38.78
C ASP A 70 20.04 -17.96 38.49
N GLN A 71 20.14 -17.12 39.52
CA GLN A 71 20.29 -15.67 39.37
C GLN A 71 19.19 -15.10 38.48
N ILE A 72 17.94 -15.40 38.83
CA ILE A 72 16.78 -14.94 38.08
C ILE A 72 15.71 -14.50 39.08
N LEU A 73 15.11 -13.35 38.82
CA LEU A 73 13.97 -12.87 39.60
C LEU A 73 12.72 -13.13 38.77
N PHE A 74 11.96 -14.16 39.14
CA PHE A 74 10.76 -14.51 38.41
C PHE A 74 9.58 -13.67 38.88
N LEU A 75 8.76 -13.23 37.93
CA LEU A 75 7.61 -12.39 38.20
C LEU A 75 6.39 -13.00 37.54
N VAL A 76 5.46 -13.53 38.33
CA VAL A 76 4.19 -14.04 37.82
C VAL A 76 3.09 -13.08 38.24
N MET A 77 2.23 -12.74 37.29
CA MET A 77 1.13 -11.81 37.52
C MET A 77 -0.14 -12.60 37.79
N ASN A 78 -0.82 -12.27 38.88
CA ASN A 78 -2.16 -12.77 39.13
C ASN A 78 -3.13 -11.74 38.56
N GLY A 79 -3.82 -12.11 37.48
CA GLY A 79 -4.62 -11.20 36.72
C GLY A 79 -6.11 -11.33 36.98
N VAL A 80 -6.90 -10.89 36.00
CA VAL A 80 -8.35 -10.86 36.16
C VAL A 80 -9.01 -12.21 36.00
N ASP A 81 -8.32 -13.20 35.45
CA ASP A 81 -8.91 -14.49 35.16
C ASP A 81 -8.86 -15.46 36.34
N ASP A 82 -8.17 -15.10 37.42
CA ASP A 82 -8.12 -15.99 38.58
C ASP A 82 -9.50 -16.12 39.21
N VAL A 83 -9.80 -17.32 39.71
CA VAL A 83 -11.09 -17.55 40.35
C VAL A 83 -11.27 -16.64 41.55
N ALA A 84 -10.19 -16.41 42.31
CA ALA A 84 -10.27 -15.57 43.49
C ALA A 84 -10.49 -14.11 43.15
N ASN A 85 -10.11 -13.67 41.95
CA ASN A 85 -10.33 -12.27 41.59
C ASN A 85 -11.74 -12.03 41.08
N ILE A 86 -12.24 -12.94 40.24
CA ILE A 86 -13.63 -12.82 39.78
C ILE A 86 -14.59 -12.91 40.96
N ARG A 87 -14.25 -13.76 41.93
CA ARG A 87 -15.05 -13.83 43.15
C ARG A 87 -14.95 -12.54 43.96
N LYS A 88 -13.73 -12.03 44.13
CA LYS A 88 -13.57 -10.85 44.98
C LYS A 88 -14.12 -9.58 44.33
N CYS A 89 -14.23 -9.54 43.00
CA CYS A 89 -14.80 -8.36 42.35
C CYS A 89 -16.32 -8.34 42.45
N LEU A 90 -16.97 -9.47 42.24
CA LEU A 90 -18.42 -9.49 42.13
C LEU A 90 -19.16 -9.65 43.46
N LYS A 91 -18.47 -9.74 44.59
CA LYS A 91 -19.12 -9.64 45.89
C LYS A 91 -18.49 -8.61 46.81
N SER A 92 -17.44 -7.92 46.38
CA SER A 92 -16.87 -6.84 47.19
C SER A 92 -17.89 -5.76 47.48
N ASN A 93 -18.80 -5.52 46.54
CA ASN A 93 -19.84 -4.52 46.72
C ASN A 93 -21.12 -4.95 46.00
N PRO A 94 -22.14 -5.39 46.72
CA PRO A 94 -23.40 -5.76 46.07
C PRO A 94 -24.14 -4.56 45.50
N LYS A 95 -23.85 -3.36 45.96
CA LYS A 95 -24.49 -2.15 45.46
C LYS A 95 -23.86 -1.63 44.18
N SER A 96 -23.01 -2.41 43.51
CA SER A 96 -22.36 -1.99 42.29
C SER A 96 -22.89 -2.76 41.09
N ASN A 97 -22.17 -2.72 39.98
CA ASN A 97 -22.56 -3.40 38.75
C ASN A 97 -21.39 -4.25 38.28
N TYR A 98 -21.68 -5.18 37.36
CA TYR A 98 -20.63 -6.06 36.86
C TYR A 98 -19.52 -5.28 36.16
N PHE A 99 -19.89 -4.24 35.41
CA PHE A 99 -18.91 -3.56 34.55
C PHE A 99 -17.88 -2.81 35.39
N ASP A 100 -18.33 -2.04 36.38
CA ASP A 100 -17.39 -1.32 37.23
C ASP A 100 -16.64 -2.26 38.15
N ALA A 101 -17.25 -3.40 38.51
CA ALA A 101 -16.60 -4.33 39.43
C ALA A 101 -15.35 -4.95 38.81
N MET A 102 -15.41 -5.30 37.52
CA MET A 102 -14.24 -5.86 36.87
C MET A 102 -13.38 -4.82 36.18
N ALA A 103 -13.86 -3.57 36.09
CA ALA A 103 -13.05 -2.53 35.47
C ALA A 103 -11.79 -2.26 36.29
N GLU A 104 -11.93 -2.22 37.62
CA GLU A 104 -10.79 -1.90 38.47
C GLU A 104 -9.74 -3.00 38.41
N SER A 105 -10.18 -4.27 38.36
CA SER A 105 -9.22 -5.35 38.20
C SER A 105 -8.61 -5.34 36.81
N GLU A 106 -9.37 -4.89 35.80
CA GLU A 106 -8.84 -4.83 34.44
C GLU A 106 -7.79 -3.73 34.31
N CYS A 107 -7.93 -2.65 35.07
CA CYS A 107 -6.92 -1.61 35.08
C CYS A 107 -5.64 -2.08 35.75
N GLN A 108 -5.75 -2.83 36.85
CA GLN A 108 -4.55 -3.27 37.55
C GLN A 108 -3.79 -4.31 36.74
N GLN A 109 -4.51 -5.15 36.00
CA GLN A 109 -3.86 -6.01 35.01
C GLN A 109 -3.06 -5.19 34.02
N ILE A 110 -3.58 -4.04 33.62
CA ILE A 110 -2.88 -3.20 32.65
C ILE A 110 -1.62 -2.61 33.26
N ARG A 111 -1.71 -2.14 34.51
CA ARG A 111 -0.52 -1.60 35.16
C ARG A 111 0.53 -2.68 35.41
N MET A 112 0.09 -3.87 35.84
CA MET A 112 1.04 -4.94 36.11
C MET A 112 1.72 -5.42 34.83
N LEU A 113 0.98 -5.53 33.74
CA LEU A 113 1.61 -5.84 32.45
C LEU A 113 2.51 -4.70 32.01
N HIS A 114 2.09 -3.45 32.24
CA HIS A 114 2.95 -2.30 32.00
C HIS A 114 4.20 -2.40 32.86
N PHE A 115 4.06 -2.88 34.09
CA PHE A 115 5.20 -3.06 34.98
C PHE A 115 6.18 -4.07 34.42
N LEU A 116 5.68 -5.20 33.93
CA LEU A 116 6.56 -6.27 33.46
C LEU A 116 7.27 -5.89 32.17
N PHE A 117 6.54 -5.31 31.21
CA PHE A 117 7.10 -5.04 29.89
C PHE A 117 8.08 -3.88 29.87
N ILE A 118 8.38 -3.25 31.01
CA ILE A 118 9.39 -2.22 31.07
C ILE A 118 10.52 -2.58 32.03
N SER A 119 10.54 -3.82 32.52
CA SER A 119 11.56 -4.21 33.49
C SER A 119 11.98 -5.66 33.40
N CYS A 120 11.51 -6.44 32.43
CA CYS A 120 11.82 -7.86 32.33
C CYS A 120 12.68 -8.12 31.10
N HIS A 121 13.76 -8.88 31.31
CA HIS A 121 14.58 -9.31 30.17
C HIS A 121 13.76 -10.14 29.19
N PHE A 122 13.06 -11.15 29.70
CA PHE A 122 12.15 -11.96 28.90
C PHE A 122 10.80 -12.01 29.60
N ILE A 123 9.77 -12.32 28.82
CA ILE A 123 8.43 -12.56 29.35
C ILE A 123 7.86 -13.77 28.65
N ILE A 124 7.46 -14.78 29.42
CA ILE A 124 6.96 -16.04 28.88
C ILE A 124 5.46 -16.08 29.08
N ILE A 125 4.73 -16.38 28.00
CA ILE A 125 3.29 -16.57 28.06
C ILE A 125 2.99 -18.06 27.99
N PHE A 126 2.16 -18.54 28.91
CA PHE A 126 1.71 -19.93 28.91
C PHE A 126 0.26 -20.01 28.46
N GLU A 127 0.00 -20.86 27.46
CA GLU A 127 -1.33 -21.04 26.90
C GLU A 127 -1.64 -22.52 26.78
N GLN A 128 -2.89 -22.88 27.12
CA GLN A 128 -3.37 -24.24 26.98
C GLN A 128 -4.53 -24.38 26.00
N THR A 129 -5.16 -23.28 25.58
CA THR A 129 -6.38 -23.34 24.78
C THR A 129 -6.13 -23.83 23.36
N SER A 130 -4.87 -24.02 22.97
CA SER A 130 -4.38 -24.37 21.65
C SER A 130 -4.50 -23.21 20.66
N ARG A 131 -5.10 -22.09 21.04
CA ARG A 131 -5.14 -20.91 20.19
C ARG A 131 -4.59 -19.73 20.95
N ILE A 132 -3.86 -18.87 20.25
CA ILE A 132 -3.29 -17.67 20.86
C ILE A 132 -4.44 -16.78 21.34
N ASP A 133 -4.44 -16.45 22.63
CA ASP A 133 -5.52 -15.64 23.21
C ASP A 133 -5.44 -14.21 22.67
N LEU A 134 -6.41 -13.84 21.84
CA LEU A 134 -6.45 -12.52 21.24
C LEU A 134 -6.92 -11.41 22.19
N GLU A 135 -7.48 -11.74 23.36
CA GLU A 135 -7.83 -10.67 24.30
C GLU A 135 -6.65 -10.34 25.21
N LEU A 136 -5.70 -11.29 25.36
CA LEU A 136 -4.41 -10.93 25.92
C LEU A 136 -3.71 -9.91 25.02
N MET A 137 -3.88 -10.05 23.71
CA MET A 137 -3.22 -9.15 22.77
C MET A 137 -3.91 -7.79 22.70
N ARG A 138 -5.19 -7.71 23.08
CA ARG A 138 -5.82 -6.41 23.27
C ARG A 138 -5.39 -5.78 24.58
N PHE A 139 -5.20 -6.58 25.63
CA PHE A 139 -4.59 -6.07 26.85
C PHE A 139 -3.22 -5.48 26.56
N LEU A 140 -2.39 -6.21 25.80
CA LEU A 140 -1.05 -5.75 25.50
C LEU A 140 -1.02 -4.51 24.61
N LYS A 141 -2.08 -4.28 23.83
CA LYS A 141 -2.14 -3.05 23.03
C LYS A 141 -2.65 -1.88 23.84
N LYS A 142 -3.54 -2.14 24.79
CA LYS A 142 -3.88 -1.10 25.77
C LYS A 142 -2.72 -0.82 26.70
N VAL A 143 -1.97 -1.85 27.08
CA VAL A 143 -0.78 -1.64 27.90
C VAL A 143 0.24 -0.79 27.15
N ASN A 144 0.46 -1.10 25.87
CA ASN A 144 1.41 -0.32 25.10
C ASN A 144 0.91 1.09 24.84
N SER A 145 -0.41 1.28 24.78
CA SER A 145 -0.96 2.62 24.65
C SER A 145 -0.77 3.41 25.95
N ALA A 146 -1.04 2.78 27.09
CA ALA A 146 -0.81 3.44 28.37
C ALA A 146 0.67 3.72 28.59
N ARG A 147 1.53 2.80 28.14
CA ARG A 147 2.97 3.00 28.25
C ARG A 147 3.41 4.23 27.46
N ILE A 148 2.94 4.36 26.22
CA ILE A 148 3.25 5.53 25.41
C ILE A 148 2.77 6.80 26.11
N GLN A 149 1.60 6.73 26.75
CA GLN A 149 1.05 7.92 27.38
C GLN A 149 1.81 8.33 28.64
N LEU A 150 2.42 7.37 29.34
CA LEU A 150 3.10 7.69 30.60
C LEU A 150 4.60 7.45 30.57
N ARG A 151 5.19 7.12 29.42
CA ARG A 151 6.62 6.82 29.39
C ARG A 151 7.46 8.04 29.78
N LYS A 152 6.95 9.25 29.56
CA LYS A 152 7.72 10.44 29.92
C LYS A 152 7.79 10.61 31.43
N LYS A 153 6.67 10.42 32.12
CA LYS A 153 6.68 10.58 33.57
C LYS A 153 7.43 9.44 34.26
N ILE A 154 7.41 8.25 33.67
CA ILE A 154 8.14 7.13 34.26
C ILE A 154 9.65 7.28 34.00
N ASN A 155 10.03 7.85 32.86
CA ASN A 155 11.46 8.04 32.59
C ASN A 155 12.09 9.01 33.57
N GLN A 156 11.40 10.10 33.92
CA GLN A 156 11.93 11.02 34.92
C GLN A 156 11.98 10.38 36.30
N ARG A 157 11.19 9.33 36.54
CA ARG A 157 11.29 8.61 37.81
C ARG A 157 12.47 7.66 37.83
N LEU A 158 12.88 7.15 36.67
CA LEU A 158 14.10 6.37 36.58
C LEU A 158 15.33 7.27 36.67
N VAL A 159 15.17 8.53 36.29
CA VAL A 159 16.25 9.50 36.46
C VAL A 159 16.41 9.87 37.93
N ALA A 160 15.29 10.03 38.65
CA ALA A 160 15.36 10.38 40.06
C ALA A 160 15.86 9.21 40.92
N SER A 161 15.53 7.99 40.53
CA SER A 161 15.97 6.80 41.26
C SER A 161 17.37 6.33 40.87
N ASP A 162 18.12 7.15 40.12
CA ASP A 162 19.37 6.74 39.51
C ASP A 162 19.29 5.35 38.89
N LEU A 163 18.49 5.21 37.84
CA LEU A 163 18.45 3.97 37.08
C LEU A 163 18.53 4.19 35.58
N ARG A 164 18.49 5.43 35.10
CA ARG A 164 18.42 5.64 33.65
C ARG A 164 19.73 5.32 32.96
N ASP A 165 20.86 5.53 33.63
CA ASP A 165 22.17 5.20 33.08
C ASP A 165 22.67 3.85 33.56
N VAL A 166 21.79 3.04 34.14
CA VAL A 166 22.13 1.70 34.59
C VAL A 166 21.76 0.74 33.47
N SER A 167 22.75 0.00 32.97
CA SER A 167 22.52 -0.88 31.83
C SER A 167 21.79 -2.14 32.24
N PHE A 168 20.85 -2.56 31.40
CA PHE A 168 20.11 -3.81 31.59
C PHE A 168 20.76 -4.96 30.83
N ASN A 169 21.46 -4.66 29.74
CA ASN A 169 22.15 -5.66 28.94
C ASN A 169 23.03 -5.01 27.89
N ASN A 170 23.39 -5.78 26.86
CA ASN A 170 24.30 -5.30 25.83
C ASN A 170 23.69 -4.16 25.04
N ARG A 171 22.40 -4.29 24.72
CA ARG A 171 21.79 -3.48 23.70
C ARG A 171 21.78 -2.01 24.09
N ILE A 172 22.09 -1.16 23.13
CA ILE A 172 22.00 0.28 23.29
C ILE A 172 20.65 0.69 22.71
N LEU A 173 19.92 1.53 23.43
CA LEU A 173 18.60 1.95 22.99
C LEU A 173 18.58 3.46 22.84
N SER A 174 17.95 3.93 21.76
CA SER A 174 17.75 5.35 21.57
C SER A 174 16.88 5.93 22.68
N SER A 175 16.94 7.25 22.81
CA SER A 175 16.13 7.91 23.83
C SER A 175 14.65 7.70 23.58
N ALA A 176 14.26 7.56 22.31
CA ALA A 176 12.88 7.25 21.99
C ALA A 176 12.56 5.80 22.35
N GLU A 177 13.51 4.89 22.13
CA GLU A 177 13.29 3.49 22.46
C GLU A 177 13.33 3.26 23.97
N SER A 178 14.25 3.93 24.66
CA SER A 178 14.48 3.70 26.08
C SER A 178 13.52 4.44 27.00
N GLU A 179 12.80 5.45 26.50
CA GLU A 179 12.01 6.31 27.37
C GLU A 179 10.97 5.51 28.14
N GLY A 180 11.03 5.61 29.47
CA GLY A 180 10.08 4.94 30.33
C GLY A 180 10.37 3.49 30.59
N ARG A 181 11.37 2.89 29.94
CA ARG A 181 11.70 1.50 30.13
C ARG A 181 13.18 1.34 30.46
N MET A 182 13.54 0.12 30.84
CA MET A 182 14.91 -0.31 31.01
C MET A 182 15.30 -1.36 29.99
N VAL A 183 14.33 -1.86 29.23
CA VAL A 183 14.51 -2.98 28.32
C VAL A 183 13.29 -3.04 27.40
N VAL A 184 13.49 -3.52 26.17
CA VAL A 184 12.38 -3.97 25.34
C VAL A 184 12.39 -5.49 25.47
N PRO A 185 11.47 -6.08 26.23
CA PRO A 185 11.58 -7.50 26.56
C PRO A 185 11.46 -8.40 25.33
N ARG A 186 12.15 -9.53 25.39
CA ARG A 186 11.98 -10.57 24.38
C ARG A 186 10.82 -11.45 24.83
N LEU A 187 9.86 -11.64 23.94
CA LEU A 187 8.61 -12.30 24.30
C LEU A 187 8.64 -13.74 23.83
N LEU A 188 8.22 -14.65 24.69
CA LEU A 188 8.17 -16.07 24.39
C LEU A 188 6.77 -16.60 24.68
N ILE A 189 6.45 -17.73 24.06
CA ILE A 189 5.13 -18.34 24.18
C ILE A 189 5.30 -19.85 24.29
N ALA A 190 4.59 -20.45 25.24
CA ALA A 190 4.64 -21.88 25.48
C ALA A 190 3.23 -22.43 25.43
N PHE A 191 2.98 -23.38 24.53
CA PHE A 191 1.70 -24.04 24.44
C PHE A 191 1.78 -25.40 25.13
N GLN A 192 0.62 -25.84 25.64
CA GLN A 192 0.49 -27.12 26.30
C GLN A 192 -0.42 -28.03 25.48
N ARG A 193 0.12 -29.16 25.04
CA ARG A 193 -0.70 -30.15 24.37
C ARG A 193 -1.56 -30.84 25.43
N TYR A 211 6.83 -33.05 13.63
CA TYR A 211 6.11 -32.05 14.40
C TYR A 211 6.94 -30.78 14.55
N GLU A 212 8.03 -30.71 13.79
CA GLU A 212 8.86 -29.50 13.81
C GLU A 212 8.25 -28.39 12.98
N LYS A 213 7.61 -28.74 11.86
CA LYS A 213 6.90 -27.74 11.07
C LYS A 213 5.69 -27.17 11.81
N LEU A 214 5.22 -27.85 12.85
CA LEU A 214 4.12 -27.32 13.66
C LEU A 214 4.56 -26.06 14.40
N GLU A 215 5.59 -26.18 15.24
CA GLU A 215 6.08 -25.02 16.00
C GLU A 215 6.51 -23.89 15.08
N LYS A 216 7.03 -24.21 13.90
CA LYS A 216 7.37 -23.17 12.94
C LYS A 216 6.13 -22.47 12.41
N ASN A 217 5.00 -23.18 12.34
CA ASN A 217 3.77 -22.57 11.83
C ASN A 217 3.17 -21.59 12.83
N LEU A 218 3.38 -21.81 14.14
CA LEU A 218 2.88 -20.84 15.10
C LEU A 218 3.85 -19.69 15.30
N ASP A 219 5.13 -19.85 14.94
CA ASP A 219 6.06 -18.73 15.04
C ASP A 219 5.67 -17.62 14.08
N ASN A 220 5.42 -17.98 12.82
CA ASN A 220 4.92 -16.99 11.87
C ASN A 220 3.56 -16.49 12.29
N GLN A 221 2.71 -17.39 12.79
CA GLN A 221 1.42 -16.97 13.33
C GLN A 221 1.62 -15.99 14.48
N PHE A 222 2.40 -16.39 15.49
CA PHE A 222 2.65 -15.53 16.65
C PHE A 222 3.21 -14.18 16.23
N SER A 223 4.10 -14.17 15.23
CA SER A 223 4.67 -12.92 14.77
C SER A 223 3.61 -12.00 14.17
N ASP A 224 2.77 -12.53 13.28
CA ASP A 224 1.84 -11.67 12.53
C ASP A 224 0.78 -11.06 13.44
N ILE A 225 0.22 -11.83 14.38
CA ILE A 225 -0.73 -11.23 15.32
C ILE A 225 -0.03 -10.17 16.19
N LEU A 226 1.25 -10.40 16.54
CA LEU A 226 1.96 -9.39 17.31
C LEU A 226 2.11 -8.08 16.53
N LYS A 227 2.21 -8.17 15.20
CA LYS A 227 2.26 -6.96 14.38
C LYS A 227 0.90 -6.32 14.19
N LEU A 228 -0.19 -7.12 14.20
CA LEU A 228 -1.52 -6.55 14.00
C LEU A 228 -1.91 -5.61 15.13
N TYR A 229 -1.37 -5.82 16.33
CA TYR A 229 -1.62 -4.94 17.46
C TYR A 229 -0.47 -3.97 17.70
N ASP A 230 0.43 -3.82 16.72
CA ASP A 230 1.58 -2.92 16.82
C ASP A 230 2.40 -3.16 18.08
N LEU A 231 2.67 -4.44 18.35
CA LEU A 231 3.49 -4.80 19.50
C LEU A 231 4.94 -5.09 19.15
N ILE A 232 5.22 -5.40 17.87
CA ILE A 232 6.59 -5.62 17.40
C ILE A 232 6.76 -4.89 16.09
N ASP A 233 8.02 -4.69 15.69
CA ASP A 233 8.39 -4.03 14.45
C ASP A 233 7.72 -2.67 14.31
N CYS A 234 7.75 -1.89 15.40
CA CYS A 234 7.25 -0.52 15.38
C CYS A 234 8.27 0.46 15.98
N GLY A 235 9.53 0.07 16.05
CA GLY A 235 10.56 0.98 16.50
C GLY A 235 10.39 1.31 17.98
N ALA A 236 10.47 2.61 18.29
CA ALA A 236 10.31 3.06 19.66
C ALA A 236 8.89 2.84 20.18
N SER A 237 7.92 2.67 19.29
CA SER A 237 6.54 2.44 19.69
C SER A 237 6.25 0.97 19.99
N SER A 238 7.22 0.09 19.84
CA SER A 238 7.03 -1.32 20.13
C SER A 238 6.97 -1.57 21.63
N LEU A 239 6.20 -2.59 22.02
CA LEU A 239 6.12 -2.99 23.41
C LEU A 239 7.08 -4.12 23.75
N CYS A 240 7.47 -4.92 22.77
CA CYS A 240 8.39 -6.03 22.99
C CYS A 240 9.06 -6.33 21.66
N GLN A 241 9.83 -7.41 21.64
CA GLN A 241 10.48 -7.87 20.41
C GLN A 241 10.58 -9.39 20.47
N LEU A 242 11.07 -9.96 19.38
CA LEU A 242 11.25 -11.40 19.27
C LEU A 242 12.68 -11.69 18.88
N ASN A 243 13.08 -12.95 19.09
CA ASN A 243 14.46 -13.33 18.79
C ASN A 243 14.67 -13.33 17.28
N GLU A 244 15.96 -13.38 16.90
CA GLU A 244 16.32 -13.41 15.49
C GLU A 244 16.44 -14.85 14.99
N THR A 245 17.30 -15.64 15.61
CA THR A 245 17.50 -17.04 15.24
C THR A 245 16.86 -18.01 16.21
N ILE A 246 16.86 -17.70 17.49
CA ILE A 246 16.56 -18.68 18.53
C ILE A 246 15.04 -18.78 18.72
N PRO A 247 14.50 -19.98 18.90
CA PRO A 247 13.04 -20.15 18.94
C PRO A 247 12.36 -19.32 20.02
N VAL A 248 11.17 -18.83 19.67
CA VAL A 248 10.32 -18.11 20.60
C VAL A 248 9.15 -18.97 21.09
N VAL A 249 8.74 -19.97 20.32
CA VAL A 249 7.57 -20.78 20.62
C VAL A 249 8.03 -22.16 21.09
N HIS A 250 7.34 -22.70 22.09
CA HIS A 250 7.62 -24.03 22.63
C HIS A 250 6.31 -24.77 22.84
N LEU A 251 6.36 -26.11 22.74
CA LEU A 251 5.21 -26.97 22.99
C LEU A 251 5.51 -27.90 24.15
N LEU A 252 4.70 -27.82 25.20
CA LEU A 252 4.85 -28.71 26.34
C LEU A 252 3.99 -29.96 26.17
N ASN A 253 4.23 -30.94 27.03
CA ASN A 253 3.42 -32.16 27.10
C ASN A 253 3.15 -32.46 28.57
N PRO A 254 1.95 -32.95 28.90
CA PRO A 254 1.65 -33.22 30.31
C PRO A 254 2.43 -34.41 30.86
N ASN A 289 13.63 -32.88 29.96
CA ASN A 289 12.57 -31.93 29.66
C ASN A 289 12.98 -30.99 28.53
N SER A 290 12.23 -31.02 27.43
CA SER A 290 12.51 -30.13 26.30
C SER A 290 12.27 -28.68 26.65
N PHE A 291 11.51 -28.40 27.70
CA PHE A 291 11.15 -27.03 28.04
C PHE A 291 12.28 -26.29 28.76
N VAL A 292 12.96 -26.94 29.71
CA VAL A 292 14.02 -26.25 30.44
C VAL A 292 15.15 -25.86 29.49
N LYS A 293 15.38 -26.67 28.45
CA LYS A 293 16.39 -26.33 27.46
C LYS A 293 15.96 -25.15 26.60
N PHE A 294 14.65 -24.98 26.41
CA PHE A 294 14.16 -23.85 25.61
C PHE A 294 14.38 -22.52 26.32
N LEU A 295 14.37 -22.50 27.65
CA LEU A 295 14.63 -21.25 28.37
C LEU A 295 16.11 -20.94 28.43
N GLU A 296 16.94 -21.96 28.72
CA GLU A 296 18.36 -21.73 28.85
C GLU A 296 18.99 -21.33 27.52
N ASP A 297 18.41 -21.78 26.41
CA ASP A 297 18.86 -21.26 25.12
C ASP A 297 18.63 -19.76 25.05
N ASN A 298 17.50 -19.29 25.61
CA ASN A 298 17.20 -17.86 25.61
C ASN A 298 17.98 -17.14 26.69
N PHE A 299 18.13 -17.76 27.86
CA PHE A 299 18.80 -17.09 28.97
C PHE A 299 20.30 -17.02 28.75
N ARG A 300 20.91 -18.09 28.24
CA ARG A 300 22.35 -18.09 28.03
C ARG A 300 22.77 -17.28 26.80
N SER A 301 21.82 -16.82 25.99
CA SER A 301 22.12 -15.94 24.88
C SER A 301 22.30 -14.48 25.31
N GLU A 302 22.35 -14.24 26.62
CA GLU A 302 22.46 -12.89 27.15
C GLU A 302 23.20 -12.98 28.48
N LYS A 303 24.43 -12.46 28.52
CA LYS A 303 25.21 -12.49 29.75
C LYS A 303 24.61 -11.52 30.76
N ASN A 304 24.48 -11.96 32.01
CA ASN A 304 23.88 -11.12 33.02
C ASN A 304 24.71 -9.85 33.24
N GLU A 305 24.01 -8.77 33.57
CA GLU A 305 24.64 -7.46 33.60
C GLU A 305 24.09 -6.59 34.73
N ILE A 306 22.78 -6.60 34.92
CA ILE A 306 22.16 -5.74 35.92
C ILE A 306 22.34 -6.36 37.30
N SER A 307 22.80 -5.55 38.25
CA SER A 307 22.98 -6.04 39.60
C SER A 307 21.63 -6.31 40.26
N LEU A 308 21.64 -7.27 41.20
CA LEU A 308 20.42 -7.54 41.96
C LEU A 308 19.99 -6.32 42.78
N GLU A 309 20.94 -5.52 43.26
CA GLU A 309 20.61 -4.35 44.06
C GLU A 309 19.82 -3.33 43.26
N ASN A 310 20.26 -3.06 42.03
CA ASN A 310 19.55 -2.08 41.20
C ASN A 310 18.23 -2.62 40.67
N VAL A 311 18.02 -3.92 40.74
CA VAL A 311 16.71 -4.49 40.41
C VAL A 311 15.77 -4.28 41.59
N ILE A 312 16.27 -4.41 42.81
CA ILE A 312 15.45 -4.13 44.00
C ILE A 312 14.94 -2.70 43.95
N GLU A 313 15.82 -1.76 43.60
CA GLU A 313 15.43 -0.36 43.51
C GLU A 313 14.60 -0.06 42.26
N LEU A 314 14.70 -0.92 41.24
CA LEU A 314 13.82 -0.79 40.08
C LEU A 314 12.38 -1.15 40.44
N MET A 315 12.19 -2.27 41.13
CA MET A 315 10.84 -2.67 41.54
C MET A 315 10.26 -1.68 42.53
N ASN A 316 11.10 -1.03 43.33
CA ASN A 316 10.62 0.02 44.21
C ASN A 316 10.28 1.29 43.45
N CYS A 317 11.04 1.58 42.38
CA CYS A 317 10.79 2.79 41.60
C CYS A 317 9.49 2.67 40.81
N LEU A 318 9.24 1.50 40.21
CA LEU A 318 8.06 1.30 39.38
C LEU A 318 6.82 0.93 40.20
N GLN A 319 6.83 1.15 41.51
CA GLN A 319 5.61 0.98 42.29
C GLN A 319 4.58 2.05 41.93
N CYS A 320 5.04 3.22 41.47
CA CYS A 320 4.12 4.26 41.02
C CYS A 320 3.26 3.77 39.85
N VAL A 321 3.80 2.87 39.02
CA VAL A 321 3.02 2.33 37.93
C VAL A 321 1.92 1.42 38.46
N LEU A 322 2.23 0.60 39.48
CA LEU A 322 1.22 -0.26 40.07
C LEU A 322 0.19 0.51 40.89
N ASP A 323 0.55 1.68 41.40
CA ASP A 323 -0.36 2.47 42.22
C ASP A 323 -1.06 3.57 41.44
N GLY A 324 -0.76 3.70 40.15
CA GLY A 324 -1.40 4.72 39.33
C GLY A 324 -1.08 6.13 39.74
N ASP A 325 0.09 6.35 40.35
CA ASP A 325 0.46 7.68 40.81
C ASP A 325 0.67 8.66 39.66
N LEU A 326 0.85 8.17 38.44
CA LEU A 326 1.16 9.02 37.30
C LEU A 326 -0.03 9.20 36.34
N GLU A 327 -1.16 8.55 36.62
CA GLU A 327 -2.29 8.66 35.71
C GLU A 327 -3.21 9.81 36.11
N GLU A 328 -3.96 10.29 35.12
CA GLU A 328 -4.96 11.32 35.37
C GLU A 328 -6.19 10.71 36.05
N LYS A 329 -6.83 11.52 36.89
CA LYS A 329 -7.97 11.04 37.66
C LYS A 329 -9.16 10.76 36.75
N HIS A 330 -9.97 9.78 37.16
CA HIS A 330 -11.22 9.42 36.51
C HIS A 330 -11.00 9.02 35.05
N GLU A 331 -10.30 7.89 34.89
CA GLU A 331 -10.07 7.28 33.58
C GLU A 331 -10.93 6.01 33.51
N LYS A 332 -11.92 6.03 32.63
CA LYS A 332 -12.84 4.91 32.51
C LYS A 332 -12.39 3.97 31.41
N THR A 333 -12.74 2.69 31.56
CA THR A 333 -12.47 1.69 30.54
C THR A 333 -13.30 1.97 29.30
N ALA A 334 -12.94 1.30 28.20
CA ALA A 334 -13.71 1.42 26.96
C ALA A 334 -15.15 1.00 27.16
N ILE A 335 -15.37 -0.06 27.94
CA ILE A 335 -16.74 -0.50 28.21
C ILE A 335 -17.46 0.48 29.12
N GLN A 336 -16.75 1.02 30.11
CA GLN A 336 -17.36 2.00 31.01
C GLN A 336 -17.79 3.26 30.25
N THR A 337 -16.95 3.72 29.32
CA THR A 337 -17.33 4.86 28.50
C THR A 337 -18.50 4.54 27.60
N PHE A 338 -18.59 3.30 27.11
CA PHE A 338 -19.73 2.92 26.29
C PHE A 338 -21.01 2.92 27.11
N ILE A 339 -20.95 2.36 28.33
CA ILE A 339 -22.13 2.33 29.20
C ILE A 339 -22.57 3.74 29.57
N LYS A 340 -21.61 4.60 29.94
CA LYS A 340 -21.96 5.95 30.36
C LYS A 340 -22.52 6.79 29.23
N ARG A 341 -22.07 6.55 27.99
CA ARG A 341 -22.51 7.39 26.88
C ARG A 341 -23.90 7.01 26.39
N ILE A 342 -24.22 5.72 26.35
CA ILE A 342 -25.56 5.31 25.95
C ILE A 342 -26.57 5.52 27.06
N GLN A 343 -26.12 5.55 28.32
CA GLN A 343 -27.02 5.88 29.42
C GLN A 343 -27.33 7.36 29.45
N ASN A 344 -26.36 8.20 29.04
CA ASN A 344 -26.64 9.62 28.88
C ASN A 344 -27.60 9.86 27.71
N ASP A 345 -27.47 9.06 26.65
CA ASP A 345 -28.39 9.17 25.52
C ASP A 345 -29.80 8.71 25.90
N HIS A 346 -29.89 7.63 26.69
CA HIS A 346 -31.20 7.17 27.13
C HIS A 346 -31.89 8.22 27.99
N MET A 347 -31.12 8.97 28.79
CA MET A 347 -31.71 10.04 29.59
C MET A 347 -32.19 11.20 28.71
N GLU A 348 -31.49 11.48 27.62
CA GLU A 348 -31.92 12.56 26.74
C GLU A 348 -33.14 12.17 25.93
N GLU A 349 -33.22 10.92 25.49
CA GLU A 349 -34.38 10.47 24.74
C GLU A 349 -35.62 10.37 25.62
N ALA A 350 -35.45 9.98 26.89
CA ALA A 350 -36.57 9.94 27.80
C ALA A 350 -37.10 11.34 28.09
N ARG A 351 -36.20 12.33 28.19
CA ARG A 351 -36.65 13.71 28.37
C ARG A 351 -37.38 14.20 27.12
N ARG A 352 -36.94 13.75 25.94
CA ARG A 352 -37.65 14.07 24.71
C ARG A 352 -39.03 13.46 24.71
N LEU A 353 -39.17 12.26 25.30
CA LEU A 353 -40.49 11.63 25.38
C LEU A 353 -41.43 12.40 26.31
N TYR A 354 -40.88 13.08 27.32
CA TYR A 354 -41.71 13.92 28.17
C TYR A 354 -42.24 15.13 27.40
N THR A 355 -41.41 15.73 26.56
CA THR A 355 -41.81 16.88 25.76
C THR A 355 -42.69 16.46 24.59
N HIS A 384 -48.76 16.18 32.18
CA HIS A 384 -47.51 15.77 32.83
C HIS A 384 -47.58 14.32 33.28
N LEU A 385 -48.80 13.85 33.58
CA LEU A 385 -48.98 12.48 34.04
C LEU A 385 -48.66 11.49 32.93
N MET A 386 -49.28 11.66 31.76
CA MET A 386 -49.02 10.75 30.65
C MET A 386 -47.60 10.89 30.12
N ARG A 387 -47.04 12.11 30.18
CA ARG A 387 -45.70 12.33 29.66
C ARG A 387 -44.63 11.65 30.51
N PHE A 388 -44.91 11.44 31.81
CA PHE A 388 -43.94 10.82 32.69
C PHE A 388 -44.13 9.31 32.82
N ASN A 389 -45.17 8.75 32.20
CA ASN A 389 -45.33 7.30 32.16
C ASN A 389 -44.72 6.67 30.92
N GLU A 390 -44.44 7.46 29.88
CA GLU A 390 -43.74 6.95 28.72
C GLU A 390 -42.24 7.18 28.79
N ALA A 391 -41.80 8.17 29.57
CA ALA A 391 -40.36 8.33 29.80
C ALA A 391 -39.82 7.28 30.75
N THR A 392 -40.63 6.88 31.74
CA THR A 392 -40.22 5.82 32.66
C THR A 392 -40.25 4.45 31.98
N HIS A 393 -41.33 4.16 31.24
CA HIS A 393 -41.45 2.87 30.59
C HIS A 393 -40.40 2.67 29.51
N TYR A 394 -39.85 3.76 28.97
CA TYR A 394 -38.77 3.63 27.99
C TYR A 394 -37.45 3.32 28.68
N ILE A 395 -37.17 4.00 29.80
CA ILE A 395 -35.93 3.75 30.52
C ILE A 395 -35.98 2.40 31.21
N ASP A 396 -37.17 1.97 31.64
CA ASP A 396 -37.32 0.62 32.18
C ASP A 396 -37.07 -0.44 31.12
N SER A 397 -37.14 -0.08 29.83
CA SER A 397 -36.95 -1.04 28.75
C SER A 397 -35.52 -1.11 28.22
N VAL A 398 -34.72 -0.07 28.40
CA VAL A 398 -33.46 0.04 27.66
C VAL A 398 -32.25 0.07 28.59
N VAL A 399 -32.43 0.59 29.81
CA VAL A 399 -31.33 0.82 30.73
C VAL A 399 -31.17 -0.40 31.62
N GLY A 400 -29.97 -0.99 31.63
CA GLY A 400 -29.70 -2.18 32.41
C GLY A 400 -28.99 -1.94 33.72
N VAL A 401 -27.86 -1.25 33.67
CA VAL A 401 -27.07 -0.98 34.86
C VAL A 401 -27.48 0.37 35.45
N ASN A 402 -27.39 0.46 36.79
CA ASN A 402 -27.81 1.64 37.54
C ASN A 402 -29.26 2.01 37.24
N SER A 403 -30.10 0.99 37.02
CA SER A 403 -31.47 1.23 36.62
C SER A 403 -32.25 1.95 37.72
N ARG A 404 -32.03 1.57 38.99
CA ARG A 404 -32.74 2.22 40.08
C ARG A 404 -32.36 3.71 40.17
N GLU A 405 -31.08 4.02 40.03
CA GLU A 405 -30.65 5.42 40.11
C GLU A 405 -31.09 6.21 38.89
N ALA A 406 -31.13 5.58 37.71
CA ALA A 406 -31.51 6.29 36.50
C ALA A 406 -32.98 6.69 36.53
N LEU A 407 -33.85 5.80 37.02
CA LEU A 407 -35.27 6.12 37.09
C LEU A 407 -35.55 7.20 38.12
N SER A 408 -34.91 7.11 39.29
CA SER A 408 -35.17 8.08 40.34
C SER A 408 -34.55 9.44 40.00
N GLN A 409 -33.44 9.45 39.27
CA GLN A 409 -32.85 10.72 38.84
C GLN A 409 -33.67 11.40 37.75
N LEU A 410 -34.56 10.66 37.07
CA LEU A 410 -35.43 11.28 36.07
C LEU A 410 -36.72 11.79 36.69
N GLN A 411 -37.17 11.19 37.80
CA GLN A 411 -38.28 11.76 38.54
C GLN A 411 -37.96 13.19 38.97
N ALA A 412 -36.67 13.50 39.15
CA ALA A 412 -36.26 14.85 39.50
C ALA A 412 -36.17 15.75 38.27
N GLN A 413 -35.84 15.21 37.10
CA GLN A 413 -35.72 16.05 35.91
C GLN A 413 -37.09 16.40 35.35
N CYS A 414 -38.10 15.55 35.56
CA CYS A 414 -39.46 15.92 35.19
C CYS A 414 -40.15 16.72 36.29
N ASN A 415 -39.66 16.65 37.53
CA ASN A 415 -40.16 17.54 38.57
C ASN A 415 -39.70 18.98 38.31
N GLU A 416 -38.47 19.15 37.82
CA GLU A 416 -37.99 20.49 37.48
C GLU A 416 -38.69 21.02 36.23
N MET A 417 -39.05 20.15 35.30
CA MET A 417 -39.75 20.58 34.10
C MET A 417 -41.21 20.94 34.38
N TRP A 418 -41.77 20.46 35.49
CA TRP A 418 -43.14 20.82 35.85
C TRP A 418 -43.26 22.27 36.31
N GLN A 419 -42.14 22.98 36.45
CA GLN A 419 -42.18 24.39 36.85
C GLN A 419 -42.35 25.29 35.64
N MET B 1 -39.03 -29.98 8.03
CA MET B 1 -37.78 -29.73 7.32
C MET B 1 -36.84 -30.92 7.36
N LYS B 2 -36.08 -31.11 6.28
CA LYS B 2 -35.07 -32.15 6.25
C LYS B 2 -33.81 -31.74 7.00
N GLU B 3 -33.43 -30.47 6.90
CA GLU B 3 -32.19 -29.98 7.50
C GLU B 3 -32.36 -28.51 7.84
N SER B 4 -31.27 -27.88 8.27
CA SER B 4 -31.29 -26.45 8.59
C SER B 4 -31.24 -25.60 7.32
N VAL B 5 -31.86 -24.42 7.41
CA VAL B 5 -31.87 -23.43 6.35
C VAL B 5 -31.47 -22.08 6.93
N ARG B 6 -30.98 -21.21 6.06
CA ARG B 6 -30.50 -19.90 6.49
C ARG B 6 -31.63 -19.03 7.03
N PHE B 7 -31.45 -18.53 8.24
CA PHE B 7 -32.44 -17.65 8.85
C PHE B 7 -32.35 -16.21 8.34
N LEU B 8 -31.21 -15.83 7.78
CA LEU B 8 -31.00 -14.49 7.28
C LEU B 8 -30.64 -14.54 5.80
N THR B 9 -30.91 -13.44 5.10
CA THR B 9 -30.39 -13.25 3.75
C THR B 9 -29.24 -12.25 3.80
N ASP B 10 -29.10 -11.40 2.79
CA ASP B 10 -27.98 -10.48 2.78
C ASP B 10 -28.22 -9.27 3.66
N PHE B 11 -27.12 -8.69 4.14
CA PHE B 11 -27.13 -7.50 5.00
C PHE B 11 -27.95 -7.71 6.27
N GLY B 12 -28.01 -8.94 6.77
CA GLY B 12 -28.67 -9.18 8.03
C GLY B 12 -30.18 -9.06 8.00
N GLU B 13 -30.77 -9.11 6.82
CA GLU B 13 -32.22 -9.15 6.71
C GLU B 13 -32.71 -10.59 6.87
N ILE B 14 -33.92 -10.73 7.42
CA ILE B 14 -34.48 -12.06 7.65
C ILE B 14 -34.99 -12.60 6.32
N SER B 15 -34.64 -13.85 6.02
CA SER B 15 -35.07 -14.46 4.77
C SER B 15 -36.59 -14.55 4.71
N ASP B 16 -37.15 -14.25 3.54
CA ASP B 16 -38.59 -14.34 3.36
C ASP B 16 -39.07 -15.78 3.23
N ALA B 17 -38.18 -16.77 3.19
CA ALA B 17 -38.56 -18.15 2.99
C ALA B 17 -38.95 -18.85 4.29
N ILE B 18 -38.60 -18.28 5.44
CA ILE B 18 -38.88 -18.93 6.72
C ILE B 18 -40.26 -18.56 7.27
N SER B 19 -40.88 -17.49 6.77
CA SER B 19 -42.18 -17.07 7.29
C SER B 19 -43.26 -18.12 7.02
N ASP B 20 -43.19 -18.79 5.87
CA ASP B 20 -44.11 -19.88 5.59
C ASP B 20 -43.75 -21.16 6.35
N LEU B 21 -42.61 -21.17 7.02
CA LEU B 21 -42.16 -22.30 7.82
C LEU B 21 -42.81 -22.34 9.20
N LEU B 22 -43.43 -21.24 9.63
CA LEU B 22 -43.96 -21.10 10.97
C LEU B 22 -45.45 -21.43 11.01
N THR B 23 -45.98 -21.58 12.23
CA THR B 23 -47.34 -22.02 12.49
C THR B 23 -48.06 -20.89 13.23
N SER B 24 -49.37 -21.04 13.42
CA SER B 24 -50.18 -20.08 14.19
C SER B 24 -50.39 -20.56 15.63
N SER B 25 -49.36 -21.15 16.23
CA SER B 25 -49.42 -21.72 17.57
C SER B 25 -48.58 -20.92 18.57
N PRO B 26 -49.11 -20.64 19.75
CA PRO B 26 -48.31 -20.00 20.80
C PRO B 26 -47.49 -20.97 21.64
N ASN B 27 -47.47 -22.25 21.31
CA ASN B 27 -46.75 -23.25 22.09
C ASN B 27 -45.41 -23.59 21.43
N PHE B 28 -44.60 -22.54 21.25
CA PHE B 28 -43.30 -22.66 20.62
C PHE B 28 -42.20 -22.29 21.60
N ASN B 29 -41.02 -22.83 21.36
CA ASN B 29 -39.86 -22.59 22.20
C ASN B 29 -38.66 -22.29 21.30
N VAL B 30 -37.98 -21.17 21.55
CA VAL B 30 -36.84 -20.75 20.73
C VAL B 30 -35.58 -20.89 21.58
N ILE B 31 -34.60 -21.60 21.05
CA ILE B 31 -33.34 -21.86 21.75
C ILE B 31 -32.20 -21.59 20.77
N SER B 32 -31.36 -20.61 21.11
CA SER B 32 -30.20 -20.28 20.29
C SER B 32 -28.94 -20.92 20.86
N ALA B 33 -27.87 -20.84 20.08
CA ALA B 33 -26.57 -21.37 20.50
C ALA B 33 -25.47 -20.46 19.99
N ILE B 34 -24.58 -20.05 20.88
CA ILE B 34 -23.46 -19.17 20.54
C ILE B 34 -22.18 -19.77 21.12
N GLY B 35 -21.05 -19.32 20.58
CA GLY B 35 -19.76 -19.78 21.03
C GLY B 35 -18.69 -19.71 19.95
N PRO B 36 -17.44 -20.03 20.33
CA PRO B 36 -16.34 -19.98 19.35
C PRO B 36 -16.45 -21.04 18.26
N GLN B 37 -15.47 -21.07 17.36
CA GLN B 37 -15.59 -21.89 16.16
C GLN B 37 -15.54 -23.38 16.48
N GLY B 38 -14.43 -23.85 17.05
CA GLY B 38 -14.19 -25.27 17.18
C GLY B 38 -14.86 -25.95 18.35
N ALA B 39 -15.91 -25.33 18.88
CA ALA B 39 -16.58 -25.85 20.07
C ALA B 39 -17.58 -26.96 19.75
N GLY B 40 -17.90 -27.19 18.48
CA GLY B 40 -18.87 -28.22 18.16
C GLY B 40 -20.31 -27.80 18.36
N LYS B 41 -20.57 -26.50 18.46
CA LYS B 41 -21.90 -26.00 18.80
C LYS B 41 -22.96 -26.47 17.81
N SER B 42 -22.61 -26.53 16.52
CA SER B 42 -23.60 -26.94 15.53
C SER B 42 -23.90 -28.43 15.64
N THR B 43 -22.88 -29.25 15.88
CA THR B 43 -23.11 -30.69 16.06
C THR B 43 -23.93 -30.97 17.32
N LEU B 44 -23.74 -30.18 18.37
CA LEU B 44 -24.44 -30.42 19.62
C LEU B 44 -25.90 -30.00 19.53
N LEU B 45 -26.16 -28.82 18.96
CA LEU B 45 -27.54 -28.36 18.80
C LEU B 45 -28.33 -29.26 17.87
N SER B 46 -27.65 -30.04 17.03
CA SER B 46 -28.36 -30.93 16.13
C SER B 46 -29.06 -32.07 16.86
N MET B 47 -28.56 -32.44 18.04
CA MET B 47 -29.10 -33.59 18.76
C MET B 47 -30.17 -33.21 19.77
N LEU B 48 -30.26 -31.94 20.15
CA LEU B 48 -31.48 -31.46 20.78
C LEU B 48 -32.59 -31.26 19.76
N ALA B 49 -32.24 -31.21 18.47
CA ALA B 49 -33.23 -31.19 17.40
C ALA B 49 -33.75 -32.58 17.07
N GLY B 50 -33.04 -33.63 17.45
CA GLY B 50 -33.52 -34.98 17.26
C GLY B 50 -32.58 -35.96 16.59
N ASN B 51 -31.30 -35.62 16.49
CA ASN B 51 -30.32 -36.51 15.87
C ASN B 51 -29.77 -37.51 16.87
N ASN B 52 -29.56 -38.73 16.41
CA ASN B 52 -29.00 -39.79 17.23
C ASN B 52 -27.48 -39.82 17.09
N SER B 53 -26.83 -40.40 18.09
CA SER B 53 -25.36 -40.43 18.10
C SER B 53 -24.81 -41.25 16.94
N ARG B 54 -25.54 -42.28 16.50
CA ARG B 54 -25.07 -43.17 15.43
C ARG B 54 -25.32 -42.62 14.03
N GLN B 55 -26.05 -41.52 13.90
CA GLN B 55 -26.38 -41.01 12.57
C GLN B 55 -25.12 -40.56 11.83
N MET B 56 -25.21 -40.59 10.50
CA MET B 56 -24.09 -40.20 9.66
C MET B 56 -23.88 -38.69 9.71
N TYR B 57 -22.71 -38.25 9.22
CA TYR B 57 -22.39 -36.83 9.24
C TYR B 57 -23.29 -36.06 8.27
N ARG B 58 -23.64 -36.67 7.14
CA ARG B 58 -24.53 -36.01 6.18
C ARG B 58 -25.94 -35.89 6.72
N GLU B 59 -26.29 -36.66 7.75
CA GLU B 59 -27.62 -36.63 8.35
C GLU B 59 -27.73 -35.62 9.49
N TYR B 60 -26.63 -34.99 9.88
CA TYR B 60 -26.70 -33.95 10.92
C TYR B 60 -27.53 -32.77 10.41
N VAL B 61 -28.43 -32.28 11.25
CA VAL B 61 -29.33 -31.23 10.78
C VAL B 61 -28.59 -29.90 10.65
N PHE B 62 -27.62 -29.64 11.50
CA PHE B 62 -26.85 -28.39 11.46
C PHE B 62 -25.43 -28.72 10.99
N ARG B 63 -25.27 -28.85 9.67
CA ARG B 63 -23.97 -29.10 9.06
C ARG B 63 -23.32 -27.77 8.72
N PRO B 64 -22.31 -27.32 9.46
CA PRO B 64 -21.67 -26.03 9.16
C PRO B 64 -20.71 -26.15 7.99
N VAL B 65 -21.06 -25.52 6.88
CA VAL B 65 -20.23 -25.56 5.67
C VAL B 65 -19.38 -24.30 5.58
N GLN B 76 -21.16 -12.88 2.48
CA GLN B 76 -22.07 -13.24 3.57
C GLN B 76 -21.36 -13.15 4.92
N THR B 77 -21.40 -11.95 5.50
CA THR B 77 -20.66 -11.68 6.73
C THR B 77 -21.26 -12.42 7.92
N ILE B 78 -22.55 -12.19 8.18
CA ILE B 78 -23.24 -12.75 9.33
C ILE B 78 -24.22 -13.81 8.85
N GLN B 79 -24.50 -14.79 9.70
CA GLN B 79 -25.52 -15.76 9.37
C GLN B 79 -26.01 -16.49 10.60
N ILE B 80 -27.28 -16.89 10.56
CA ILE B 80 -27.94 -17.67 11.59
C ILE B 80 -28.70 -18.79 10.87
N ASP B 81 -28.62 -20.00 11.41
CA ASP B 81 -29.30 -21.16 10.82
C ASP B 81 -30.54 -21.50 11.63
N ILE B 82 -31.69 -21.58 10.96
CA ILE B 82 -32.97 -21.88 11.59
C ILE B 82 -33.34 -23.34 11.34
N TYR B 83 -34.00 -23.95 12.33
CA TYR B 83 -34.56 -25.28 12.17
C TYR B 83 -35.67 -25.48 13.21
N ILE B 84 -36.72 -26.18 12.81
CA ILE B 84 -37.91 -26.36 13.64
C ILE B 84 -38.38 -27.81 13.58
N VAL B 85 -38.40 -28.48 14.72
CA VAL B 85 -39.15 -29.73 14.92
C VAL B 85 -40.31 -29.42 15.84
N ASN B 86 -41.47 -30.01 15.54
CA ASN B 86 -42.67 -29.79 16.36
C ASN B 86 -42.93 -28.29 16.32
N HIS B 87 -42.90 -27.60 17.46
CA HIS B 87 -42.90 -26.15 17.49
C HIS B 87 -41.63 -25.65 18.19
N GLN B 88 -40.56 -26.45 18.11
CA GLN B 88 -39.29 -26.12 18.72
C GLN B 88 -38.41 -25.43 17.70
N ILE B 89 -38.07 -24.17 17.95
CA ILE B 89 -37.26 -23.37 17.04
C ILE B 89 -35.84 -23.34 17.58
N PHE B 90 -34.90 -23.81 16.78
CA PHE B 90 -33.49 -23.83 17.14
C PHE B 90 -32.74 -22.87 16.23
N LEU B 91 -32.02 -21.93 16.83
CA LEU B 91 -31.22 -20.95 16.09
C LEU B 91 -29.75 -21.28 16.32
N ASP B 92 -29.03 -21.52 15.23
CA ASP B 92 -27.61 -21.82 15.30
C ASP B 92 -26.89 -20.62 14.70
N CYS B 93 -26.18 -19.88 15.55
CA CYS B 93 -25.50 -18.66 15.14
C CYS B 93 -24.11 -18.99 14.60
N GLN B 94 -23.60 -18.09 13.77
CA GLN B 94 -22.26 -18.26 13.28
C GLN B 94 -21.25 -18.05 14.41
N PRO B 95 -20.12 -18.75 14.37
CA PRO B 95 -19.15 -18.68 15.47
C PRO B 95 -18.73 -17.25 15.79
N MET B 96 -18.30 -17.05 17.04
CA MET B 96 -17.78 -15.77 17.48
C MET B 96 -16.29 -15.69 17.23
N TYR B 97 -15.84 -14.55 16.71
CA TYR B 97 -14.41 -14.27 16.55
C TYR B 97 -14.20 -12.81 16.18
N ASP B 114 -10.12 -7.51 10.72
CA ASP B 114 -11.06 -7.78 11.80
C ASP B 114 -11.17 -6.59 12.74
N ASP B 115 -10.77 -6.81 14.01
CA ASP B 115 -10.76 -5.79 15.05
C ASP B 115 -12.18 -5.33 15.31
N SER B 116 -12.50 -4.04 15.16
CA SER B 116 -13.81 -3.50 15.53
C SER B 116 -14.98 -4.27 14.91
N THR B 117 -14.91 -4.52 13.60
CA THR B 117 -16.03 -5.15 12.91
C THR B 117 -16.26 -6.59 13.36
N ALA B 118 -15.17 -7.32 13.66
CA ALA B 118 -15.33 -8.69 14.14
C ALA B 118 -16.07 -8.72 15.48
N MET B 119 -15.78 -7.76 16.35
CA MET B 119 -16.45 -7.69 17.64
C MET B 119 -17.83 -7.06 17.53
N SER B 120 -17.97 -6.05 16.67
CA SER B 120 -19.27 -5.41 16.47
C SER B 120 -20.29 -6.36 15.86
N ASP B 121 -19.85 -7.23 14.94
CA ASP B 121 -20.76 -8.20 14.34
C ASP B 121 -21.17 -9.27 15.34
N THR B 122 -20.19 -9.85 16.03
CA THR B 122 -20.47 -10.82 17.09
C THR B 122 -21.49 -10.27 18.08
N LEU B 123 -21.29 -9.02 18.49
CA LEU B 123 -22.19 -8.41 19.46
C LEU B 123 -23.58 -8.22 18.86
N ARG B 124 -23.65 -7.82 17.59
CA ARG B 124 -24.93 -7.60 16.95
C ARG B 124 -25.76 -8.88 16.89
N LEU B 125 -25.12 -10.03 16.64
CA LEU B 125 -25.87 -11.29 16.58
C LEU B 125 -26.17 -11.83 17.98
N THR B 126 -25.30 -11.60 18.96
CA THR B 126 -25.58 -12.07 20.31
C THR B 126 -26.76 -11.32 20.92
N ALA B 127 -26.75 -9.98 20.80
CA ALA B 127 -27.84 -9.18 21.34
C ALA B 127 -29.18 -9.57 20.70
N PHE B 128 -29.19 -9.79 19.39
CA PHE B 128 -30.42 -10.19 18.72
C PHE B 128 -30.93 -11.53 19.24
N LEU B 129 -30.01 -12.47 19.50
CA LEU B 129 -30.41 -13.79 19.94
C LEU B 129 -30.79 -13.85 21.42
N LEU B 130 -30.27 -12.94 22.24
CA LEU B 130 -30.73 -12.88 23.63
C LEU B 130 -32.14 -12.29 23.73
N TYR B 131 -32.54 -11.49 22.75
CA TYR B 131 -33.85 -10.86 22.82
C TYR B 131 -34.97 -11.74 22.30
N VAL B 132 -34.69 -12.61 21.34
CA VAL B 132 -35.73 -13.38 20.66
C VAL B 132 -35.69 -14.86 21.04
N SER B 133 -34.93 -15.22 22.07
CA SER B 133 -34.83 -16.60 22.51
C SER B 133 -35.33 -16.74 23.95
N HIS B 134 -35.95 -17.89 24.23
CA HIS B 134 -36.24 -18.23 25.61
C HIS B 134 -34.96 -18.57 26.36
N THR B 135 -34.13 -19.43 25.77
CA THR B 135 -32.84 -19.80 26.33
C THR B 135 -31.81 -19.78 25.21
N VAL B 136 -30.58 -19.41 25.55
CA VAL B 136 -29.46 -19.43 24.62
C VAL B 136 -28.38 -20.31 25.19
N LEU B 137 -27.92 -21.28 24.39
CA LEU B 137 -26.84 -22.17 24.80
C LEU B 137 -25.50 -21.50 24.50
N VAL B 138 -24.70 -21.31 25.53
CA VAL B 138 -23.34 -20.76 25.40
C VAL B 138 -22.38 -21.94 25.40
N VAL B 139 -21.90 -22.31 24.21
CA VAL B 139 -21.05 -23.49 24.04
C VAL B 139 -19.61 -23.04 23.84
N SER B 140 -18.70 -23.62 24.63
CA SER B 140 -17.30 -23.24 24.59
C SER B 140 -16.49 -24.35 25.23
N GLU B 141 -15.17 -24.26 25.10
CA GLU B 141 -14.24 -25.12 25.82
C GLU B 141 -13.48 -24.37 26.90
N THR B 142 -13.83 -23.11 27.12
CA THR B 142 -13.05 -22.22 27.97
C THR B 142 -13.77 -21.75 29.22
N HIS B 143 -15.02 -22.20 29.45
CA HIS B 143 -15.73 -21.84 30.67
C HIS B 143 -14.94 -22.29 31.89
N TYR B 144 -14.77 -21.38 32.86
CA TYR B 144 -15.28 -20.02 32.81
C TYR B 144 -14.35 -19.11 32.01
N ASP B 145 -14.90 -18.39 31.04
CA ASP B 145 -14.15 -17.50 30.16
C ASP B 145 -14.71 -16.10 30.31
N LYS B 146 -13.91 -15.20 30.87
CA LYS B 146 -14.39 -13.85 31.16
C LYS B 146 -14.74 -13.10 29.87
N VAL B 147 -14.03 -13.38 28.78
CA VAL B 147 -14.31 -12.72 27.52
C VAL B 147 -15.72 -13.05 27.03
N ILE B 148 -16.17 -14.28 27.26
CA ILE B 148 -17.52 -14.66 26.87
C ILE B 148 -18.55 -13.91 27.72
N ILE B 149 -18.32 -13.83 29.02
CA ILE B 149 -19.25 -13.11 29.90
C ILE B 149 -19.27 -11.63 29.56
N ASP B 150 -18.11 -11.07 29.22
CA ASP B 150 -18.05 -9.67 28.81
C ASP B 150 -18.93 -9.43 27.60
N THR B 151 -18.82 -10.30 26.59
CA THR B 151 -19.66 -10.17 25.40
C THR B 151 -21.14 -10.29 25.76
N LEU B 152 -21.48 -11.23 26.62
CA LEU B 152 -22.89 -11.44 26.99
C LEU B 152 -23.45 -10.25 27.76
N ARG B 153 -22.65 -9.63 28.62
CA ARG B 153 -23.16 -8.58 29.50
C ARG B 153 -23.26 -7.23 28.80
N VAL B 154 -22.43 -6.96 27.79
CA VAL B 154 -22.59 -5.72 27.03
C VAL B 154 -23.64 -5.90 25.93
N ALA B 155 -23.73 -7.09 25.33
CA ALA B 155 -24.75 -7.34 24.33
C ALA B 155 -26.15 -7.19 24.90
N GLU B 156 -26.32 -7.47 26.20
CA GLU B 156 -27.62 -7.31 26.83
C GLU B 156 -28.02 -5.84 26.92
N GLN B 157 -27.06 -4.92 26.89
CA GLN B 157 -27.37 -3.49 26.86
C GLN B 157 -27.72 -3.00 25.47
N ILE B 158 -27.56 -3.82 24.43
CA ILE B 158 -27.98 -3.49 23.08
C ILE B 158 -29.47 -3.79 23.02
N ARG B 159 -30.32 -2.79 23.20
CA ARG B 159 -31.74 -3.06 23.35
C ARG B 159 -32.58 -2.22 22.40
N PRO B 160 -33.67 -2.79 21.89
CA PRO B 160 -34.63 -1.99 21.12
C PRO B 160 -35.66 -1.33 22.03
N TYR B 161 -36.60 -0.60 21.45
CA TYR B 161 -37.72 0.00 22.19
C TYR B 161 -38.97 -0.35 21.39
N LEU B 162 -39.53 -1.52 21.66
CA LEU B 162 -40.70 -1.99 20.92
C LEU B 162 -41.97 -1.70 21.73
N ALA B 163 -42.18 -0.40 21.99
CA ALA B 163 -43.34 0.04 22.75
C ALA B 163 -44.62 -0.09 21.94
N ILE B 164 -44.55 0.22 20.64
CA ILE B 164 -45.74 0.21 19.80
C ILE B 164 -46.05 -1.18 19.27
N PHE B 165 -45.22 -2.17 19.57
CA PHE B 165 -45.51 -3.54 19.17
C PHE B 165 -46.75 -4.04 19.90
N ARG B 166 -47.64 -4.70 19.16
CA ARG B 166 -48.81 -5.31 19.74
C ARG B 166 -48.85 -6.77 19.32
N PRO B 167 -49.06 -7.72 20.25
CA PRO B 167 -49.30 -7.54 21.69
C PRO B 167 -48.10 -6.94 22.43
N LYS B 168 -48.36 -6.14 23.46
CA LYS B 168 -47.28 -5.56 24.25
C LYS B 168 -46.37 -6.66 24.79
N LEU B 169 -45.07 -6.40 24.77
CA LEU B 169 -44.09 -7.41 25.12
C LEU B 169 -43.63 -7.25 26.56
N ALA B 170 -43.15 -8.35 27.13
CA ALA B 170 -42.65 -8.34 28.49
C ALA B 170 -41.38 -7.52 28.58
N ILE B 171 -41.28 -6.71 29.64
CA ILE B 171 -40.18 -5.76 29.80
C ILE B 171 -39.19 -6.23 30.85
N ASP B 172 -39.68 -6.86 31.92
CA ASP B 172 -38.82 -7.43 32.95
C ASP B 172 -38.43 -8.87 32.64
N ARG B 173 -38.59 -9.31 31.40
CA ARG B 173 -38.40 -10.71 31.07
C ARG B 173 -36.92 -11.01 30.89
N LYS B 174 -36.48 -12.14 31.45
CA LYS B 174 -35.08 -12.54 31.44
C LYS B 174 -34.88 -13.73 30.51
N THR B 175 -33.84 -13.66 29.67
CA THR B 175 -33.47 -14.78 28.82
C THR B 175 -32.58 -15.75 29.60
N ASN B 176 -32.91 -17.03 29.55
CA ASN B 176 -32.15 -18.05 30.26
C ASN B 176 -30.88 -18.38 29.48
N LEU B 177 -29.79 -18.59 30.20
CA LEU B 177 -28.52 -18.97 29.59
C LEU B 177 -28.05 -20.28 30.19
N VAL B 178 -27.64 -21.20 29.32
CA VAL B 178 -27.10 -22.49 29.72
C VAL B 178 -25.71 -22.61 29.13
N PHE B 179 -24.69 -22.59 29.98
CA PHE B 179 -23.32 -22.71 29.52
C PHE B 179 -22.96 -24.19 29.38
N ILE B 180 -22.36 -24.54 28.25
CA ILE B 180 -21.99 -25.92 27.96
C ILE B 180 -20.51 -25.96 27.64
N LYS B 181 -19.77 -26.80 28.36
CA LYS B 181 -18.32 -26.95 28.16
C LYS B 181 -18.09 -28.22 27.34
N THR B 182 -17.79 -28.03 26.06
CA THR B 182 -17.57 -29.15 25.17
C THR B 182 -16.11 -29.61 25.19
N LYS B 183 -15.92 -30.84 24.71
CA LYS B 183 -14.59 -31.42 24.52
C LYS B 183 -13.69 -31.17 25.72
N ALA B 184 -14.19 -31.53 26.89
CA ALA B 184 -13.53 -31.28 28.17
C ALA B 184 -12.89 -32.56 28.70
N SER B 185 -11.89 -32.38 29.55
CA SER B 185 -11.16 -33.49 30.15
C SER B 185 -11.90 -34.02 31.37
N SER B 186 -11.33 -35.06 31.98
CA SER B 186 -11.95 -35.68 33.14
C SER B 186 -12.01 -34.74 34.33
N ILE B 187 -11.02 -33.85 34.47
CA ILE B 187 -10.98 -32.96 35.63
C ILE B 187 -12.07 -31.90 35.52
N ASP B 188 -12.47 -31.54 34.29
CA ASP B 188 -13.58 -30.62 34.13
C ASP B 188 -14.90 -31.22 34.61
N LEU B 189 -14.96 -32.53 34.74
CA LEU B 189 -16.15 -33.22 35.24
C LEU B 189 -16.16 -33.36 36.75
N ALA B 190 -15.15 -32.84 37.45
CA ALA B 190 -15.12 -32.93 38.90
C ALA B 190 -16.22 -32.05 39.49
N PRO B 191 -17.06 -32.57 40.38
CA PRO B 191 -18.13 -31.74 40.96
C PRO B 191 -17.60 -30.47 41.63
N THR B 192 -16.43 -30.54 42.24
CA THR B 192 -15.86 -29.35 42.89
C THR B 192 -15.47 -28.29 41.85
N VAL B 193 -15.10 -28.73 40.64
CA VAL B 193 -14.70 -27.78 39.62
C VAL B 193 -15.91 -27.15 38.95
N ILE B 194 -17.01 -27.90 38.81
CA ILE B 194 -18.22 -27.35 38.21
C ILE B 194 -18.81 -26.26 39.10
N ARG B 195 -18.96 -26.55 40.39
CA ARG B 195 -19.55 -25.57 41.31
C ARG B 195 -18.66 -24.32 41.41
N GLU B 196 -17.35 -24.49 41.33
CA GLU B 196 -16.47 -23.32 41.39
C GLU B 196 -16.75 -22.39 40.21
N ARG B 197 -16.90 -22.94 39.01
CA ARG B 197 -17.18 -22.11 37.84
C ARG B 197 -18.66 -21.71 37.77
N GLU B 198 -19.56 -22.58 38.23
CA GLU B 198 -20.97 -22.20 38.28
C GLU B 198 -21.18 -20.98 39.17
N GLU B 199 -20.48 -20.90 40.30
CA GLU B 199 -20.56 -19.72 41.15
C GLU B 199 -20.17 -18.47 40.37
N LEU B 200 -19.04 -18.52 39.68
CA LEU B 200 -18.58 -17.36 38.92
C LEU B 200 -19.60 -16.96 37.86
N LEU B 201 -20.37 -17.93 37.35
CA LEU B 201 -21.40 -17.61 36.37
C LEU B 201 -22.62 -16.97 37.01
N ARG B 202 -22.96 -17.37 38.24
CA ARG B 202 -24.09 -16.77 38.92
C ARG B 202 -23.74 -15.40 39.48
N LEU B 203 -22.47 -15.16 39.80
CA LEU B 203 -22.02 -13.81 40.13
C LEU B 203 -21.99 -12.92 38.90
N SER B 204 -21.67 -13.50 37.73
CA SER B 204 -21.59 -12.72 36.51
C SER B 204 -22.95 -12.23 36.02
N PHE B 205 -24.04 -12.79 36.55
CA PHE B 205 -25.38 -12.38 36.14
C PHE B 205 -26.29 -12.08 37.32
N GLN B 206 -25.77 -12.06 38.55
CA GLN B 206 -26.56 -11.66 39.70
C GLN B 206 -27.21 -10.30 39.50
N ASP B 207 -26.50 -9.38 38.83
CA ASP B 207 -27.00 -8.04 38.61
C ASP B 207 -27.56 -7.85 37.21
N SER B 208 -27.59 -8.91 36.40
CA SER B 208 -28.16 -8.83 35.07
C SER B 208 -29.66 -8.53 35.14
N ARG B 209 -30.14 -7.74 34.19
CA ARG B 209 -31.54 -7.35 34.16
C ARG B 209 -32.38 -8.17 33.19
N TRP B 210 -31.83 -8.53 32.03
CA TRP B 210 -32.57 -9.27 31.02
C TRP B 210 -31.92 -10.61 30.70
N LEU B 211 -30.88 -10.99 31.44
CA LEU B 211 -30.29 -12.31 31.35
C LEU B 211 -30.44 -12.97 32.72
N LYS B 212 -30.64 -14.28 32.71
CA LYS B 212 -30.78 -15.05 33.94
C LYS B 212 -29.94 -16.30 33.82
N VAL B 213 -29.57 -16.85 34.96
CA VAL B 213 -28.93 -18.15 34.97
C VAL B 213 -29.51 -18.94 36.14
N SER B 214 -29.65 -20.24 35.95
CA SER B 214 -30.25 -21.05 37.00
C SER B 214 -29.37 -21.07 38.24
N GLN B 215 -29.99 -21.33 39.39
CA GLN B 215 -29.28 -21.42 40.65
C GLN B 215 -29.33 -22.84 41.22
N GLU B 216 -29.55 -23.83 40.38
CA GLU B 216 -29.46 -25.23 40.78
C GLU B 216 -28.10 -25.79 40.41
N PRO B 217 -27.40 -26.41 41.34
CA PRO B 217 -26.10 -27.02 41.02
C PRO B 217 -26.20 -27.95 39.83
N PHE B 218 -25.15 -27.97 39.01
CA PHE B 218 -24.99 -28.86 37.85
C PHE B 218 -26.05 -28.63 36.79
N LYS B 219 -26.69 -27.46 36.76
CA LYS B 219 -27.66 -27.14 35.73
C LYS B 219 -27.39 -25.84 34.99
N THR B 220 -26.32 -25.10 35.36
CA THR B 220 -25.87 -23.89 34.69
C THR B 220 -24.62 -24.11 33.86
N LEU B 221 -23.70 -24.98 34.29
CA LEU B 221 -22.55 -25.33 33.48
C LEU B 221 -22.56 -26.84 33.29
N ILE B 222 -22.80 -27.26 32.07
CA ILE B 222 -22.86 -28.67 31.68
C ILE B 222 -21.59 -28.98 30.93
N VAL B 223 -20.92 -30.07 31.32
CA VAL B 223 -19.64 -30.45 30.74
C VAL B 223 -19.81 -31.78 30.02
N LEU B 224 -19.22 -31.89 28.84
CA LEU B 224 -19.31 -33.10 28.03
C LEU B 224 -17.94 -33.43 27.48
N GLU B 225 -17.57 -34.71 27.50
CA GLU B 225 -16.26 -35.14 27.04
C GLU B 225 -16.22 -35.45 25.55
N GLU B 226 -17.34 -35.36 24.84
CA GLU B 226 -17.41 -35.62 23.41
C GLU B 226 -16.91 -37.02 23.08
N PHE B 250 -23.82 -41.30 24.71
CA PHE B 250 -23.94 -40.04 25.43
C PHE B 250 -25.26 -39.36 25.12
N ASP B 251 -26.16 -40.10 24.45
CA ASP B 251 -27.45 -39.55 24.07
C ASP B 251 -28.38 -39.35 25.27
N GLU B 252 -28.14 -40.01 26.39
CA GLU B 252 -29.04 -39.87 27.53
C GLU B 252 -28.81 -38.60 28.33
N GLN B 253 -27.90 -37.73 27.91
CA GLN B 253 -27.75 -36.41 28.50
C GLN B 253 -28.49 -35.34 27.72
N ILE B 254 -28.43 -35.42 26.39
CA ILE B 254 -29.13 -34.47 25.53
C ILE B 254 -30.63 -34.67 25.64
N ALA B 255 -31.09 -35.89 25.86
CA ALA B 255 -32.52 -36.13 26.04
C ALA B 255 -33.01 -35.53 27.34
N GLU B 256 -32.19 -35.61 28.40
CA GLU B 256 -32.55 -34.96 29.66
C GLU B 256 -32.43 -33.45 29.56
N LEU B 257 -31.39 -32.97 28.86
CA LEU B 257 -31.25 -31.53 28.67
C LEU B 257 -32.36 -30.95 27.82
N ARG B 258 -32.78 -31.67 26.77
CA ARG B 258 -33.87 -31.19 25.93
C ARG B 258 -35.17 -31.08 26.71
N GLU B 259 -35.39 -31.98 27.66
CA GLU B 259 -36.58 -31.88 28.50
C GLU B 259 -36.48 -30.72 29.46
N GLU B 260 -35.25 -30.30 29.80
CA GLU B 260 -35.02 -29.26 30.78
C GLU B 260 -35.01 -27.86 30.19
N LEU B 261 -34.74 -27.72 28.89
CA LEU B 261 -34.69 -26.39 28.30
C LEU B 261 -36.07 -25.76 28.15
N GLN B 262 -37.13 -26.48 28.48
CA GLN B 262 -38.48 -25.99 28.34
C GLN B 262 -39.13 -25.55 29.65
N LYS B 263 -38.41 -25.61 30.78
CA LYS B 263 -39.07 -25.27 32.04
C LYS B 263 -38.94 -23.80 32.41
N ASN B 264 -37.73 -23.22 32.36
CA ASN B 264 -37.56 -21.83 32.74
C ASN B 264 -37.67 -20.87 31.56
N ARG B 265 -38.54 -21.16 30.60
CA ARG B 265 -38.81 -20.24 29.51
C ARG B 265 -39.88 -19.25 29.93
N GLU B 266 -39.62 -17.97 29.71
CA GLU B 266 -40.56 -16.91 30.03
C GLU B 266 -41.14 -16.34 28.76
N ASP B 267 -42.45 -16.09 28.76
CA ASP B 267 -43.12 -15.63 27.57
C ASP B 267 -42.68 -14.21 27.21
N PHE B 268 -42.70 -13.93 25.91
CA PHE B 268 -42.30 -12.62 25.42
C PHE B 268 -43.34 -11.55 25.67
N THR B 269 -44.60 -11.94 25.85
CA THR B 269 -45.72 -11.03 25.98
C THR B 269 -46.19 -10.91 27.43
N VAL B 270 -46.87 -9.79 27.71
CA VAL B 270 -47.41 -9.55 29.04
C VAL B 270 -48.53 -10.54 29.35
N GLU B 271 -49.29 -10.95 28.35
CA GLU B 271 -50.42 -11.86 28.52
C GLU B 271 -50.08 -13.21 27.92
N THR B 272 -50.55 -14.27 28.57
CA THR B 272 -50.17 -15.62 28.16
C THR B 272 -50.73 -15.97 26.79
N ALA B 273 -49.88 -16.59 25.96
CA ALA B 273 -50.29 -17.13 24.66
C ALA B 273 -50.88 -16.05 23.74
N ALA B 274 -50.26 -14.88 23.73
CA ALA B 274 -50.71 -13.78 22.88
C ALA B 274 -49.94 -13.70 21.57
N MET B 275 -48.81 -14.39 21.46
CA MET B 275 -47.96 -14.34 20.28
C MET B 275 -47.78 -15.74 19.73
N ASP B 276 -48.20 -15.96 18.49
CA ASP B 276 -47.87 -17.22 17.84
C ASP B 276 -46.45 -17.15 17.27
N GLU B 277 -45.93 -18.31 16.87
CA GLU B 277 -44.58 -18.33 16.32
C GLU B 277 -44.48 -17.50 15.05
N LYS B 278 -45.56 -17.41 14.28
CA LYS B 278 -45.52 -16.63 13.05
C LYS B 278 -45.38 -15.14 13.34
N LYS B 279 -45.96 -14.68 14.45
CA LYS B 279 -45.80 -13.30 14.88
C LYS B 279 -44.51 -13.12 15.68
N TRP B 280 -43.94 -14.21 16.19
CA TRP B 280 -42.60 -14.16 16.77
C TRP B 280 -41.59 -13.61 15.78
N LEU B 281 -41.75 -13.92 14.49
CA LEU B 281 -40.82 -13.42 13.49
C LEU B 281 -41.01 -11.92 13.25
N ASP B 282 -42.25 -11.43 13.31
CA ASP B 282 -42.46 -9.99 13.19
C ASP B 282 -41.79 -9.23 14.34
N MET B 283 -41.66 -9.86 15.50
CA MET B 283 -40.84 -9.27 16.55
C MET B 283 -39.37 -9.24 16.14
N CYS B 284 -38.90 -10.31 15.49
CA CYS B 284 -37.53 -10.34 15.01
C CYS B 284 -37.28 -9.23 13.98
N ARG B 285 -38.23 -9.02 13.07
CA ARG B 285 -38.06 -7.98 12.05
C ARG B 285 -38.05 -6.59 12.68
N GLU B 286 -38.86 -6.39 13.72
CA GLU B 286 -38.91 -5.10 14.40
C GLU B 286 -37.74 -4.89 15.34
N VAL B 287 -36.97 -5.94 15.62
CA VAL B 287 -35.76 -5.79 16.44
C VAL B 287 -34.59 -5.31 15.60
N ILE B 288 -34.41 -5.86 14.39
CA ILE B 288 -33.28 -5.47 13.56
C ILE B 288 -33.48 -4.08 12.94
N ARG B 289 -34.70 -3.58 12.89
CA ARG B 289 -34.97 -2.27 12.31
C ARG B 289 -35.06 -1.16 13.35
N ASP B 290 -35.07 -1.49 14.64
CA ASP B 290 -35.33 -0.48 15.65
C ASP B 290 -34.15 0.48 15.75
N LYS B 291 -34.46 1.78 15.74
CA LYS B 291 -33.41 2.80 15.69
C LYS B 291 -32.70 2.98 17.02
N THR B 292 -33.40 2.75 18.14
CA THR B 292 -32.73 2.84 19.44
C THR B 292 -31.63 1.80 19.54
N LEU B 293 -31.87 0.61 18.99
CA LEU B 293 -30.84 -0.43 18.96
C LEU B 293 -29.68 -0.03 18.06
N HIS B 294 -29.98 0.55 16.89
CA HIS B 294 -28.94 0.95 15.96
C HIS B 294 -28.00 1.98 16.58
N LYS B 295 -28.57 2.98 17.27
CA LYS B 295 -27.74 4.03 17.86
C LYS B 295 -26.82 3.47 18.93
N THR B 296 -27.31 2.52 19.72
CA THR B 296 -26.49 1.91 20.77
C THR B 296 -25.31 1.15 20.18
N LEU B 297 -25.53 0.43 19.08
CA LEU B 297 -24.44 -0.30 18.45
C LEU B 297 -23.39 0.65 17.86
N LYS B 298 -23.82 1.80 17.34
CA LYS B 298 -22.86 2.78 16.84
C LYS B 298 -21.98 3.30 17.97
N GLU B 299 -22.56 3.54 19.14
CA GLU B 299 -21.79 4.03 20.27
C GLU B 299 -20.91 2.95 20.87
N TYR B 300 -21.21 1.68 20.62
CA TYR B 300 -20.28 0.61 21.00
C TYR B 300 -19.04 0.64 20.11
N GLN B 301 -19.24 0.59 18.79
CA GLN B 301 -18.12 0.65 17.84
C GLN B 301 -17.30 1.91 18.04
N ARG B 302 -17.95 3.04 18.31
CA ARG B 302 -17.22 4.28 18.57
C ARG B 302 -16.33 4.15 19.79
N ALA B 303 -16.84 3.55 20.86
CA ALA B 303 -16.05 3.38 22.08
C ALA B 303 -14.92 2.37 21.90
N MET B 304 -15.05 1.46 20.93
CA MET B 304 -13.99 0.48 20.68
C MET B 304 -12.86 1.06 19.84
N THR B 305 -13.09 2.16 19.14
CA THR B 305 -12.05 2.79 18.34
C THR B 305 -11.48 4.03 19.05
N MET C 1 -44.89 8.72 -16.63
CA MET C 1 -45.28 10.07 -16.24
C MET C 1 -44.09 10.79 -15.60
N ASP C 2 -43.99 12.09 -15.88
CA ASP C 2 -42.93 12.90 -15.28
C ASP C 2 -43.08 12.94 -13.77
N ILE C 3 -41.96 12.78 -13.07
CA ILE C 3 -41.99 12.65 -11.62
C ILE C 3 -42.33 13.98 -10.96
N ALA C 4 -42.00 15.11 -11.59
CA ALA C 4 -42.35 16.40 -11.05
C ALA C 4 -43.87 16.57 -10.96
N LYS C 5 -44.59 16.01 -11.92
CA LYS C 5 -46.05 16.05 -11.90
C LYS C 5 -46.65 14.93 -11.06
N TRP C 6 -45.90 13.83 -10.88
CA TRP C 6 -46.40 12.70 -10.10
C TRP C 6 -46.65 13.08 -8.64
N VAL C 7 -45.77 13.92 -8.06
CA VAL C 7 -45.87 14.22 -6.64
C VAL C 7 -47.16 14.98 -6.33
N GLU C 8 -47.44 16.02 -7.12
CA GLU C 8 -48.61 16.86 -6.86
C GLU C 8 -49.90 16.03 -6.74
N HIS C 9 -50.02 14.93 -7.51
CA HIS C 9 -51.28 14.22 -7.69
C HIS C 9 -51.24 12.81 -7.13
N ALA C 10 -50.09 12.39 -6.61
CA ALA C 10 -50.04 11.13 -5.89
C ALA C 10 -50.58 11.30 -4.47
N ARG C 11 -50.33 12.46 -3.88
CA ARG C 11 -50.77 12.73 -2.51
C ARG C 11 -52.28 12.66 -2.38
N THR C 12 -53.00 12.90 -3.48
CA THR C 12 -54.45 12.78 -3.50
C THR C 12 -54.93 11.50 -4.18
N CYS C 13 -54.22 11.01 -5.20
CA CYS C 13 -54.62 9.79 -5.87
C CYS C 13 -54.54 8.57 -4.96
N TYR C 14 -53.57 8.57 -4.04
CA TYR C 14 -53.45 7.49 -3.07
C TYR C 14 -53.74 8.01 -1.67
N SER C 15 -54.70 8.94 -1.57
CA SER C 15 -55.13 9.47 -0.28
C SER C 15 -55.44 8.37 0.72
N THR C 16 -55.87 7.22 0.23
CA THR C 16 -56.16 6.09 1.10
C THR C 16 -54.88 5.42 1.58
N GLN C 17 -54.00 5.06 0.66
CA GLN C 17 -52.88 4.15 0.94
C GLN C 17 -51.56 4.91 1.10
N LEU C 18 -51.55 5.87 2.02
CA LEU C 18 -50.33 6.65 2.26
C LEU C 18 -49.35 5.97 3.20
N ASP C 19 -49.81 5.00 4.00
CA ASP C 19 -48.96 4.31 4.98
C ASP C 19 -48.44 2.97 4.49
N THR C 20 -48.70 2.59 3.24
CA THR C 20 -48.23 1.31 2.75
C THR C 20 -46.74 1.37 2.44
N LYS C 21 -45.99 0.38 2.94
CA LYS C 21 -44.56 0.34 2.72
C LYS C 21 -44.26 -0.13 1.30
N ILE C 22 -43.41 0.63 0.60
CA ILE C 22 -43.11 0.38 -0.81
C ILE C 22 -41.61 0.46 -1.02
N LYS C 23 -41.18 0.08 -2.21
CA LYS C 23 -39.80 0.25 -2.64
C LYS C 23 -39.74 1.26 -3.78
N VAL C 24 -38.57 1.88 -3.92
CA VAL C 24 -38.26 2.77 -5.04
C VAL C 24 -37.16 2.09 -5.85
N ILE C 25 -37.44 1.84 -7.13
CA ILE C 25 -36.53 1.12 -8.01
C ILE C 25 -36.22 1.99 -9.21
N GLY C 26 -34.93 2.26 -9.42
CA GLY C 26 -34.49 3.02 -10.58
C GLY C 26 -34.10 2.13 -11.74
N VAL C 27 -34.22 2.67 -12.95
CA VAL C 27 -33.95 1.92 -14.19
C VAL C 27 -33.13 2.80 -15.12
N ILE C 28 -32.03 2.25 -15.62
CA ILE C 28 -31.16 2.93 -16.58
C ILE C 28 -31.07 2.08 -17.84
N GLY C 29 -31.38 2.68 -18.99
CA GLY C 29 -31.30 1.96 -20.24
C GLY C 29 -31.39 2.93 -21.40
N LYS C 30 -31.30 2.37 -22.61
CA LYS C 30 -31.35 3.15 -23.84
C LYS C 30 -32.51 2.67 -24.70
N ASP C 31 -33.04 3.59 -25.52
CA ASP C 31 -34.09 3.22 -26.47
C ASP C 31 -33.48 2.63 -27.73
N TYR C 32 -34.14 1.60 -28.25
CA TYR C 32 -33.73 0.93 -29.47
C TYR C 32 -34.97 0.64 -30.31
N PRO C 33 -34.78 0.37 -31.62
CA PRO C 33 -35.94 0.03 -32.46
C PRO C 33 -36.75 -1.14 -31.91
N ASP C 34 -38.04 -0.89 -31.68
CA ASP C 34 -38.97 -1.88 -31.14
C ASP C 34 -38.54 -2.39 -29.76
N HIS C 35 -37.84 -1.54 -29.00
CA HIS C 35 -37.53 -1.83 -27.60
C HIS C 35 -37.06 -0.57 -26.88
N GLY C 36 -37.90 -0.04 -25.97
CA GLY C 36 -37.51 1.08 -25.13
C GLY C 36 -36.94 0.62 -23.79
N LYS C 37 -36.39 1.58 -23.04
CA LYS C 37 -35.66 1.23 -21.82
C LYS C 37 -36.50 0.37 -20.88
N GLY C 38 -37.74 0.78 -20.63
CA GLY C 38 -38.55 0.06 -19.66
C GLY C 38 -39.36 -1.09 -20.22
N ASP C 39 -39.01 -1.56 -21.42
CA ASP C 39 -39.76 -2.67 -22.01
C ASP C 39 -39.55 -3.95 -21.21
N ASN C 40 -38.37 -4.13 -20.62
CA ASN C 40 -38.22 -5.24 -19.70
C ASN C 40 -39.01 -4.99 -18.42
N ILE C 41 -39.16 -3.73 -18.02
CA ILE C 41 -39.91 -3.46 -16.80
C ILE C 41 -41.43 -3.56 -17.07
N ASN C 42 -41.95 -2.95 -18.14
CA ASN C 42 -43.38 -3.15 -18.50
C ASN C 42 -43.70 -4.57 -18.93
N CYS C 43 -42.71 -5.39 -19.27
CA CYS C 43 -43.07 -6.79 -19.38
C CYS C 43 -43.24 -7.40 -17.99
N TYR C 44 -42.50 -6.88 -17.00
CA TYR C 44 -42.63 -7.35 -15.63
C TYR C 44 -43.97 -6.94 -15.01
N LEU C 45 -44.55 -5.83 -15.46
CA LEU C 45 -45.88 -5.43 -14.98
C LEU C 45 -47.01 -5.97 -15.84
N ARG C 46 -46.71 -6.62 -16.96
CA ARG C 46 -47.73 -7.08 -17.90
C ARG C 46 -48.61 -5.93 -18.37
N GLU C 47 -48.02 -4.74 -18.47
CA GLU C 47 -48.73 -3.53 -18.90
C GLU C 47 -47.72 -2.56 -19.48
N ASN C 48 -47.90 -2.19 -20.75
CA ASN C 48 -47.00 -1.26 -21.41
C ASN C 48 -47.14 0.13 -20.82
N VAL C 49 -46.33 0.44 -19.81
CA VAL C 49 -46.41 1.73 -19.12
C VAL C 49 -45.52 2.78 -19.77
N PHE C 50 -44.29 2.41 -20.09
CA PHE C 50 -43.37 3.35 -20.71
C PHE C 50 -43.31 3.10 -22.21
N PRO C 51 -43.10 4.13 -23.01
CA PRO C 51 -43.14 3.97 -24.47
C PRO C 51 -41.88 3.28 -24.96
N VAL C 52 -41.94 2.86 -26.23
CA VAL C 52 -40.80 2.25 -26.90
C VAL C 52 -39.79 3.30 -27.34
N ALA C 53 -40.13 4.58 -27.25
CA ALA C 53 -39.20 5.67 -27.49
C ALA C 53 -39.71 6.91 -26.80
N ALA C 54 -38.80 7.62 -26.15
CA ALA C 54 -39.17 8.86 -25.48
C ALA C 54 -39.53 9.94 -26.48
N THR C 55 -40.62 10.66 -26.22
CA THR C 55 -40.97 11.79 -27.06
C THR C 55 -40.19 13.03 -26.62
N GLU C 56 -40.29 14.09 -27.42
CA GLU C 56 -39.52 15.28 -27.12
C GLU C 56 -39.94 15.90 -25.79
N ASP C 57 -41.22 15.77 -25.44
CA ASP C 57 -41.70 16.28 -24.17
C ASP C 57 -41.34 15.38 -22.99
N GLU C 58 -40.77 14.20 -23.25
CA GLU C 58 -40.30 13.31 -22.21
C GLU C 58 -38.78 13.27 -22.10
N THR C 59 -38.08 14.03 -22.93
CA THR C 59 -36.62 14.05 -22.89
C THR C 59 -36.13 14.62 -21.56
N CYS C 60 -35.01 14.07 -21.08
CA CYS C 60 -34.35 14.53 -19.85
C CYS C 60 -35.34 14.61 -18.70
N THR C 61 -36.07 13.53 -18.50
CA THR C 61 -37.04 13.43 -17.43
C THR C 61 -36.95 12.07 -16.77
N ILE C 62 -37.21 12.03 -15.48
CA ILE C 62 -37.38 10.78 -14.76
C ILE C 62 -38.84 10.39 -14.88
N ARG C 63 -39.11 9.25 -15.53
CA ARG C 63 -40.47 8.77 -15.75
C ARG C 63 -40.88 7.95 -14.54
N GLY C 64 -41.85 8.44 -13.78
CA GLY C 64 -42.31 7.78 -12.59
C GLY C 64 -43.62 7.06 -12.83
N HIS C 65 -43.74 5.88 -12.24
CA HIS C 65 -45.00 5.15 -12.21
C HIS C 65 -44.98 4.19 -11.03
N PHE C 66 -46.08 4.14 -10.29
CA PHE C 66 -46.19 3.35 -9.07
C PHE C 66 -47.22 2.24 -9.30
N SER C 67 -46.75 1.00 -9.33
CA SER C 67 -47.61 -0.16 -9.46
C SER C 67 -47.97 -0.65 -8.05
N GLU C 68 -49.25 -0.52 -7.69
CA GLU C 68 -49.69 -0.91 -6.36
C GLU C 68 -49.80 -2.42 -6.19
N ASP C 69 -49.71 -3.20 -7.26
CA ASP C 69 -49.75 -4.66 -7.11
C ASP C 69 -48.42 -5.19 -6.58
N ASP C 70 -47.31 -4.53 -6.89
CA ASP C 70 -46.00 -4.92 -6.35
C ASP C 70 -45.47 -3.96 -5.29
N GLN C 71 -46.18 -2.86 -5.03
CA GLN C 71 -45.77 -1.88 -4.05
C GLN C 71 -44.33 -1.39 -4.34
N ILE C 72 -44.16 -0.92 -5.57
CA ILE C 72 -42.89 -0.44 -6.09
C ILE C 72 -43.15 0.82 -6.90
N LEU C 73 -42.33 1.85 -6.68
CA LEU C 73 -42.35 3.06 -7.50
C LEU C 73 -41.15 2.97 -8.45
N PHE C 74 -41.43 2.68 -9.72
CA PHE C 74 -40.38 2.56 -10.72
C PHE C 74 -40.02 3.92 -11.29
N LEU C 75 -38.72 4.12 -11.52
CA LEU C 75 -38.18 5.37 -12.04
C LEU C 75 -37.30 5.03 -13.24
N VAL C 76 -37.76 5.40 -14.44
CA VAL C 76 -36.99 5.24 -15.66
C VAL C 76 -36.48 6.60 -16.07
N MET C 77 -35.18 6.68 -16.36
CA MET C 77 -34.54 7.92 -16.78
C MET C 77 -34.47 7.97 -18.30
N ASN C 78 -35.00 9.04 -18.88
CA ASN C 78 -34.78 9.34 -20.29
C ASN C 78 -33.58 10.29 -20.37
N GLY C 79 -32.46 9.79 -20.89
CA GLY C 79 -31.20 10.47 -20.82
C GLY C 79 -30.81 11.14 -22.12
N VAL C 80 -29.50 11.33 -22.30
CA VAL C 80 -28.98 12.08 -23.45
C VAL C 80 -28.96 11.25 -24.72
N ASP C 81 -29.13 9.94 -24.61
CA ASP C 81 -29.02 9.05 -25.76
C ASP C 81 -30.33 8.87 -26.51
N ASP C 82 -31.43 9.44 -26.03
CA ASP C 82 -32.70 9.30 -26.72
C ASP C 82 -32.65 10.01 -28.07
N VAL C 83 -33.32 9.42 -29.06
CA VAL C 83 -33.35 10.01 -30.39
C VAL C 83 -33.98 11.39 -30.34
N ALA C 84 -35.03 11.55 -29.52
CA ALA C 84 -35.71 12.83 -29.43
C ALA C 84 -34.87 13.89 -28.73
N ASN C 85 -33.92 13.49 -27.89
CA ASN C 85 -33.09 14.47 -27.21
C ASN C 85 -31.92 14.92 -28.08
N ILE C 86 -31.27 13.97 -28.77
CA ILE C 86 -30.19 14.33 -29.68
C ILE C 86 -30.71 15.20 -30.80
N ARG C 87 -31.94 14.93 -31.28
CA ARG C 87 -32.54 15.78 -32.30
C ARG C 87 -32.84 17.16 -31.75
N LYS C 88 -33.39 17.24 -30.53
CA LYS C 88 -33.79 18.53 -29.99
C LYS C 88 -32.59 19.40 -29.61
N CYS C 89 -31.44 18.80 -29.35
CA CYS C 89 -30.23 19.57 -29.04
C CYS C 89 -29.58 20.13 -30.31
N LEU C 90 -29.52 19.33 -31.36
CA LEU C 90 -28.78 19.67 -32.57
C LEU C 90 -29.60 20.48 -33.57
N LYS C 91 -30.83 20.85 -33.22
CA LYS C 91 -31.63 21.79 -34.00
C LYS C 91 -32.12 22.97 -33.18
N SER C 92 -31.79 23.03 -31.89
CA SER C 92 -32.20 24.18 -31.07
C SER C 92 -31.62 25.47 -31.61
N ASN C 93 -30.37 25.43 -32.09
CA ASN C 93 -29.76 26.60 -32.70
C ASN C 93 -28.68 26.16 -33.69
N PRO C 94 -28.91 26.30 -35.00
CA PRO C 94 -27.86 25.94 -35.97
C PRO C 94 -26.66 26.88 -35.92
N LYS C 95 -26.81 28.09 -35.40
CA LYS C 95 -25.72 29.05 -35.28
C LYS C 95 -24.86 28.81 -34.05
N SER C 96 -25.00 27.66 -33.40
CA SER C 96 -24.27 27.30 -32.22
C SER C 96 -23.28 26.18 -32.56
N ASN C 97 -22.86 25.43 -31.55
CA ASN C 97 -21.88 24.38 -31.68
C ASN C 97 -22.46 23.06 -31.16
N TYR C 98 -21.80 21.96 -31.52
CA TYR C 98 -22.23 20.64 -31.05
C TYR C 98 -22.11 20.50 -29.53
N PHE C 99 -21.04 21.05 -28.95
CA PHE C 99 -20.74 20.79 -27.55
C PHE C 99 -21.73 21.48 -26.61
N ASP C 100 -22.00 22.76 -26.84
CA ASP C 100 -22.95 23.46 -25.98
C ASP C 100 -24.37 22.96 -26.18
N ALA C 101 -24.67 22.45 -27.38
CA ALA C 101 -26.02 21.98 -27.68
C ALA C 101 -26.42 20.80 -26.80
N MET C 102 -25.51 19.86 -26.60
CA MET C 102 -25.75 18.67 -25.76
C MET C 102 -25.29 18.84 -24.32
N ALA C 103 -24.62 19.95 -24.00
CA ALA C 103 -24.08 20.13 -22.65
C ALA C 103 -25.16 20.17 -21.58
N GLU C 104 -26.24 20.92 -21.83
CA GLU C 104 -27.26 21.06 -20.79
C GLU C 104 -27.99 19.75 -20.53
N SER C 105 -28.30 19.00 -21.58
CA SER C 105 -28.96 17.72 -21.38
C SER C 105 -28.04 16.72 -20.70
N GLU C 106 -26.74 16.77 -21.02
CA GLU C 106 -25.78 15.86 -20.39
C GLU C 106 -25.51 16.26 -18.94
N CYS C 107 -25.70 17.54 -18.60
CA CYS C 107 -25.69 17.91 -17.18
C CYS C 107 -26.89 17.35 -16.46
N GLN C 108 -28.08 17.39 -17.10
CA GLN C 108 -29.29 16.92 -16.44
C GLN C 108 -29.26 15.40 -16.24
N GLN C 109 -28.59 14.67 -17.13
CA GLN C 109 -28.35 13.26 -16.88
C GLN C 109 -27.64 13.06 -15.55
N ILE C 110 -26.70 13.96 -15.21
CA ILE C 110 -25.95 13.79 -13.98
C ILE C 110 -26.85 14.01 -12.76
N ARG C 111 -27.72 15.02 -12.81
CA ARG C 111 -28.62 15.27 -11.69
C ARG C 111 -29.66 14.15 -11.55
N MET C 112 -30.20 13.66 -12.67
CA MET C 112 -31.19 12.59 -12.57
C MET C 112 -30.58 11.32 -12.01
N LEU C 113 -29.37 10.99 -12.43
CA LEU C 113 -28.66 9.86 -11.84
C LEU C 113 -28.33 10.13 -10.37
N HIS C 114 -27.96 11.38 -10.07
CA HIS C 114 -27.79 11.78 -8.68
C HIS C 114 -29.09 11.62 -7.91
N PHE C 115 -30.21 11.91 -8.56
CA PHE C 115 -31.52 11.75 -7.94
C PHE C 115 -31.81 10.29 -7.61
N LEU C 116 -31.48 9.38 -8.54
CA LEU C 116 -31.79 7.97 -8.35
C LEU C 116 -30.91 7.34 -7.29
N PHE C 117 -29.60 7.62 -7.33
CA PHE C 117 -28.66 6.93 -6.46
C PHE C 117 -28.72 7.41 -5.00
N ILE C 118 -29.62 8.33 -4.67
CA ILE C 118 -29.84 8.73 -3.29
C ILE C 118 -31.27 8.47 -2.84
N SER C 119 -32.07 7.77 -3.65
CA SER C 119 -33.46 7.55 -3.30
C SER C 119 -34.03 6.23 -3.79
N CYS C 120 -33.23 5.33 -4.36
CA CYS C 120 -33.73 4.07 -4.90
C CYS C 120 -33.20 2.90 -4.09
N HIS C 121 -34.09 1.98 -3.72
CA HIS C 121 -33.65 0.73 -3.08
C HIS C 121 -32.73 -0.05 -4.00
N PHE C 122 -33.16 -0.24 -5.25
CA PHE C 122 -32.35 -0.89 -6.27
C PHE C 122 -32.30 0.00 -7.51
N ILE C 123 -31.28 -0.24 -8.33
CA ILE C 123 -31.15 0.41 -9.64
C ILE C 123 -30.70 -0.66 -10.63
N ILE C 124 -31.47 -0.84 -11.70
CA ILE C 124 -31.20 -1.86 -12.70
C ILE C 124 -30.65 -1.18 -13.95
N ILE C 125 -29.53 -1.71 -14.45
CA ILE C 125 -28.95 -1.26 -15.72
C ILE C 125 -29.25 -2.29 -16.78
N PHE C 126 -29.76 -1.84 -17.92
CA PHE C 126 -29.99 -2.71 -19.07
C PHE C 126 -28.96 -2.41 -20.15
N GLU C 127 -28.25 -3.45 -20.60
CA GLU C 127 -27.21 -3.27 -21.60
C GLU C 127 -27.33 -4.32 -22.69
N GLN C 128 -27.01 -3.92 -23.92
CA GLN C 128 -27.10 -4.78 -25.08
C GLN C 128 -25.76 -5.19 -25.66
N THR C 129 -24.71 -4.43 -25.37
CA THR C 129 -23.47 -4.50 -26.08
C THR C 129 -22.64 -5.75 -25.78
N SER C 130 -23.05 -6.55 -24.78
CA SER C 130 -22.30 -7.72 -24.32
C SER C 130 -21.03 -7.29 -23.60
N ARG C 131 -20.76 -5.98 -23.60
CA ARG C 131 -19.63 -5.41 -22.87
C ARG C 131 -20.15 -4.30 -21.97
N ILE C 132 -19.57 -4.18 -20.77
CA ILE C 132 -19.97 -3.13 -19.85
C ILE C 132 -19.71 -1.78 -20.47
N ASP C 133 -20.75 -0.94 -20.52
CA ASP C 133 -20.62 0.39 -21.10
C ASP C 133 -19.70 1.22 -20.23
N LEU C 134 -18.49 1.49 -20.74
CA LEU C 134 -17.52 2.25 -19.95
C LEU C 134 -17.82 3.74 -19.90
N GLU C 135 -18.75 4.24 -20.71
CA GLU C 135 -19.09 5.66 -20.63
C GLU C 135 -20.21 5.90 -19.61
N LEU C 136 -21.01 4.89 -19.31
CA LEU C 136 -21.93 4.98 -18.19
C LEU C 136 -21.17 5.10 -16.87
N MET C 137 -20.03 4.42 -16.75
CA MET C 137 -19.28 4.45 -15.50
C MET C 137 -18.53 5.75 -15.31
N ARG C 138 -18.27 6.51 -16.38
CA ARG C 138 -17.75 7.85 -16.22
C ARG C 138 -18.84 8.80 -15.75
N PHE C 139 -20.06 8.62 -16.25
CA PHE C 139 -21.21 9.37 -15.75
C PHE C 139 -21.43 9.10 -14.26
N LEU C 140 -21.43 7.83 -13.87
CA LEU C 140 -21.68 7.48 -12.48
C LEU C 140 -20.55 7.97 -11.56
N LYS C 141 -19.36 8.22 -12.11
CA LYS C 141 -18.27 8.73 -11.29
C LYS C 141 -18.35 10.25 -11.16
N LYS C 142 -18.88 10.93 -12.18
CA LYS C 142 -19.20 12.35 -12.06
C LYS C 142 -20.40 12.56 -11.14
N VAL C 143 -21.37 11.65 -11.18
CA VAL C 143 -22.53 11.74 -10.31
C VAL C 143 -22.11 11.63 -8.86
N ASN C 144 -21.22 10.67 -8.56
CA ASN C 144 -20.74 10.53 -7.18
C ASN C 144 -19.87 11.70 -6.78
N SER C 145 -19.17 12.32 -7.74
CA SER C 145 -18.43 13.53 -7.44
C SER C 145 -19.37 14.69 -7.16
N ALA C 146 -20.43 14.83 -7.96
CA ALA C 146 -21.43 15.85 -7.66
C ALA C 146 -22.16 15.55 -6.36
N ARG C 147 -22.39 14.27 -6.08
CA ARG C 147 -23.05 13.89 -4.83
C ARG C 147 -22.22 14.31 -3.62
N ILE C 148 -20.91 14.03 -3.67
CA ILE C 148 -20.02 14.42 -2.57
C ILE C 148 -20.05 15.93 -2.39
N GLN C 149 -20.11 16.69 -3.49
CA GLN C 149 -20.08 18.14 -3.38
C GLN C 149 -21.38 18.70 -2.81
N LEU C 150 -22.50 17.99 -2.98
CA LEU C 150 -23.79 18.46 -2.53
C LEU C 150 -24.38 17.59 -1.42
N ARG C 151 -23.60 16.65 -0.88
CA ARG C 151 -24.11 15.76 0.16
C ARG C 151 -24.53 16.54 1.40
N LYS C 152 -23.88 17.67 1.68
CA LYS C 152 -24.23 18.49 2.83
C LYS C 152 -25.49 19.31 2.57
N LYS C 153 -25.61 19.90 1.38
CA LYS C 153 -26.74 20.77 1.08
C LYS C 153 -28.04 19.98 0.91
N ILE C 154 -27.96 18.74 0.40
CA ILE C 154 -29.16 17.92 0.29
C ILE C 154 -29.58 17.42 1.66
N ASN C 155 -28.62 17.20 2.55
CA ASN C 155 -28.94 16.73 3.90
C ASN C 155 -29.80 17.74 4.65
N GLN C 156 -29.52 19.04 4.48
CA GLN C 156 -30.34 20.06 5.12
C GLN C 156 -31.76 20.06 4.56
N ARG C 157 -31.95 19.60 3.33
CA ARG C 157 -33.29 19.53 2.76
C ARG C 157 -34.04 18.30 3.26
N LEU C 158 -33.32 17.23 3.59
CA LEU C 158 -33.96 16.06 4.16
C LEU C 158 -34.33 16.25 5.63
N VAL C 159 -33.57 17.07 6.36
CA VAL C 159 -33.95 17.38 7.74
C VAL C 159 -35.10 18.38 7.78
N ALA C 160 -35.13 19.34 6.84
CA ALA C 160 -36.18 20.35 6.84
C ALA C 160 -37.53 19.75 6.47
N SER C 161 -37.54 18.75 5.59
CA SER C 161 -38.76 18.03 5.22
C SER C 161 -39.11 16.92 6.20
N ASP C 162 -38.42 16.88 7.35
CA ASP C 162 -38.49 15.77 8.29
C ASP C 162 -38.45 14.43 7.57
N LEU C 163 -37.30 14.13 6.95
CA LEU C 163 -37.06 12.85 6.31
C LEU C 163 -35.74 12.21 6.69
N ARG C 164 -34.87 12.89 7.44
CA ARG C 164 -33.54 12.36 7.71
C ARG C 164 -33.59 11.18 8.68
N ASP C 165 -34.60 11.12 9.53
CA ASP C 165 -34.79 9.99 10.44
C ASP C 165 -35.74 8.93 9.88
N VAL C 166 -36.01 8.98 8.58
CA VAL C 166 -36.88 8.01 7.92
C VAL C 166 -36.02 6.91 7.34
N SER C 167 -36.23 5.69 7.81
CA SER C 167 -35.45 4.54 7.36
C SER C 167 -35.96 4.04 6.01
N PHE C 168 -35.03 3.62 5.16
CA PHE C 168 -35.40 2.99 3.89
C PHE C 168 -35.45 1.47 3.98
N ASN C 169 -34.73 0.87 4.93
CA ASN C 169 -34.75 -0.58 5.15
C ASN C 169 -34.03 -0.85 6.47
N ASN C 170 -33.68 -2.12 6.72
CA ASN C 170 -33.10 -2.51 7.99
C ASN C 170 -31.69 -1.98 8.19
N ARG C 171 -30.90 -1.87 7.11
CA ARG C 171 -29.46 -1.70 7.26
C ARG C 171 -29.12 -0.43 8.02
N ILE C 172 -28.06 -0.53 8.83
CA ILE C 172 -27.59 0.60 9.63
C ILE C 172 -26.53 1.35 8.83
N LEU C 173 -26.66 2.67 8.79
CA LEU C 173 -25.72 3.54 8.11
C LEU C 173 -25.18 4.58 9.08
N SER C 174 -23.87 4.80 9.05
CA SER C 174 -23.27 5.89 9.80
C SER C 174 -23.75 7.23 9.23
N SER C 175 -23.58 8.29 10.03
CA SER C 175 -23.98 9.61 9.58
C SER C 175 -23.17 10.06 8.37
N ALA C 176 -21.92 9.57 8.25
CA ALA C 176 -21.11 9.92 7.09
C ALA C 176 -21.60 9.20 5.84
N GLU C 177 -22.05 7.96 5.98
CA GLU C 177 -22.56 7.23 4.82
C GLU C 177 -23.92 7.74 4.38
N SER C 178 -24.76 8.13 5.34
CA SER C 178 -26.13 8.54 5.06
C SER C 178 -26.25 9.98 4.56
N GLU C 179 -25.20 10.78 4.69
CA GLU C 179 -25.28 12.21 4.42
C GLU C 179 -25.72 12.47 2.98
N GLY C 180 -26.81 13.22 2.82
CA GLY C 180 -27.32 13.60 1.53
C GLY C 180 -28.14 12.53 0.82
N ARG C 181 -28.22 11.33 1.37
CA ARG C 181 -28.96 10.24 0.76
C ARG C 181 -29.96 9.68 1.75
N MET C 182 -30.80 8.77 1.26
CA MET C 182 -31.70 8.01 2.10
C MET C 182 -31.36 6.52 2.13
N VAL C 183 -30.44 6.07 1.27
CA VAL C 183 -30.09 4.67 1.13
C VAL C 183 -28.82 4.59 0.29
N VAL C 184 -28.03 3.53 0.47
CA VAL C 184 -26.98 3.21 -0.48
C VAL C 184 -27.55 2.14 -1.41
N PRO C 185 -27.93 2.51 -2.64
CA PRO C 185 -28.67 1.57 -3.50
C PRO C 185 -27.84 0.36 -3.88
N ARG C 186 -28.52 -0.78 -4.01
CA ARG C 186 -27.90 -1.96 -4.59
C ARG C 186 -28.09 -1.95 -6.09
N LEU C 187 -27.00 -2.13 -6.82
CA LEU C 187 -26.99 -1.96 -8.27
C LEU C 187 -27.07 -3.31 -8.94
N LEU C 188 -27.93 -3.42 -9.96
CA LEU C 188 -28.08 -4.63 -10.74
C LEU C 188 -27.94 -4.28 -12.22
N ILE C 189 -27.58 -5.28 -13.01
CA ILE C 189 -27.35 -5.11 -14.44
C ILE C 189 -27.85 -6.35 -15.16
N ALA C 190 -28.58 -6.14 -16.26
CA ALA C 190 -29.12 -7.22 -17.07
C ALA C 190 -28.64 -7.05 -18.50
N PHE C 191 -27.94 -8.06 -19.01
CA PHE C 191 -27.49 -8.08 -20.39
C PHE C 191 -28.45 -8.93 -21.21
N GLN C 192 -28.56 -8.60 -22.49
CA GLN C 192 -29.41 -9.36 -23.41
C GLN C 192 -28.55 -10.05 -24.46
N ARG C 193 -28.57 -11.37 -24.45
CA ARG C 193 -27.92 -12.15 -25.49
C ARG C 193 -28.76 -12.14 -26.76
N ASN C 194 -28.10 -12.04 -27.90
CA ASN C 194 -28.80 -12.06 -29.18
C ASN C 194 -28.37 -13.25 -30.01
N ASN C 217 -20.07 -16.35 -14.77
CA ASN C 217 -19.87 -15.54 -13.58
C ASN C 217 -19.31 -14.17 -13.94
N LEU C 218 -20.21 -13.26 -14.32
CA LEU C 218 -19.88 -11.87 -14.63
C LEU C 218 -19.85 -10.96 -13.41
N ASP C 219 -20.30 -11.46 -12.25
CA ASP C 219 -20.37 -10.62 -11.05
C ASP C 219 -19.00 -10.05 -10.68
N ASN C 220 -17.96 -10.88 -10.68
CA ASN C 220 -16.62 -10.38 -10.36
C ASN C 220 -16.16 -9.37 -11.39
N GLN C 221 -16.44 -9.61 -12.68
CA GLN C 221 -16.12 -8.62 -13.71
C GLN C 221 -16.81 -7.30 -13.43
N PHE C 222 -18.12 -7.33 -13.24
CA PHE C 222 -18.88 -6.12 -12.93
C PHE C 222 -18.35 -5.47 -11.65
N SER C 223 -17.99 -6.29 -10.66
CA SER C 223 -17.50 -5.75 -9.39
C SER C 223 -16.21 -4.96 -9.59
N ASP C 224 -15.27 -5.51 -10.35
CA ASP C 224 -13.95 -4.88 -10.46
C ASP C 224 -14.03 -3.52 -11.15
N ILE C 225 -14.82 -3.41 -12.21
CA ILE C 225 -14.96 -2.12 -12.90
C ILE C 225 -15.61 -1.09 -11.97
N LEU C 226 -16.59 -1.51 -11.16
CA LEU C 226 -17.21 -0.59 -10.22
C LEU C 226 -16.22 -0.09 -9.18
N LYS C 227 -15.23 -0.91 -8.82
CA LYS C 227 -14.19 -0.45 -7.92
C LYS C 227 -13.18 0.45 -8.64
N LEU C 228 -13.02 0.25 -9.95
CA LEU C 228 -12.06 1.05 -10.71
C LEU C 228 -12.45 2.52 -10.75
N TYR C 229 -13.74 2.82 -10.65
CA TYR C 229 -14.23 4.19 -10.62
C TYR C 229 -14.60 4.63 -9.21
N ASP C 230 -14.18 3.87 -8.19
CA ASP C 230 -14.43 4.18 -6.79
C ASP C 230 -15.91 4.44 -6.51
N LEU C 231 -16.77 3.57 -7.08
CA LEU C 231 -18.20 3.66 -6.85
C LEU C 231 -18.71 2.66 -5.82
N ILE C 232 -17.95 1.61 -5.53
CA ILE C 232 -18.31 0.65 -4.50
C ILE C 232 -17.08 0.38 -3.65
N ASP C 233 -17.32 -0.19 -2.47
CA ASP C 233 -16.26 -0.53 -1.51
C ASP C 233 -15.36 0.67 -1.21
N CYS C 234 -16.00 1.82 -0.97
CA CYS C 234 -15.28 3.02 -0.56
C CYS C 234 -15.92 3.67 0.66
N GLY C 235 -16.72 2.91 1.41
CA GLY C 235 -17.30 3.46 2.63
C GLY C 235 -18.31 4.55 2.31
N ALA C 236 -18.18 5.68 3.02
CA ALA C 236 -19.08 6.80 2.78
C ALA C 236 -18.89 7.42 1.40
N SER C 237 -17.76 7.16 0.76
CA SER C 237 -17.49 7.69 -0.57
C SER C 237 -18.09 6.83 -1.68
N SER C 238 -18.74 5.73 -1.33
CA SER C 238 -19.35 4.85 -2.32
C SER C 238 -20.64 5.46 -2.86
N LEU C 239 -20.93 5.15 -4.12
CA LEU C 239 -22.19 5.59 -4.74
C LEU C 239 -23.26 4.51 -4.65
N CYS C 240 -22.87 3.24 -4.57
CA CYS C 240 -23.79 2.12 -4.48
C CYS C 240 -23.05 0.94 -3.88
N GLN C 241 -23.69 -0.21 -3.86
CA GLN C 241 -23.06 -1.44 -3.39
C GLN C 241 -23.68 -2.60 -4.16
N LEU C 242 -23.16 -3.80 -3.91
CA LEU C 242 -23.62 -5.01 -4.56
C LEU C 242 -24.01 -6.04 -3.52
N ASN C 243 -24.78 -7.03 -3.94
CA ASN C 243 -25.27 -8.04 -3.01
C ASN C 243 -24.12 -8.93 -2.54
N GLU C 244 -24.39 -9.68 -1.48
CA GLU C 244 -23.44 -10.65 -0.94
C GLU C 244 -23.66 -12.02 -1.57
N THR C 245 -24.89 -12.55 -1.45
CA THR C 245 -25.24 -13.85 -2.01
C THR C 245 -26.06 -13.76 -3.29
N ILE C 246 -26.92 -12.76 -3.42
CA ILE C 246 -27.94 -12.73 -4.46
C ILE C 246 -27.32 -12.22 -5.76
N PRO C 247 -27.64 -12.81 -6.91
CA PRO C 247 -26.98 -12.43 -8.16
C PRO C 247 -27.20 -10.95 -8.48
N VAL C 248 -26.16 -10.34 -9.05
CA VAL C 248 -26.18 -8.93 -9.44
C VAL C 248 -26.35 -8.85 -10.96
N VAL C 249 -25.85 -9.87 -11.66
CA VAL C 249 -25.83 -9.89 -13.11
C VAL C 249 -26.87 -10.90 -13.57
N HIS C 250 -27.61 -10.55 -14.63
CA HIS C 250 -28.57 -11.44 -15.23
C HIS C 250 -28.45 -11.36 -16.74
N LEU C 251 -28.79 -12.45 -17.42
CA LEU C 251 -28.76 -12.53 -18.87
C LEU C 251 -30.18 -12.80 -19.36
N LEU C 252 -30.70 -11.91 -20.20
CA LEU C 252 -32.05 -12.03 -20.74
C LEU C 252 -32.02 -12.86 -22.02
N ASN C 253 -33.22 -13.14 -22.53
CA ASN C 253 -33.38 -13.88 -23.76
C ASN C 253 -34.31 -13.11 -24.70
N PRO C 254 -34.04 -13.13 -26.00
CA PRO C 254 -34.85 -12.39 -26.98
C PRO C 254 -36.24 -13.00 -27.17
N ASN C 288 -39.43 -14.58 -20.04
CA ASN C 288 -39.68 -13.53 -19.07
C ASN C 288 -39.68 -14.07 -17.65
N ASN C 289 -40.02 -15.36 -17.52
CA ASN C 289 -40.11 -15.97 -16.20
C ASN C 289 -38.76 -16.01 -15.49
N SER C 290 -37.67 -16.11 -16.24
CA SER C 290 -36.36 -16.17 -15.62
C SER C 290 -35.88 -14.80 -15.17
N PHE C 291 -36.37 -13.72 -15.79
CA PHE C 291 -35.92 -12.39 -15.40
C PHE C 291 -36.67 -11.88 -14.18
N VAL C 292 -37.99 -12.09 -14.13
CA VAL C 292 -38.77 -11.64 -12.98
C VAL C 292 -38.34 -12.37 -11.71
N LYS C 293 -37.87 -13.62 -11.84
CA LYS C 293 -37.36 -14.31 -10.66
C LYS C 293 -36.05 -13.69 -10.20
N PHE C 294 -35.27 -13.14 -11.14
CA PHE C 294 -34.04 -12.44 -10.77
C PHE C 294 -34.36 -11.14 -10.04
N LEU C 295 -35.49 -10.51 -10.36
CA LEU C 295 -35.89 -9.29 -9.67
C LEU C 295 -36.50 -9.59 -8.31
N GLU C 296 -37.38 -10.60 -8.22
CA GLU C 296 -38.02 -10.92 -6.95
C GLU C 296 -37.01 -11.46 -5.94
N ASP C 297 -35.94 -12.12 -6.41
CA ASP C 297 -34.88 -12.54 -5.51
C ASP C 297 -34.23 -11.35 -4.83
N ASN C 298 -34.09 -10.24 -5.54
CA ASN C 298 -33.54 -9.03 -4.95
C ASN C 298 -34.58 -8.27 -4.14
N PHE C 299 -35.82 -8.21 -4.63
CA PHE C 299 -36.84 -7.41 -3.96
C PHE C 299 -37.29 -8.07 -2.66
N ARG C 300 -37.51 -9.38 -2.68
CA ARG C 300 -38.01 -10.08 -1.50
C ARG C 300 -36.94 -10.31 -0.43
N SER C 301 -35.68 -10.01 -0.72
CA SER C 301 -34.63 -10.07 0.29
C SER C 301 -34.58 -8.83 1.17
N GLU C 302 -35.60 -7.98 1.07
CA GLU C 302 -35.62 -6.71 1.79
C GLU C 302 -37.06 -6.39 2.12
N LYS C 303 -37.40 -6.41 3.41
CA LYS C 303 -38.76 -6.11 3.82
C LYS C 303 -39.04 -4.63 3.62
N ASN C 304 -40.20 -4.32 3.04
CA ASN C 304 -40.57 -2.94 2.79
C ASN C 304 -40.67 -2.18 4.11
N GLU C 305 -40.32 -0.89 4.07
CA GLU C 305 -40.20 -0.16 5.33
C GLU C 305 -40.69 1.29 5.21
N ILE C 306 -40.29 2.01 4.17
CA ILE C 306 -40.69 3.40 4.06
C ILE C 306 -42.10 3.49 3.49
N SER C 307 -42.93 4.29 4.15
CA SER C 307 -44.30 4.49 3.71
C SER C 307 -44.32 5.24 2.39
N LEU C 308 -45.40 5.02 1.62
CA LEU C 308 -45.60 5.79 0.40
C LEU C 308 -45.65 7.27 0.68
N GLU C 309 -46.17 7.67 1.85
CA GLU C 309 -46.24 9.09 2.17
C GLU C 309 -44.85 9.71 2.28
N ASN C 310 -43.88 9.02 2.92
CA ASN C 310 -42.54 9.56 3.00
C ASN C 310 -41.79 9.47 1.68
N VAL C 311 -42.27 8.65 0.74
CA VAL C 311 -41.67 8.63 -0.58
C VAL C 311 -42.20 9.78 -1.44
N ILE C 312 -43.49 10.09 -1.31
CA ILE C 312 -44.05 11.21 -2.06
C ILE C 312 -43.33 12.51 -1.72
N GLU C 313 -43.08 12.76 -0.43
CA GLU C 313 -42.37 13.98 -0.05
C GLU C 313 -40.86 13.85 -0.33
N LEU C 314 -40.36 12.63 -0.51
CA LEU C 314 -38.97 12.47 -0.92
C LEU C 314 -38.76 12.97 -2.34
N MET C 315 -39.62 12.55 -3.27
CA MET C 315 -39.49 13.01 -4.63
C MET C 315 -39.79 14.51 -4.73
N ASN C 316 -40.60 15.02 -3.82
CA ASN C 316 -40.82 16.46 -3.71
C ASN C 316 -39.62 17.17 -3.12
N CYS C 317 -38.92 16.54 -2.18
CA CYS C 317 -37.76 17.17 -1.56
C CYS C 317 -36.58 17.26 -2.53
N LEU C 318 -36.32 16.19 -3.28
CA LEU C 318 -35.18 16.13 -4.18
C LEU C 318 -35.45 16.76 -5.55
N GLN C 319 -36.51 17.57 -5.69
CA GLN C 319 -36.69 18.31 -6.93
C GLN C 319 -35.59 19.36 -7.11
N CYS C 320 -35.04 19.87 -6.01
CA CYS C 320 -33.94 20.83 -6.09
C CYS C 320 -32.72 20.22 -6.77
N VAL C 321 -32.51 18.91 -6.62
CA VAL C 321 -31.40 18.25 -7.30
C VAL C 321 -31.64 18.23 -8.80
N LEU C 322 -32.88 17.97 -9.22
CA LEU C 322 -33.21 17.99 -10.64
C LEU C 322 -33.21 19.40 -11.21
N ASP C 323 -33.42 20.42 -10.39
CA ASP C 323 -33.46 21.80 -10.83
C ASP C 323 -32.16 22.55 -10.58
N GLY C 324 -31.18 21.89 -9.95
CA GLY C 324 -29.90 22.55 -9.69
C GLY C 324 -29.99 23.74 -8.76
N ASP C 325 -30.98 23.76 -7.86
CA ASP C 325 -31.15 24.89 -6.95
C ASP C 325 -30.01 25.04 -5.96
N LEU C 326 -29.19 24.00 -5.77
CA LEU C 326 -28.14 24.00 -4.77
C LEU C 326 -26.75 24.18 -5.38
N GLU C 327 -26.65 24.28 -6.70
CA GLU C 327 -25.36 24.38 -7.38
C GLU C 327 -24.97 25.84 -7.57
N GLU C 328 -23.67 26.05 -7.77
CA GLU C 328 -23.17 27.38 -8.10
C GLU C 328 -23.48 27.71 -9.55
N LYS C 329 -23.72 28.99 -9.81
CA LYS C 329 -24.12 29.42 -11.14
C LYS C 329 -22.97 29.26 -12.14
N HIS C 330 -23.33 28.98 -13.39
CA HIS C 330 -22.40 28.89 -14.52
C HIS C 330 -21.33 27.82 -14.26
N GLU C 331 -21.80 26.58 -14.23
CA GLU C 331 -20.94 25.41 -14.11
C GLU C 331 -20.92 24.68 -15.44
N LYS C 332 -19.77 24.69 -16.10
CA LYS C 332 -19.64 24.09 -17.42
C LYS C 332 -19.15 22.65 -17.32
N THR C 333 -19.49 21.84 -18.33
CA THR C 333 -19.04 20.47 -18.40
C THR C 333 -17.52 20.42 -18.59
N ALA C 334 -16.96 19.23 -18.38
CA ALA C 334 -15.52 19.03 -18.61
C ALA C 334 -15.14 19.36 -20.04
N ILE C 335 -15.99 19.01 -21.01
CA ILE C 335 -15.69 19.30 -22.40
C ILE C 335 -15.77 20.80 -22.67
N GLN C 336 -16.76 21.47 -22.07
CA GLN C 336 -16.90 22.91 -22.27
C GLN C 336 -15.69 23.67 -21.75
N THR C 337 -15.19 23.31 -20.57
CA THR C 337 -13.99 23.95 -20.05
C THR C 337 -12.77 23.64 -20.92
N PHE C 338 -12.72 22.45 -21.51
CA PHE C 338 -11.61 22.11 -22.39
C PHE C 338 -11.63 22.96 -23.65
N ILE C 339 -12.81 23.15 -24.25
CA ILE C 339 -12.91 23.96 -25.45
C ILE C 339 -12.56 25.41 -25.14
N LYS C 340 -13.10 25.94 -24.05
CA LYS C 340 -12.86 27.34 -23.70
C LYS C 340 -11.41 27.59 -23.32
N ARG C 341 -10.72 26.60 -22.75
CA ARG C 341 -9.35 26.81 -22.30
C ARG C 341 -8.36 26.76 -23.45
N ILE C 342 -8.58 25.86 -24.41
CA ILE C 342 -7.67 25.79 -25.55
C ILE C 342 -7.93 26.93 -26.51
N GLN C 343 -9.15 27.47 -26.53
CA GLN C 343 -9.45 28.62 -27.37
C GLN C 343 -8.92 29.92 -26.77
N ASN C 344 -8.87 30.01 -25.44
CA ASN C 344 -8.20 31.14 -24.82
C ASN C 344 -6.71 31.11 -25.10
N ASP C 345 -6.12 29.91 -25.14
CA ASP C 345 -4.71 29.79 -25.49
C ASP C 345 -4.49 30.10 -26.96
N HIS C 346 -5.41 29.65 -27.83
CA HIS C 346 -5.30 29.93 -29.25
C HIS C 346 -5.39 31.42 -29.52
N MET C 347 -6.23 32.13 -28.76
CA MET C 347 -6.31 33.58 -28.90
C MET C 347 -5.07 34.25 -28.35
N GLU C 348 -4.45 33.69 -27.32
CA GLU C 348 -3.24 34.29 -26.75
C GLU C 348 -2.05 34.10 -27.67
N GLU C 349 -1.96 32.94 -28.33
CA GLU C 349 -0.86 32.71 -29.27
C GLU C 349 -1.02 33.56 -30.52
N ALA C 350 -2.27 33.81 -30.94
CA ALA C 350 -2.49 34.69 -32.08
C ALA C 350 -2.04 36.11 -31.77
N ARG C 351 -2.23 36.56 -30.53
CA ARG C 351 -1.71 37.87 -30.13
C ARG C 351 -0.19 37.86 -30.12
N ARG C 352 0.41 36.74 -29.71
CA ARG C 352 1.87 36.61 -29.78
C ARG C 352 2.36 36.62 -31.21
N LEU C 353 1.60 36.01 -32.13
CA LEU C 353 1.98 36.04 -33.54
C LEU C 353 1.86 37.44 -34.12
N TYR C 354 0.92 38.24 -33.62
CA TYR C 354 0.82 39.62 -34.04
C TYR C 354 2.03 40.42 -33.55
N THR C 355 2.48 40.15 -32.34
CA THR C 355 3.63 40.83 -31.74
C THR C 355 4.94 40.37 -32.35
N PHE C 388 1.27 42.25 -40.54
CA PHE C 388 1.44 40.89 -40.05
C PHE C 388 0.11 40.26 -39.65
N ASN C 389 -0.77 40.07 -40.63
CA ASN C 389 -2.04 39.37 -40.42
C ASN C 389 -1.89 37.87 -40.69
N GLU C 390 -0.89 37.28 -40.04
CA GLU C 390 -0.67 35.84 -40.07
C GLU C 390 -1.36 35.13 -38.92
N ALA C 391 -1.75 35.85 -37.88
CA ALA C 391 -2.52 35.27 -36.79
C ALA C 391 -3.91 34.86 -37.25
N THR C 392 -4.45 35.53 -38.28
CA THR C 392 -5.73 35.13 -38.83
C THR C 392 -5.62 33.75 -39.49
N HIS C 393 -4.56 33.54 -40.27
CA HIS C 393 -4.34 32.25 -40.91
C HIS C 393 -4.06 31.15 -39.90
N TYR C 394 -3.63 31.50 -38.68
CA TYR C 394 -3.33 30.49 -37.67
C TYR C 394 -4.60 29.94 -37.00
N ILE C 395 -5.53 30.83 -36.63
CA ILE C 395 -6.75 30.35 -35.98
C ILE C 395 -7.69 29.70 -37.00
N ASP C 396 -7.64 30.15 -38.25
CA ASP C 396 -8.40 29.48 -39.30
C ASP C 396 -7.92 28.04 -39.49
N SER C 397 -6.70 27.73 -39.03
CA SER C 397 -6.14 26.40 -39.11
C SER C 397 -6.39 25.61 -37.83
N VAL C 398 -6.67 26.28 -36.73
CA VAL C 398 -6.59 25.68 -35.41
C VAL C 398 -7.92 25.66 -34.67
N VAL C 399 -8.76 26.67 -34.89
CA VAL C 399 -10.01 26.85 -34.14
C VAL C 399 -11.15 26.21 -34.94
N GLY C 400 -11.87 25.29 -34.31
CA GLY C 400 -12.96 24.60 -34.98
C GLY C 400 -14.35 25.10 -34.64
N VAL C 401 -14.69 25.12 -33.36
CA VAL C 401 -16.00 25.61 -32.92
C VAL C 401 -15.86 27.10 -32.60
N ASN C 402 -16.94 27.83 -32.84
CA ASN C 402 -16.95 29.29 -32.68
C ASN C 402 -15.87 29.96 -33.51
N SER C 403 -15.59 29.37 -34.69
CA SER C 403 -14.49 29.86 -35.52
C SER C 403 -14.77 31.26 -36.05
N ARG C 404 -16.01 31.53 -36.47
CA ARG C 404 -16.35 32.86 -36.96
C ARG C 404 -16.20 33.91 -35.88
N GLU C 405 -16.66 33.62 -34.66
CA GLU C 405 -16.56 34.57 -33.56
C GLU C 405 -15.11 34.73 -33.10
N ALA C 406 -14.32 33.65 -33.14
CA ALA C 406 -12.94 33.73 -32.68
C ALA C 406 -12.09 34.61 -33.59
N LEU C 407 -12.32 34.52 -34.90
CA LEU C 407 -11.54 35.32 -35.85
C LEU C 407 -11.82 36.81 -35.69
N SER C 408 -13.10 37.18 -35.52
CA SER C 408 -13.46 38.58 -35.44
C SER C 408 -13.01 39.21 -34.12
N GLN C 409 -12.94 38.43 -33.05
CA GLN C 409 -12.46 38.96 -31.78
C GLN C 409 -10.97 39.24 -31.77
N LEU C 410 -10.20 38.63 -32.68
CA LEU C 410 -8.77 38.90 -32.76
C LEU C 410 -8.43 39.99 -33.76
N GLN C 411 -9.21 40.11 -34.84
CA GLN C 411 -9.03 41.24 -35.75
C GLN C 411 -9.32 42.57 -35.07
N ALA C 412 -10.25 42.57 -34.11
CA ALA C 412 -10.58 43.80 -33.41
C ALA C 412 -9.64 44.07 -32.24
N GLN C 413 -9.12 43.02 -31.60
CA GLN C 413 -8.23 43.21 -30.47
C GLN C 413 -6.83 43.62 -30.92
N CYS C 414 -6.43 43.23 -32.13
CA CYS C 414 -5.18 43.70 -32.69
C CYS C 414 -5.31 45.06 -33.35
N ASN C 415 -6.54 45.47 -33.71
CA ASN C 415 -6.77 46.83 -34.18
C ASN C 415 -6.56 47.83 -33.04
N GLU C 416 -6.98 47.48 -31.83
CA GLU C 416 -6.75 48.34 -30.68
C GLU C 416 -5.27 48.40 -30.31
N MET C 417 -4.53 47.32 -30.54
CA MET C 417 -3.10 47.28 -30.26
C MET C 417 -2.30 48.09 -31.27
N MET D 1 3.11 -5.38 -50.33
CA MET D 1 3.39 -5.91 -49.01
C MET D 1 2.73 -7.27 -48.79
N LYS D 2 3.40 -8.13 -48.03
CA LYS D 2 2.84 -9.44 -47.71
C LYS D 2 1.79 -9.35 -46.61
N GLU D 3 2.00 -8.47 -45.63
CA GLU D 3 1.12 -8.37 -44.48
C GLU D 3 1.11 -6.94 -43.97
N SER D 4 0.41 -6.73 -42.86
CA SER D 4 0.44 -5.45 -42.19
C SER D 4 1.73 -5.33 -41.39
N VAL D 5 2.23 -4.11 -41.26
CA VAL D 5 3.43 -3.82 -40.50
C VAL D 5 3.17 -2.71 -39.49
N ARG D 6 3.96 -2.73 -38.42
CA ARG D 6 3.80 -1.76 -37.34
C ARG D 6 4.19 -0.37 -37.84
N PHE D 7 3.25 0.58 -37.77
CA PHE D 7 3.46 1.93 -38.24
C PHE D 7 4.18 2.82 -37.23
N LEU D 8 4.10 2.49 -35.94
CA LEU D 8 4.74 3.25 -34.88
C LEU D 8 5.66 2.34 -34.06
N THR D 9 6.66 2.94 -33.42
CA THR D 9 7.40 2.23 -32.40
C THR D 9 7.01 2.76 -31.02
N ASP D 10 7.97 2.91 -30.10
CA ASP D 10 7.65 3.32 -28.75
C ASP D 10 7.40 4.83 -28.64
N PHE D 11 6.61 5.19 -27.63
CA PHE D 11 6.22 6.58 -27.36
C PHE D 11 5.55 7.23 -28.56
N GLY D 12 4.87 6.43 -29.38
CA GLY D 12 4.16 7.01 -30.49
C GLY D 12 5.04 7.54 -31.60
N GLU D 13 6.29 7.11 -31.65
CA GLU D 13 7.16 7.45 -32.77
C GLU D 13 6.90 6.53 -33.95
N ILE D 14 7.00 7.08 -35.15
CA ILE D 14 6.74 6.31 -36.36
C ILE D 14 7.93 5.42 -36.65
N SER D 15 7.67 4.16 -36.95
CA SER D 15 8.73 3.21 -37.24
C SER D 15 9.53 3.67 -38.46
N ASP D 16 10.85 3.47 -38.40
CA ASP D 16 11.73 3.84 -39.50
C ASP D 16 11.59 2.92 -40.71
N ALA D 17 10.78 1.87 -40.64
CA ALA D 17 10.64 0.89 -41.70
C ALA D 17 9.62 1.28 -42.77
N ILE D 18 8.76 2.26 -42.52
CA ILE D 18 7.70 2.59 -43.47
C ILE D 18 8.14 3.52 -44.59
N SER D 19 9.23 4.27 -44.41
CA SER D 19 9.64 5.22 -45.46
C SER D 19 10.03 4.49 -46.73
N ASP D 20 10.65 3.32 -46.61
CA ASP D 20 10.95 2.50 -47.77
C ASP D 20 9.75 1.75 -48.30
N LEU D 21 8.61 1.77 -47.59
CA LEU D 21 7.40 1.11 -48.07
C LEU D 21 6.62 1.96 -49.06
N LEU D 22 6.88 3.26 -49.11
CA LEU D 22 6.13 4.18 -49.94
C LEU D 22 6.85 4.45 -51.26
N THR D 23 6.11 5.04 -52.20
CA THR D 23 6.58 5.34 -53.54
C THR D 23 6.51 6.86 -53.77
N SER D 24 6.94 7.28 -54.96
CA SER D 24 6.89 8.68 -55.37
C SER D 24 5.64 9.02 -56.16
N SER D 25 4.48 8.54 -55.71
CA SER D 25 3.23 8.71 -56.42
C SER D 25 2.35 9.74 -55.72
N PRO D 26 1.81 10.71 -56.45
CA PRO D 26 0.84 11.65 -55.87
C PRO D 26 -0.61 11.19 -55.96
N ASN D 27 -0.85 10.01 -56.53
CA ASN D 27 -2.21 9.49 -56.68
C ASN D 27 -2.47 8.38 -55.66
N PHE D 28 -2.32 8.74 -54.39
CA PHE D 28 -2.48 7.79 -53.31
C PHE D 28 -3.66 8.19 -52.43
N ASN D 29 -4.23 7.21 -51.75
CA ASN D 29 -5.38 7.41 -50.90
C ASN D 29 -5.13 6.72 -49.56
N VAL D 30 -5.34 7.45 -48.47
CA VAL D 30 -5.11 6.95 -47.12
C VAL D 30 -6.47 6.75 -46.48
N ILE D 31 -6.68 5.56 -45.90
CA ILE D 31 -7.94 5.21 -45.27
C ILE D 31 -7.65 4.61 -43.90
N SER D 32 -8.12 5.28 -42.85
CA SER D 32 -8.00 4.80 -41.48
C SER D 32 -9.30 4.15 -41.04
N ALA D 33 -9.24 3.45 -39.91
CA ALA D 33 -10.41 2.80 -39.34
C ALA D 33 -10.33 2.85 -37.82
N ILE D 34 -11.41 3.27 -37.18
CA ILE D 34 -11.46 3.33 -35.72
C ILE D 34 -12.72 2.63 -35.24
N GLY D 35 -12.68 2.20 -33.98
CA GLY D 35 -13.82 1.54 -33.37
C GLY D 35 -13.41 0.54 -32.30
N PRO D 36 -14.39 0.00 -31.58
CA PRO D 36 -14.10 -0.98 -30.52
C PRO D 36 -13.61 -2.32 -31.04
N GLN D 37 -13.42 -3.27 -30.11
CA GLN D 37 -12.76 -4.54 -30.44
C GLN D 37 -13.61 -5.39 -31.37
N GLY D 38 -14.80 -5.79 -30.92
CA GLY D 38 -15.55 -6.82 -31.61
C GLY D 38 -16.29 -6.32 -32.83
N ALA D 39 -15.89 -5.17 -33.36
CA ALA D 39 -16.57 -4.62 -34.52
C ALA D 39 -16.07 -5.21 -35.83
N GLY D 40 -14.97 -5.95 -35.81
CA GLY D 40 -14.46 -6.54 -37.03
C GLY D 40 -13.72 -5.59 -37.94
N LYS D 41 -13.31 -4.42 -37.43
CA LYS D 41 -12.72 -3.40 -38.29
C LYS D 41 -11.49 -3.92 -39.03
N SER D 42 -10.68 -4.75 -38.37
CA SER D 42 -9.49 -5.28 -39.03
C SER D 42 -9.88 -6.26 -40.13
N THR D 43 -10.88 -7.11 -39.87
CA THR D 43 -11.36 -8.02 -40.90
C THR D 43 -12.00 -7.24 -42.05
N LEU D 44 -12.69 -6.14 -41.74
CA LEU D 44 -13.35 -5.36 -42.77
C LEU D 44 -12.36 -4.52 -43.57
N LEU D 45 -11.42 -3.84 -42.89
CA LEU D 45 -10.44 -3.04 -43.59
C LEU D 45 -9.49 -3.90 -44.42
N SER D 46 -9.37 -5.19 -44.08
CA SER D 46 -8.55 -6.10 -44.87
C SER D 46 -9.17 -6.38 -46.23
N MET D 47 -10.49 -6.19 -46.35
CA MET D 47 -11.20 -6.55 -47.57
C MET D 47 -11.28 -5.39 -48.56
N LEU D 48 -11.08 -4.16 -48.11
CA LEU D 48 -10.72 -3.08 -49.03
C LEU D 48 -9.27 -3.17 -49.47
N ALA D 49 -8.46 -3.96 -48.77
CA ALA D 49 -7.09 -4.22 -49.19
C ALA D 49 -6.99 -5.29 -50.27
N GLY D 50 -8.02 -6.12 -50.41
CA GLY D 50 -8.04 -7.11 -51.47
C GLY D 50 -8.36 -8.53 -51.03
N ASN D 51 -8.85 -8.68 -49.80
CA ASN D 51 -9.18 -10.00 -49.29
C ASN D 51 -10.60 -10.38 -49.68
N ASN D 52 -10.78 -11.65 -50.04
CA ASN D 52 -12.08 -12.19 -50.44
C ASN D 52 -12.80 -12.81 -49.25
N SER D 53 -14.13 -12.90 -49.39
CA SER D 53 -14.94 -13.45 -48.31
C SER D 53 -14.64 -14.92 -48.06
N ARG D 54 -14.29 -15.67 -49.10
CA ARG D 54 -14.00 -17.09 -48.96
C ARG D 54 -12.56 -17.35 -48.54
N GLN D 55 -11.71 -16.33 -48.53
CA GLN D 55 -10.29 -16.53 -48.21
C GLN D 55 -10.11 -16.97 -46.76
N MET D 56 -9.01 -17.67 -46.52
CA MET D 56 -8.70 -18.16 -45.18
C MET D 56 -8.33 -17.01 -44.24
N TYR D 57 -8.35 -17.31 -42.95
CA TYR D 57 -8.02 -16.30 -41.94
C TYR D 57 -6.55 -15.92 -41.97
N ARG D 58 -5.67 -16.86 -42.30
CA ARG D 58 -4.24 -16.57 -42.34
C ARG D 58 -3.87 -15.63 -43.48
N GLU D 59 -4.73 -15.47 -44.48
CA GLU D 59 -4.45 -14.59 -45.61
C GLU D 59 -4.92 -13.17 -45.39
N TYR D 60 -5.64 -12.90 -44.30
CA TYR D 60 -6.07 -11.53 -44.00
C TYR D 60 -4.86 -10.65 -43.69
N VAL D 61 -4.82 -9.46 -44.30
CA VAL D 61 -3.66 -8.60 -44.11
C VAL D 61 -3.65 -8.00 -42.72
N PHE D 62 -4.82 -7.71 -42.14
CA PHE D 62 -4.92 -7.17 -40.80
C PHE D 62 -5.51 -8.25 -39.89
N ARG D 63 -4.64 -9.19 -39.50
CA ARG D 63 -5.03 -10.25 -38.57
C ARG D 63 -5.38 -9.70 -37.20
N ARG D 74 6.01 -4.46 -19.02
CA ARG D 74 6.16 -3.39 -20.01
C ARG D 74 5.44 -3.74 -21.30
N HIS D 75 4.69 -2.77 -21.83
CA HIS D 75 3.92 -2.99 -23.05
C HIS D 75 3.87 -1.69 -23.85
N GLN D 76 3.60 -1.84 -25.15
CA GLN D 76 3.48 -0.70 -26.05
C GLN D 76 2.05 -0.16 -25.97
N THR D 77 1.92 1.08 -25.49
CA THR D 77 0.59 1.62 -25.18
C THR D 77 -0.24 1.81 -26.45
N ILE D 78 0.23 2.65 -27.36
CA ILE D 78 -0.49 2.96 -28.59
C ILE D 78 0.29 2.41 -29.78
N GLN D 79 -0.45 1.98 -30.80
CA GLN D 79 0.17 1.55 -32.05
C GLN D 79 -0.88 1.50 -33.15
N ILE D 80 -0.43 1.73 -34.40
CA ILE D 80 -1.28 1.72 -35.59
C ILE D 80 -0.64 0.78 -36.60
N ASP D 81 -1.43 -0.02 -37.28
CA ASP D 81 -0.93 -0.96 -38.28
C ASP D 81 -1.21 -0.41 -39.69
N ILE D 82 -0.15 -0.30 -40.48
CA ILE D 82 -0.22 0.21 -41.85
C ILE D 82 -0.17 -0.96 -42.82
N TYR D 83 -0.80 -0.77 -43.99
CA TYR D 83 -0.75 -1.72 -45.09
C TYR D 83 -0.96 -0.97 -46.40
N ILE D 84 -0.27 -1.40 -47.44
CA ILE D 84 -0.26 -0.71 -48.73
C ILE D 84 -0.46 -1.73 -49.84
N VAL D 85 -1.58 -1.64 -50.55
CA VAL D 85 -1.76 -2.30 -51.83
C VAL D 85 -1.86 -1.24 -52.91
N ASN D 86 -1.19 -1.48 -54.03
CA ASN D 86 -1.13 -0.52 -55.15
C ASN D 86 -0.53 0.76 -54.58
N HIS D 87 -1.24 1.88 -54.60
CA HIS D 87 -0.85 3.09 -53.88
C HIS D 87 -1.93 3.46 -52.87
N GLN D 88 -2.67 2.46 -52.40
CA GLN D 88 -3.72 2.63 -51.41
C GLN D 88 -3.14 2.30 -50.04
N ILE D 89 -3.13 3.28 -49.14
CA ILE D 89 -2.56 3.11 -47.81
C ILE D 89 -3.68 2.90 -46.81
N PHE D 90 -3.65 1.78 -46.09
CA PHE D 90 -4.66 1.45 -45.09
C PHE D 90 -4.04 1.47 -43.70
N LEU D 91 -4.62 2.28 -42.82
CA LEU D 91 -4.18 2.40 -41.43
C LEU D 91 -5.24 1.80 -40.53
N ASP D 92 -4.85 0.81 -39.73
CA ASP D 92 -5.75 0.17 -38.78
C ASP D 92 -5.30 0.56 -37.39
N CYS D 93 -6.14 1.34 -36.70
CA CYS D 93 -5.77 1.87 -35.40
C CYS D 93 -6.11 0.85 -34.30
N GLN D 94 -5.63 1.13 -33.10
CA GLN D 94 -6.00 0.26 -31.99
C GLN D 94 -7.44 0.56 -31.56
N PRO D 95 -8.14 -0.44 -31.03
CA PRO D 95 -9.53 -0.21 -30.60
C PRO D 95 -9.62 0.88 -29.54
N MET D 96 -10.70 1.66 -29.60
CA MET D 96 -10.86 2.81 -28.71
C MET D 96 -11.05 2.34 -27.27
N TYR D 97 -10.61 3.18 -26.34
CA TYR D 97 -10.82 2.96 -24.91
C TYR D 97 -10.58 4.23 -24.12
N ASP D 114 -5.59 3.13 -15.34
CA ASP D 114 -5.91 4.55 -15.43
C ASP D 114 -6.92 4.83 -16.53
N ASP D 115 -7.98 5.55 -16.18
CA ASP D 115 -9.05 5.94 -17.10
C ASP D 115 -8.58 7.02 -18.07
N SER D 116 -8.36 8.23 -17.55
CA SER D 116 -8.04 9.39 -18.37
C SER D 116 -6.97 9.09 -19.41
N THR D 117 -5.91 8.39 -19.03
CA THR D 117 -4.84 8.12 -19.99
C THR D 117 -5.33 7.23 -21.13
N ALA D 118 -6.26 6.31 -20.83
CA ALA D 118 -6.85 5.51 -21.90
C ALA D 118 -7.63 6.40 -22.87
N MET D 119 -8.33 7.40 -22.35
CA MET D 119 -9.07 8.32 -23.23
C MET D 119 -8.13 9.33 -23.88
N SER D 120 -7.10 9.77 -23.16
CA SER D 120 -6.12 10.68 -23.77
C SER D 120 -5.40 9.99 -24.91
N ASP D 121 -5.12 8.70 -24.77
CA ASP D 121 -4.52 7.94 -25.86
C ASP D 121 -5.52 7.76 -27.00
N THR D 122 -6.76 7.37 -26.67
CA THR D 122 -7.82 7.26 -27.66
C THR D 122 -7.95 8.53 -28.48
N LEU D 123 -7.97 9.68 -27.82
CA LEU D 123 -8.17 10.94 -28.53
C LEU D 123 -6.99 11.27 -29.44
N ARG D 124 -5.76 11.09 -28.95
CA ARG D 124 -4.60 11.45 -29.74
C ARG D 124 -4.48 10.58 -31.01
N LEU D 125 -4.83 9.30 -30.93
CA LEU D 125 -4.70 8.46 -32.11
C LEU D 125 -5.81 8.72 -33.12
N THR D 126 -7.02 9.02 -32.64
CA THR D 126 -8.09 9.38 -33.56
C THR D 126 -7.81 10.74 -34.21
N ALA D 127 -7.39 11.72 -33.41
CA ALA D 127 -7.06 13.04 -33.94
C ALA D 127 -5.96 12.96 -34.99
N PHE D 128 -4.94 12.14 -34.74
CA PHE D 128 -3.87 11.98 -35.71
C PHE D 128 -4.40 11.38 -37.00
N LEU D 129 -5.34 10.43 -36.90
CA LEU D 129 -5.87 9.77 -38.09
C LEU D 129 -6.87 10.63 -38.83
N LEU D 130 -7.54 11.57 -38.16
CA LEU D 130 -8.42 12.48 -38.89
C LEU D 130 -7.61 13.51 -39.67
N TYR D 131 -6.37 13.78 -39.25
CA TYR D 131 -5.57 14.81 -39.91
C TYR D 131 -4.83 14.27 -41.14
N VAL D 132 -4.42 13.01 -41.12
CA VAL D 132 -3.56 12.47 -42.17
C VAL D 132 -4.30 11.44 -43.04
N SER D 133 -5.62 11.37 -42.94
CA SER D 133 -6.40 10.43 -43.75
C SER D 133 -7.37 11.18 -44.65
N HIS D 134 -7.59 10.62 -45.83
CA HIS D 134 -8.68 11.11 -46.68
C HIS D 134 -10.03 10.68 -46.11
N THR D 135 -10.16 9.41 -45.75
CA THR D 135 -11.37 8.88 -45.16
C THR D 135 -11.02 7.99 -43.98
N VAL D 136 -11.83 8.04 -42.93
CA VAL D 136 -11.68 7.14 -41.79
C VAL D 136 -13.01 6.41 -41.58
N LEU D 137 -12.94 5.09 -41.51
CA LEU D 137 -14.12 4.27 -41.25
C LEU D 137 -14.38 4.18 -39.76
N VAL D 138 -15.57 4.57 -39.33
CA VAL D 138 -15.98 4.43 -37.93
C VAL D 138 -16.79 3.14 -37.86
N VAL D 139 -16.17 2.08 -37.37
CA VAL D 139 -16.77 0.75 -37.33
C VAL D 139 -17.20 0.44 -35.91
N SER D 140 -18.47 0.06 -35.75
CA SER D 140 -19.03 -0.20 -34.43
C SER D 140 -20.31 -1.00 -34.61
N GLU D 141 -20.84 -1.48 -33.47
CA GLU D 141 -22.14 -2.13 -33.44
C GLU D 141 -23.19 -1.28 -32.75
N THR D 142 -22.84 -0.03 -32.40
CA THR D 142 -23.68 0.80 -31.55
C THR D 142 -24.20 2.05 -32.23
N HIS D 143 -23.88 2.27 -33.50
CA HIS D 143 -24.39 3.44 -34.22
C HIS D 143 -25.92 3.42 -34.20
N TYR D 144 -26.52 4.54 -33.83
CA TYR D 144 -25.84 5.78 -33.46
C TYR D 144 -25.32 5.74 -32.03
N ASP D 145 -24.03 6.04 -31.86
CA ASP D 145 -23.38 6.01 -30.55
C ASP D 145 -22.86 7.40 -30.24
N LYS D 146 -23.47 8.05 -29.24
CA LYS D 146 -23.14 9.43 -28.93
C LYS D 146 -21.71 9.56 -28.40
N VAL D 147 -21.24 8.57 -27.62
CA VAL D 147 -19.87 8.65 -27.11
C VAL D 147 -18.88 8.60 -28.25
N ILE D 148 -19.19 7.84 -29.30
CA ILE D 148 -18.32 7.77 -30.47
C ILE D 148 -18.31 9.12 -31.18
N ILE D 149 -19.47 9.76 -31.28
CA ILE D 149 -19.54 11.09 -31.90
C ILE D 149 -18.78 12.10 -31.06
N ASP D 150 -18.83 11.94 -29.73
CA ASP D 150 -18.12 12.85 -28.83
C ASP D 150 -16.61 12.81 -29.06
N THR D 151 -16.03 11.62 -29.14
CA THR D 151 -14.60 11.52 -29.40
C THR D 151 -14.23 12.13 -30.74
N LEU D 152 -15.06 11.89 -31.78
CA LEU D 152 -14.75 12.38 -33.10
C LEU D 152 -14.74 13.91 -33.15
N ARG D 153 -15.66 14.55 -32.44
CA ARG D 153 -15.75 16.00 -32.50
C ARG D 153 -14.75 16.68 -31.57
N VAL D 154 -14.29 15.99 -30.51
CA VAL D 154 -13.23 16.55 -29.69
C VAL D 154 -11.88 16.33 -30.34
N ALA D 155 -11.70 15.17 -30.99
CA ALA D 155 -10.46 14.90 -31.71
C ALA D 155 -10.26 15.91 -32.85
N GLU D 156 -11.36 16.43 -33.42
CA GLU D 156 -11.26 17.40 -34.48
C GLU D 156 -10.69 18.73 -33.98
N GLN D 157 -10.82 19.02 -32.69
CA GLN D 157 -10.23 20.21 -32.11
C GLN D 157 -8.77 20.02 -31.74
N ILE D 158 -8.28 18.78 -31.78
CA ILE D 158 -6.86 18.50 -31.57
C ILE D 158 -6.16 18.72 -32.90
N ARG D 159 -5.57 19.90 -33.08
CA ARG D 159 -5.04 20.26 -34.39
C ARG D 159 -3.60 20.76 -34.28
N PRO D 160 -2.78 20.43 -35.27
CA PRO D 160 -1.43 21.01 -35.34
C PRO D 160 -1.42 22.37 -36.03
N TYR D 161 -0.23 22.96 -36.16
CA TYR D 161 -0.03 24.21 -36.88
C TYR D 161 1.18 24.04 -37.80
N LEU D 162 0.93 23.50 -38.98
CA LEU D 162 1.97 23.24 -39.98
C LEU D 162 1.99 24.35 -41.04
N ALA D 163 2.26 25.58 -40.60
CA ALA D 163 2.20 26.71 -41.50
C ALA D 163 3.33 26.69 -42.53
N ILE D 164 4.55 26.37 -42.10
CA ILE D 164 5.70 26.40 -43.00
C ILE D 164 5.91 25.08 -43.74
N PHE D 165 5.06 24.09 -43.51
CA PHE D 165 5.17 22.85 -44.27
C PHE D 165 4.91 23.15 -45.74
N ARG D 166 5.80 22.64 -46.60
CA ARG D 166 5.64 22.77 -48.04
C ARG D 166 5.76 21.38 -48.66
N PRO D 167 4.85 21.01 -49.58
CA PRO D 167 3.80 21.84 -50.16
C PRO D 167 2.78 22.35 -49.15
N LYS D 168 2.29 23.57 -49.38
CA LYS D 168 1.31 24.16 -48.47
C LYS D 168 0.10 23.25 -48.33
N LEU D 169 -0.39 23.14 -47.10
CA LEU D 169 -1.46 22.20 -46.83
C LEU D 169 -2.80 22.92 -46.77
N ALA D 170 -3.86 22.19 -47.09
CA ALA D 170 -5.20 22.74 -47.04
C ALA D 170 -5.61 23.01 -45.60
N ILE D 171 -6.24 24.15 -45.37
CA ILE D 171 -6.62 24.58 -44.03
C ILE D 171 -8.11 24.41 -43.80
N ASP D 172 -8.92 24.62 -44.83
CA ASP D 172 -10.36 24.38 -44.78
C ASP D 172 -10.73 22.96 -45.14
N ARG D 173 -9.77 22.03 -45.09
CA ARG D 173 -9.96 20.68 -45.59
C ARG D 173 -10.76 19.83 -44.61
N LYS D 174 -11.71 19.06 -45.14
CA LYS D 174 -12.57 18.21 -44.35
C LYS D 174 -12.23 16.74 -44.60
N THR D 175 -12.10 15.98 -43.52
CA THR D 175 -11.88 14.55 -43.59
C THR D 175 -13.22 13.82 -43.70
N ASN D 176 -13.31 12.89 -44.65
CA ASN D 176 -14.55 12.15 -44.85
C ASN D 176 -14.68 11.04 -43.82
N LEU D 177 -15.89 10.84 -43.32
CA LEU D 177 -16.19 9.79 -42.36
C LEU D 177 -17.30 8.91 -42.94
N VAL D 178 -17.11 7.60 -42.85
CA VAL D 178 -18.12 6.63 -43.26
C VAL D 178 -18.42 5.75 -42.06
N PHE D 179 -19.62 5.88 -41.50
CA PHE D 179 -20.00 5.11 -40.33
C PHE D 179 -20.52 3.74 -40.78
N ILE D 180 -20.04 2.69 -40.13
CA ILE D 180 -20.38 1.32 -40.50
C ILE D 180 -20.91 0.59 -39.27
N LYS D 181 -22.12 0.04 -39.38
CA LYS D 181 -22.73 -0.73 -38.30
C LYS D 181 -22.54 -2.19 -38.68
N THR D 182 -21.53 -2.81 -38.09
CA THR D 182 -21.23 -4.20 -38.30
C THR D 182 -22.14 -5.03 -37.42
N LYS D 183 -22.21 -6.33 -37.72
CA LYS D 183 -22.77 -7.29 -36.76
C LYS D 183 -24.16 -6.88 -36.29
N ALA D 184 -24.99 -6.56 -37.29
CA ALA D 184 -26.33 -6.03 -37.16
C ALA D 184 -27.40 -7.09 -37.46
N SER D 185 -28.53 -6.96 -36.78
CA SER D 185 -29.67 -7.83 -36.95
C SER D 185 -30.55 -7.32 -38.09
N SER D 186 -31.66 -8.04 -38.35
CA SER D 186 -32.54 -7.68 -39.44
C SER D 186 -33.19 -6.31 -39.23
N ILE D 187 -33.40 -5.91 -37.97
CA ILE D 187 -34.07 -4.65 -37.71
C ILE D 187 -33.18 -3.47 -38.05
N ASP D 188 -31.86 -3.65 -37.96
CA ASP D 188 -30.93 -2.58 -38.29
C ASP D 188 -30.92 -2.24 -39.78
N LEU D 189 -31.38 -3.15 -40.64
CA LEU D 189 -31.44 -2.89 -42.08
C LEU D 189 -32.73 -2.23 -42.52
N ALA D 190 -33.62 -1.90 -41.60
CA ALA D 190 -34.87 -1.25 -41.98
C ALA D 190 -34.58 0.17 -42.48
N PRO D 191 -35.07 0.55 -43.66
CA PRO D 191 -34.80 1.90 -44.16
C PRO D 191 -35.24 2.99 -43.20
N THR D 192 -36.34 2.78 -42.46
CA THR D 192 -36.80 3.80 -41.53
C THR D 192 -35.84 3.98 -40.36
N VAL D 193 -35.18 2.90 -39.92
CA VAL D 193 -34.24 3.04 -38.82
C VAL D 193 -32.89 3.56 -39.32
N ILE D 194 -32.51 3.22 -40.55
CA ILE D 194 -31.26 3.73 -41.12
C ILE D 194 -31.34 5.24 -41.27
N ARG D 195 -32.44 5.72 -41.86
CA ARG D 195 -32.61 7.16 -42.05
C ARG D 195 -32.64 7.90 -40.72
N GLU D 196 -33.22 7.28 -39.69
CA GLU D 196 -33.26 7.90 -38.38
C GLU D 196 -31.85 8.14 -37.82
N ARG D 197 -30.98 7.14 -37.94
CA ARG D 197 -29.61 7.31 -37.45
C ARG D 197 -28.75 8.08 -38.43
N GLU D 198 -28.98 7.90 -39.73
CA GLU D 198 -28.29 8.74 -40.71
C GLU D 198 -28.59 10.21 -40.48
N GLU D 199 -29.84 10.52 -40.13
CA GLU D 199 -30.21 11.88 -39.78
C GLU D 199 -29.37 12.41 -38.63
N LEU D 200 -29.34 11.67 -37.51
CA LEU D 200 -28.60 12.11 -36.34
C LEU D 200 -27.11 12.29 -36.62
N LEU D 201 -26.57 11.57 -37.59
CA LEU D 201 -25.16 11.73 -37.92
C LEU D 201 -24.91 13.01 -38.69
N ARG D 202 -25.87 13.48 -39.49
CA ARG D 202 -25.69 14.73 -40.21
C ARG D 202 -25.88 15.95 -39.33
N LEU D 203 -26.71 15.84 -38.29
CA LEU D 203 -26.76 16.90 -37.28
C LEU D 203 -25.51 16.90 -36.40
N SER D 204 -24.90 15.73 -36.19
CA SER D 204 -23.70 15.66 -35.37
C SER D 204 -22.51 16.35 -36.03
N PHE D 205 -22.62 16.71 -37.31
CA PHE D 205 -21.52 17.34 -38.04
C PHE D 205 -21.92 18.59 -38.82
N GLN D 206 -23.13 19.15 -38.62
CA GLN D 206 -23.48 20.39 -39.32
C GLN D 206 -22.42 21.46 -39.14
N ASP D 207 -21.85 21.55 -37.94
CA ASP D 207 -20.92 22.62 -37.59
C ASP D 207 -19.46 22.19 -37.63
N SER D 208 -19.17 20.95 -38.03
CA SER D 208 -17.78 20.52 -38.11
C SER D 208 -17.03 21.30 -39.18
N ARG D 209 -15.76 21.60 -38.90
CA ARG D 209 -14.92 22.36 -39.82
C ARG D 209 -14.00 21.48 -40.65
N TRP D 210 -13.50 20.38 -40.09
CA TRP D 210 -12.58 19.49 -40.79
C TRP D 210 -13.09 18.06 -40.88
N LEU D 211 -14.34 17.81 -40.47
CA LEU D 211 -14.98 16.52 -40.66
C LEU D 211 -16.24 16.70 -41.49
N LYS D 212 -16.52 15.72 -42.34
CA LYS D 212 -17.74 15.77 -43.15
C LYS D 212 -18.38 14.40 -43.21
N VAL D 213 -19.68 14.42 -43.49
CA VAL D 213 -20.46 13.21 -43.75
C VAL D 213 -21.34 13.49 -44.95
N SER D 214 -21.54 12.46 -45.78
CA SER D 214 -22.36 12.64 -46.96
C SER D 214 -23.80 12.95 -46.57
N GLN D 215 -24.55 13.56 -47.48
CA GLN D 215 -25.95 13.85 -47.23
C GLN D 215 -26.86 13.08 -48.19
N GLU D 216 -26.37 11.96 -48.74
CA GLU D 216 -27.15 11.04 -49.55
C GLU D 216 -27.59 9.85 -48.72
N PRO D 217 -28.89 9.51 -48.74
CA PRO D 217 -29.36 8.35 -47.98
C PRO D 217 -28.57 7.08 -48.29
N PHE D 218 -28.40 6.25 -47.26
CA PHE D 218 -27.76 4.93 -47.34
C PHE D 218 -26.30 5.02 -47.75
N LYS D 219 -25.68 6.19 -47.56
CA LYS D 219 -24.27 6.37 -47.85
C LYS D 219 -23.49 6.92 -46.67
N THR D 220 -24.14 7.19 -45.54
CA THR D 220 -23.45 7.65 -44.35
C THR D 220 -23.34 6.58 -43.26
N LEU D 221 -24.32 5.69 -43.15
CA LEU D 221 -24.24 4.55 -42.26
C LEU D 221 -24.51 3.28 -43.06
N ILE D 222 -23.50 2.41 -43.12
CA ILE D 222 -23.57 1.16 -43.87
C ILE D 222 -23.76 0.03 -42.87
N VAL D 223 -24.73 -0.85 -43.13
CA VAL D 223 -25.09 -1.92 -42.21
C VAL D 223 -24.79 -3.27 -42.86
N LEU D 224 -24.31 -4.21 -42.05
CA LEU D 224 -23.97 -5.56 -42.50
C LEU D 224 -24.53 -6.56 -41.51
N GLU D 225 -25.04 -7.67 -42.02
CA GLU D 225 -25.64 -8.67 -41.14
C GLU D 225 -24.61 -9.64 -40.58
N GLU D 226 -23.81 -10.26 -41.45
CA GLU D 226 -22.77 -11.21 -41.04
C GLU D 226 -23.33 -12.34 -40.17
N GLU D 249 -20.89 -14.01 -49.92
CA GLU D 249 -22.26 -13.87 -50.39
C GLU D 249 -22.54 -12.46 -50.86
N PHE D 250 -23.64 -11.88 -50.37
CA PHE D 250 -23.96 -10.49 -50.70
C PHE D 250 -22.97 -9.52 -50.09
N ASP D 251 -22.31 -9.93 -49.00
CA ASP D 251 -21.34 -9.05 -48.36
C ASP D 251 -20.08 -8.88 -49.19
N GLU D 252 -19.81 -9.80 -50.11
CA GLU D 252 -18.63 -9.68 -50.96
C GLU D 252 -18.83 -8.69 -52.10
N GLN D 253 -20.07 -8.32 -52.38
CA GLN D 253 -20.38 -7.30 -53.38
C GLN D 253 -20.50 -5.92 -52.77
N ILE D 254 -21.08 -5.82 -51.57
CA ILE D 254 -21.20 -4.51 -50.92
C ILE D 254 -19.83 -3.96 -50.56
N ALA D 255 -18.86 -4.85 -50.27
CA ALA D 255 -17.51 -4.40 -49.98
C ALA D 255 -16.86 -3.83 -51.25
N GLU D 256 -17.16 -4.41 -52.41
CA GLU D 256 -16.63 -3.88 -53.66
C GLU D 256 -17.27 -2.54 -54.00
N LEU D 257 -18.57 -2.38 -53.71
CA LEU D 257 -19.21 -1.09 -53.90
C LEU D 257 -18.61 -0.07 -52.95
N ARG D 258 -18.33 -0.48 -51.72
CA ARG D 258 -17.65 0.40 -50.78
C ARG D 258 -16.25 0.75 -51.24
N GLU D 259 -15.60 -0.16 -51.98
CA GLU D 259 -14.23 0.09 -52.46
C GLU D 259 -14.17 1.20 -53.50
N GLU D 260 -15.24 1.42 -54.25
CA GLU D 260 -15.21 2.44 -55.30
C GLU D 260 -15.70 3.80 -54.84
N LEU D 261 -16.51 3.84 -53.77
CA LEU D 261 -17.16 5.04 -53.28
C LEU D 261 -16.23 6.01 -52.53
N GLN D 262 -14.92 5.78 -52.51
CA GLN D 262 -13.99 6.70 -51.82
C GLN D 262 -13.59 7.84 -52.76
N LYS D 263 -14.59 8.44 -53.38
CA LYS D 263 -14.42 9.51 -54.35
C LYS D 263 -14.35 10.88 -53.69
N ASN D 264 -15.07 11.09 -52.58
CA ASN D 264 -15.10 12.40 -51.93
C ASN D 264 -13.89 12.65 -51.04
N ARG D 265 -12.72 12.17 -51.47
CA ARG D 265 -11.48 12.45 -50.77
C ARG D 265 -10.92 13.79 -51.21
N GLU D 266 -10.50 14.61 -50.25
CA GLU D 266 -9.95 15.93 -50.52
C GLU D 266 -8.45 15.91 -50.28
N ASP D 267 -7.71 16.55 -51.18
CA ASP D 267 -6.25 16.53 -51.11
C ASP D 267 -5.74 17.28 -49.89
N PHE D 268 -4.61 16.84 -49.36
CA PHE D 268 -4.01 17.49 -48.20
C PHE D 268 -3.35 18.82 -48.57
N THR D 269 -3.01 19.02 -49.82
CA THR D 269 -2.29 20.20 -50.26
C THR D 269 -3.23 21.16 -50.98
N VAL D 270 -2.82 22.44 -51.02
CA VAL D 270 -3.63 23.44 -51.69
C VAL D 270 -3.67 23.18 -53.20
N GLU D 271 -2.60 22.64 -53.76
CA GLU D 271 -2.49 22.40 -55.20
C GLU D 271 -2.52 20.90 -55.47
N THR D 272 -3.15 20.53 -56.58
CA THR D 272 -3.34 19.12 -56.91
C THR D 272 -2.02 18.44 -57.21
N ALA D 273 -1.87 17.22 -56.68
CA ALA D 273 -0.73 16.35 -56.98
C ALA D 273 0.60 17.00 -56.62
N ALA D 274 0.64 17.69 -55.48
CA ALA D 274 1.84 18.33 -55.00
C ALA D 274 2.61 17.51 -53.97
N MET D 275 1.98 16.47 -53.40
CA MET D 275 2.57 15.70 -52.30
C MET D 275 2.67 14.24 -52.71
N ASP D 276 3.89 13.70 -52.67
CA ASP D 276 4.10 12.28 -52.87
C ASP D 276 3.82 11.53 -51.56
N GLU D 277 3.79 10.19 -51.65
CA GLU D 277 3.51 9.38 -50.48
C GLU D 277 4.54 9.60 -49.38
N LYS D 278 5.80 9.87 -49.74
CA LYS D 278 6.85 10.03 -48.75
C LYS D 278 6.69 11.31 -47.94
N LYS D 279 6.16 12.38 -48.55
CA LYS D 279 5.93 13.59 -47.79
C LYS D 279 4.62 13.55 -47.02
N TRP D 280 3.70 12.67 -47.39
CA TRP D 280 2.58 12.38 -46.52
C TRP D 280 3.08 11.82 -45.19
N LEU D 281 4.13 10.99 -45.24
CA LEU D 281 4.70 10.46 -44.02
C LEU D 281 5.47 11.55 -43.28
N ASP D 282 6.15 12.43 -44.03
CA ASP D 282 6.77 13.59 -43.39
C ASP D 282 5.72 14.51 -42.78
N MET D 283 4.52 14.57 -43.36
CA MET D 283 3.41 15.25 -42.71
C MET D 283 3.01 14.52 -41.43
N CYS D 284 2.99 13.19 -41.47
CA CYS D 284 2.68 12.41 -40.28
C CYS D 284 3.68 12.70 -39.17
N ARG D 285 4.96 12.80 -39.51
CA ARG D 285 5.97 13.10 -38.49
C ARG D 285 5.81 14.50 -37.94
N GLU D 286 5.39 15.47 -38.78
CA GLU D 286 5.26 16.84 -38.33
C GLU D 286 3.97 17.13 -37.56
N VAL D 287 2.96 16.26 -37.62
CA VAL D 287 1.78 16.49 -36.79
C VAL D 287 2.00 15.97 -35.38
N ILE D 288 2.61 14.79 -35.24
CA ILE D 288 2.86 14.22 -33.94
C ILE D 288 3.96 14.97 -33.21
N ARG D 289 4.74 15.77 -33.94
CA ARG D 289 5.82 16.59 -33.39
C ARG D 289 5.38 18.02 -33.10
N ASP D 290 4.18 18.41 -33.53
CA ASP D 290 3.74 19.79 -33.45
C ASP D 290 3.44 20.19 -32.01
N LYS D 291 3.97 21.34 -31.59
CA LYS D 291 3.86 21.75 -30.20
C LYS D 291 2.47 22.27 -29.85
N THR D 292 1.79 22.95 -30.79
CA THR D 292 0.42 23.39 -30.55
C THR D 292 -0.51 22.21 -30.34
N LEU D 293 -0.28 21.13 -31.09
CA LEU D 293 -1.07 19.91 -30.90
C LEU D 293 -0.81 19.32 -29.52
N HIS D 294 0.45 19.34 -29.08
CA HIS D 294 0.78 18.81 -27.76
C HIS D 294 0.04 19.56 -26.66
N LYS D 295 -0.02 20.89 -26.75
CA LYS D 295 -0.60 21.69 -25.67
C LYS D 295 -2.09 21.41 -25.47
N THR D 296 -2.85 21.32 -26.57
CA THR D 296 -4.28 21.03 -26.46
C THR D 296 -4.53 19.63 -25.91
N LEU D 297 -3.70 18.67 -26.31
CA LEU D 297 -3.85 17.31 -25.81
C LEU D 297 -3.54 17.23 -24.32
N LYS D 298 -2.56 18.00 -23.84
CA LYS D 298 -2.26 18.00 -22.41
C LYS D 298 -3.42 18.57 -21.59
N GLU D 299 -4.02 19.67 -22.05
CA GLU D 299 -5.13 20.27 -21.33
C GLU D 299 -6.43 19.52 -21.51
N TYR D 300 -6.54 18.65 -22.51
CA TYR D 300 -7.68 17.75 -22.57
C TYR D 300 -7.67 16.78 -21.40
N GLN D 301 -6.56 16.07 -21.22
CA GLN D 301 -6.43 15.16 -20.08
C GLN D 301 -6.63 15.91 -18.77
N ARG D 302 -6.15 17.15 -18.69
CA ARG D 302 -6.37 17.96 -17.49
C ARG D 302 -7.86 18.20 -17.26
N ALA D 303 -8.59 18.53 -18.33
CA ALA D 303 -10.03 18.76 -18.20
C ALA D 303 -10.81 17.49 -17.93
N MET D 304 -10.26 16.32 -18.29
CA MET D 304 -10.94 15.05 -18.05
C MET D 304 -10.78 14.56 -16.62
N THR D 305 -9.83 15.10 -15.87
CA THR D 305 -9.63 14.72 -14.48
C THR D 305 -10.21 15.73 -13.50
N ASP D 306 -10.82 16.80 -13.99
CA ASP D 306 -11.43 17.80 -13.12
C ASP D 306 -12.81 18.20 -13.65
N MET E 1 37.54 14.48 -26.53
CA MET E 1 37.85 15.89 -26.31
C MET E 1 36.96 16.45 -25.20
N ASP E 2 37.52 17.33 -24.37
CA ASP E 2 36.74 17.95 -23.30
C ASP E 2 35.57 18.72 -23.90
N ILE E 3 34.39 18.54 -23.31
CA ILE E 3 33.19 19.14 -23.89
C ILE E 3 33.19 20.64 -23.69
N ALA E 4 33.83 21.12 -22.62
CA ALA E 4 33.94 22.57 -22.42
C ALA E 4 34.71 23.22 -23.56
N LYS E 5 35.71 22.52 -24.11
CA LYS E 5 36.45 23.02 -25.25
C LYS E 5 35.79 22.68 -26.57
N TRP E 6 34.99 21.62 -26.62
CA TRP E 6 34.30 21.25 -27.86
C TRP E 6 33.36 22.37 -28.31
N VAL E 7 32.63 22.97 -27.36
CA VAL E 7 31.64 23.99 -27.70
C VAL E 7 32.32 25.25 -28.22
N GLU E 8 33.47 25.59 -27.64
CA GLU E 8 34.17 26.83 -27.99
C GLU E 8 34.30 27.03 -29.48
N HIS E 9 34.60 25.95 -30.21
CA HIS E 9 34.92 26.03 -31.62
C HIS E 9 34.04 25.15 -32.50
N ALA E 10 33.03 24.50 -31.94
CA ALA E 10 32.17 23.60 -32.73
C ALA E 10 31.28 24.37 -33.69
N ARG E 11 30.78 25.54 -33.28
CA ARG E 11 29.89 26.31 -34.16
C ARG E 11 30.57 26.71 -35.46
N THR E 12 31.91 26.78 -35.46
CA THR E 12 32.66 27.11 -36.67
C THR E 12 33.26 25.87 -37.34
N CYS E 13 33.63 24.84 -36.57
CA CYS E 13 34.18 23.63 -37.17
C CYS E 13 33.14 22.94 -38.05
N TYR E 14 31.88 22.99 -37.67
CA TYR E 14 30.78 22.48 -38.48
C TYR E 14 29.87 23.62 -38.92
N SER E 15 30.47 24.79 -39.18
CA SER E 15 29.74 25.99 -39.57
C SER E 15 28.73 25.72 -40.69
N THR E 16 28.98 24.71 -41.51
CA THR E 16 28.05 24.36 -42.57
C THR E 16 26.82 23.65 -42.03
N GLN E 17 27.03 22.59 -41.25
CA GLN E 17 25.99 21.61 -40.93
C GLN E 17 25.36 21.85 -39.55
N LEU E 18 24.82 23.05 -39.34
CA LEU E 18 24.15 23.34 -38.07
C LEU E 18 22.71 22.84 -38.04
N ASP E 19 22.10 22.55 -39.18
CA ASP E 19 20.70 22.14 -39.23
C ASP E 19 20.51 20.63 -39.31
N THR E 20 21.58 19.85 -39.21
CA THR E 20 21.42 18.40 -39.27
C THR E 20 20.90 17.90 -37.93
N LYS E 21 19.85 17.10 -37.97
CA LYS E 21 19.26 16.56 -36.76
C LYS E 21 20.14 15.43 -36.24
N ILE E 22 20.52 15.51 -34.96
CA ILE E 22 21.45 14.57 -34.36
C ILE E 22 20.92 14.11 -33.01
N LYS E 23 21.56 13.09 -32.47
CA LYS E 23 21.29 12.62 -31.11
C LYS E 23 22.50 12.86 -30.21
N VAL E 24 22.21 12.95 -28.92
CA VAL E 24 23.24 13.04 -27.88
C VAL E 24 23.15 11.77 -27.04
N ILE E 25 24.26 11.03 -26.96
CA ILE E 25 24.32 9.76 -26.26
C ILE E 25 25.38 9.85 -25.17
N GLY E 26 24.97 9.62 -23.93
CA GLY E 26 25.91 9.59 -22.82
C GLY E 26 26.38 8.19 -22.53
N VAL E 27 27.59 8.09 -21.96
CA VAL E 27 28.22 6.81 -21.68
C VAL E 27 28.80 6.85 -20.27
N ILE E 28 28.49 5.84 -19.48
CA ILE E 28 29.01 5.69 -18.13
C ILE E 28 29.73 4.35 -18.04
N GLY E 29 30.98 4.38 -17.60
CA GLY E 29 31.74 3.15 -17.45
C GLY E 29 33.01 3.43 -16.68
N LYS E 30 33.77 2.36 -16.47
CA LYS E 30 35.04 2.43 -15.74
C LYS E 30 36.17 1.92 -16.62
N ASP E 31 37.38 2.41 -16.34
CA ASP E 31 38.57 1.94 -17.03
C ASP E 31 39.05 0.64 -16.41
N TYR E 32 39.54 -0.25 -17.26
CA TYR E 32 40.07 -1.53 -16.83
C TYR E 32 41.37 -1.76 -17.60
N PRO E 33 42.23 -2.65 -17.10
CA PRO E 33 43.48 -2.94 -17.84
C PRO E 33 43.20 -3.36 -19.28
N ASP E 34 43.77 -2.61 -20.22
CA ASP E 34 43.61 -2.86 -21.65
C ASP E 34 42.15 -2.78 -22.10
N HIS E 35 41.35 -1.95 -21.42
CA HIS E 35 39.98 -1.70 -21.84
C HIS E 35 39.45 -0.45 -21.13
N GLY E 36 39.24 0.63 -21.89
CA GLY E 36 38.65 1.83 -21.35
C GLY E 36 37.15 1.88 -21.54
N LYS E 37 36.52 2.89 -20.92
CA LYS E 37 35.06 2.96 -20.90
C LYS E 37 34.48 2.97 -22.32
N GLY E 38 35.04 3.79 -23.19
CA GLY E 38 34.47 3.96 -24.52
C GLY E 38 35.00 2.96 -25.54
N ASP E 39 35.60 1.87 -25.07
CA ASP E 39 36.14 0.87 -25.99
C ASP E 39 35.03 0.15 -26.76
N ASN E 40 33.86 -0.02 -26.15
CA ASN E 40 32.76 -0.66 -26.87
C ASN E 40 32.17 0.27 -27.92
N ILE E 41 32.13 1.57 -27.65
CA ILE E 41 31.61 2.51 -28.63
C ILE E 41 32.65 2.78 -29.71
N ASN E 42 33.95 2.70 -29.37
CA ASN E 42 34.97 2.90 -30.38
C ASN E 42 34.94 1.81 -31.45
N CYS E 43 34.35 0.64 -31.12
CA CYS E 43 34.09 -0.36 -32.14
C CYS E 43 32.86 -0.03 -32.97
N TYR E 44 31.89 0.67 -32.37
CA TYR E 44 30.71 1.10 -33.12
C TYR E 44 31.05 2.17 -34.13
N LEU E 45 32.09 2.96 -33.86
CA LEU E 45 32.54 3.99 -34.79
C LEU E 45 33.65 3.53 -35.71
N ARG E 46 34.19 2.32 -35.50
CA ARG E 46 35.32 1.81 -36.28
C ARG E 46 36.51 2.77 -36.22
N GLU E 47 36.64 3.49 -35.11
CA GLU E 47 37.71 4.45 -34.93
C GLU E 47 37.96 4.62 -33.43
N ASN E 48 39.19 4.33 -32.99
CA ASN E 48 39.54 4.45 -31.58
C ASN E 48 39.57 5.93 -31.19
N VAL E 49 38.46 6.44 -30.68
CA VAL E 49 38.36 7.85 -30.33
C VAL E 49 38.77 8.11 -28.88
N PHE E 50 38.34 7.27 -27.96
CA PHE E 50 38.66 7.46 -26.56
C PHE E 50 39.80 6.55 -26.12
N PRO E 51 40.60 7.00 -25.17
CA PRO E 51 41.80 6.24 -24.79
C PRO E 51 41.46 5.02 -23.94
N VAL E 52 42.48 4.18 -23.75
CA VAL E 52 42.34 2.99 -22.92
C VAL E 52 42.35 3.33 -21.44
N ALA E 53 42.72 4.56 -21.09
CA ALA E 53 42.64 5.06 -19.73
C ALA E 53 42.67 6.58 -19.78
N ALA E 54 41.84 7.21 -18.96
CA ALA E 54 41.83 8.66 -18.90
C ALA E 54 43.15 9.15 -18.31
N THR E 55 43.72 10.18 -18.92
CA THR E 55 44.93 10.77 -18.39
C THR E 55 44.59 11.80 -17.30
N GLU E 56 45.64 12.28 -16.65
CA GLU E 56 45.46 13.18 -15.51
C GLU E 56 44.79 14.49 -15.92
N ASP E 57 45.09 14.99 -17.13
CA ASP E 57 44.46 16.22 -17.60
C ASP E 57 43.05 16.00 -18.15
N GLU E 58 42.60 14.74 -18.24
CA GLU E 58 41.25 14.43 -18.67
C GLU E 58 40.36 13.94 -17.53
N THR E 59 40.88 13.90 -16.30
CA THR E 59 40.09 13.46 -15.16
C THR E 59 38.93 14.41 -14.90
N CYS E 60 37.80 13.83 -14.47
CA CYS E 60 36.60 14.58 -14.11
C CYS E 60 36.17 15.55 -15.21
N THR E 61 36.10 15.03 -16.44
CA THR E 61 35.66 15.80 -17.60
C THR E 61 34.76 14.92 -18.45
N ILE E 62 33.79 15.55 -19.12
CA ILE E 62 32.97 14.86 -20.10
C ILE E 62 33.69 14.86 -21.44
N ARG E 63 33.98 13.65 -21.95
CA ARG E 63 34.71 13.48 -23.20
C ARG E 63 33.70 13.50 -24.35
N GLY E 64 33.77 14.53 -25.18
CA GLY E 64 32.84 14.70 -26.28
C GLY E 64 33.48 14.32 -27.61
N HIS E 65 32.68 13.68 -28.46
CA HIS E 65 33.08 13.42 -29.83
C HIS E 65 31.83 13.28 -30.68
N PHE E 66 31.85 13.91 -31.85
CA PHE E 66 30.68 13.98 -32.73
C PHE E 66 30.99 13.16 -33.98
N SER E 67 30.25 12.08 -34.16
CA SER E 67 30.41 11.22 -35.33
C SER E 67 29.47 11.71 -36.43
N GLU E 68 30.04 12.23 -37.50
CA GLU E 68 29.23 12.75 -38.60
C GLU E 68 28.64 11.62 -39.46
N ASP E 69 29.13 10.40 -39.30
CA ASP E 69 28.59 9.28 -40.08
C ASP E 69 27.27 8.76 -39.54
N ASP E 70 27.06 8.82 -38.22
CA ASP E 70 25.80 8.42 -37.59
C ASP E 70 25.01 9.60 -37.03
N GLN E 71 25.51 10.83 -37.16
CA GLN E 71 24.86 12.03 -36.64
C GLN E 71 24.57 11.91 -35.15
N ILE E 72 25.61 11.62 -34.36
CA ILE E 72 25.49 11.46 -32.92
C ILE E 72 26.65 12.14 -32.23
N LEU E 73 26.35 12.84 -31.14
CA LEU E 73 27.37 13.46 -30.28
C LEU E 73 27.54 12.55 -29.07
N PHE E 74 28.64 11.79 -29.04
CA PHE E 74 28.90 10.90 -27.93
C PHE E 74 29.60 11.64 -26.79
N LEU E 75 29.18 11.33 -25.57
CA LEU E 75 29.72 11.93 -24.36
C LEU E 75 30.10 10.82 -23.39
N VAL E 76 31.40 10.64 -23.16
CA VAL E 76 31.90 9.66 -22.21
C VAL E 76 32.38 10.39 -20.97
N MET E 77 31.95 9.91 -19.80
CA MET E 77 32.28 10.54 -18.53
C MET E 77 33.49 9.84 -17.92
N ASN E 78 34.52 10.62 -17.60
CA ASN E 78 35.64 10.15 -16.79
C ASN E 78 35.36 10.57 -15.35
N GLY E 79 35.09 9.60 -14.50
CA GLY E 79 34.63 9.85 -13.15
C GLY E 79 35.71 9.67 -12.11
N VAL E 80 35.28 9.41 -10.88
CA VAL E 80 36.19 9.32 -9.75
C VAL E 80 36.91 7.98 -9.67
N ASP E 81 36.46 6.99 -10.41
CA ASP E 81 37.04 5.65 -10.33
C ASP E 81 38.26 5.48 -11.22
N ASP E 82 38.58 6.47 -12.04
CA ASP E 82 39.75 6.38 -12.91
C ASP E 82 41.02 6.36 -12.08
N VAL E 83 42.01 5.59 -12.54
CA VAL E 83 43.28 5.51 -11.84
C VAL E 83 43.95 6.87 -11.80
N ALA E 84 43.84 7.64 -12.89
CA ALA E 84 44.49 8.94 -12.95
C ALA E 84 43.86 9.97 -12.02
N ASN E 85 42.58 9.80 -11.66
CA ASN E 85 41.95 10.75 -10.75
C ASN E 85 42.23 10.40 -9.29
N ILE E 86 42.17 9.12 -8.94
CA ILE E 86 42.50 8.70 -7.58
C ILE E 86 43.96 9.05 -7.26
N ARG E 87 44.86 8.95 -8.25
CA ARG E 87 46.26 9.35 -8.07
C ARG E 87 46.38 10.87 -7.88
N LYS E 88 45.63 11.62 -8.71
CA LYS E 88 45.60 13.09 -8.80
C LYS E 88 45.07 13.69 -7.53
N CYS E 89 44.16 12.96 -6.89
CA CYS E 89 43.50 13.42 -5.69
C CYS E 89 44.35 13.22 -4.45
N LEU E 90 44.99 12.05 -4.33
CA LEU E 90 45.66 11.69 -3.09
C LEU E 90 47.10 12.18 -3.03
N LYS E 91 47.55 12.93 -4.03
CA LYS E 91 48.82 13.65 -3.91
C LYS E 91 48.68 15.14 -4.20
N SER E 92 47.47 15.65 -4.48
CA SER E 92 47.30 17.08 -4.66
C SER E 92 47.75 17.85 -3.43
N ASN E 93 47.53 17.29 -2.24
CA ASN E 93 47.98 17.87 -0.98
C ASN E 93 48.24 16.76 0.02
N PRO E 94 49.50 16.44 0.31
CA PRO E 94 49.77 15.42 1.33
C PRO E 94 49.40 15.85 2.73
N LYS E 95 49.29 17.15 2.98
CA LYS E 95 48.91 17.67 4.29
C LYS E 95 47.41 17.67 4.52
N SER E 96 46.64 16.97 3.68
CA SER E 96 45.20 16.90 3.80
C SER E 96 44.80 15.48 4.23
N ASN E 97 43.54 15.13 4.02
CA ASN E 97 43.03 13.83 4.42
C ASN E 97 42.38 13.15 3.22
N TYR E 98 42.14 11.84 3.36
CA TYR E 98 41.54 11.08 2.28
C TYR E 98 40.14 11.59 1.93
N PHE E 99 39.36 11.98 2.94
CA PHE E 99 37.96 12.31 2.70
C PHE E 99 37.83 13.59 1.89
N ASP E 100 38.57 14.64 2.27
CA ASP E 100 38.51 15.89 1.53
C ASP E 100 39.17 15.77 0.16
N ALA E 101 40.15 14.87 0.01
CA ALA E 101 40.85 14.73 -1.26
C ALA E 101 39.92 14.21 -2.35
N MET E 102 39.06 13.26 -2.02
CA MET E 102 38.13 12.70 -3.00
C MET E 102 36.78 13.40 -3.01
N ALA E 103 36.52 14.31 -2.07
CA ALA E 103 35.21 14.95 -2.00
C ALA E 103 34.94 15.80 -3.24
N GLU E 104 35.93 16.58 -3.69
CA GLU E 104 35.71 17.49 -4.80
C GLU E 104 35.48 16.71 -6.09
N SER E 105 36.21 15.62 -6.29
CA SER E 105 35.98 14.79 -7.47
C SER E 105 34.62 14.11 -7.40
N GLU E 106 34.16 13.74 -6.19
CA GLU E 106 32.86 13.10 -6.06
C GLU E 106 31.74 14.08 -6.35
N CYS E 107 31.96 15.36 -6.06
CA CYS E 107 30.98 16.38 -6.41
C CYS E 107 30.89 16.57 -7.92
N GLN E 108 32.04 16.58 -8.60
CA GLN E 108 32.02 16.82 -10.04
C GLN E 108 31.43 15.65 -10.81
N GLN E 109 31.61 14.43 -10.30
CA GLN E 109 30.89 13.28 -10.85
C GLN E 109 29.38 13.52 -10.82
N ILE E 110 28.88 14.14 -9.75
CA ILE E 110 27.45 14.39 -9.64
C ILE E 110 27.00 15.44 -10.65
N ARG E 111 27.78 16.50 -10.83
CA ARG E 111 27.43 17.52 -11.80
C ARG E 111 27.45 16.96 -13.22
N MET E 112 28.46 16.13 -13.52
CA MET E 112 28.60 15.55 -14.85
C MET E 112 27.48 14.58 -15.14
N LEU E 113 27.09 13.76 -14.17
CA LEU E 113 25.93 12.89 -14.35
C LEU E 113 24.64 13.70 -14.44
N HIS E 114 24.54 14.77 -13.64
CA HIS E 114 23.43 15.70 -13.79
C HIS E 114 23.42 16.32 -15.18
N PHE E 115 24.60 16.60 -15.73
CA PHE E 115 24.72 17.16 -17.07
C PHE E 115 24.18 16.19 -18.12
N LEU E 116 24.55 14.91 -18.01
CA LEU E 116 24.16 13.94 -19.02
C LEU E 116 22.67 13.63 -18.98
N PHE E 117 22.11 13.45 -17.78
CA PHE E 117 20.73 13.02 -17.65
C PHE E 117 19.72 14.12 -17.95
N ILE E 118 20.18 15.31 -18.34
CA ILE E 118 19.28 16.38 -18.76
C ILE E 118 19.55 16.82 -20.20
N SER E 119 20.40 16.10 -20.93
CA SER E 119 20.73 16.52 -22.28
C SER E 119 21.03 15.37 -23.23
N CYS E 120 20.85 14.11 -22.83
CA CYS E 120 21.18 12.97 -23.67
C CYS E 120 19.90 12.24 -24.06
N HIS E 121 19.78 11.92 -25.35
CA HIS E 121 18.66 11.09 -25.80
C HIS E 121 18.69 9.73 -25.11
N PHE E 122 19.85 9.08 -25.13
CA PHE E 122 20.05 7.81 -24.44
C PHE E 122 21.30 7.91 -23.57
N ILE E 123 21.35 7.05 -22.56
CA ILE E 123 22.54 6.89 -21.72
C ILE E 123 22.73 5.40 -21.49
N ILE E 124 23.89 4.88 -21.88
CA ILE E 124 24.21 3.46 -21.77
C ILE E 124 25.25 3.28 -20.67
N ILE E 125 24.99 2.32 -19.78
CA ILE E 125 25.93 1.97 -18.71
C ILE E 125 26.64 0.68 -19.11
N PHE E 126 27.96 0.67 -18.98
CA PHE E 126 28.75 -0.53 -19.22
C PHE E 126 29.18 -1.11 -17.87
N GLU E 127 28.92 -2.40 -17.68
CA GLU E 127 29.20 -3.08 -16.43
C GLU E 127 29.99 -4.35 -16.67
N GLN E 128 30.98 -4.61 -15.80
CA GLN E 128 31.80 -5.80 -15.87
C GLN E 128 31.63 -6.71 -14.66
N THR E 129 31.06 -6.20 -13.56
CA THR E 129 31.06 -6.90 -12.29
C THR E 129 30.13 -8.12 -12.30
N SER E 130 29.29 -8.26 -13.32
CA SER E 130 28.25 -9.27 -13.48
C SER E 130 27.11 -9.01 -12.49
N ARG E 131 27.23 -7.99 -11.64
CA ARG E 131 26.17 -7.54 -10.75
C ARG E 131 25.98 -6.04 -10.96
N ILE E 132 24.72 -5.59 -10.90
CA ILE E 132 24.44 -4.18 -11.09
C ILE E 132 25.14 -3.38 -9.99
N ASP E 133 25.93 -2.39 -10.40
CA ASP E 133 26.68 -1.58 -9.44
C ASP E 133 25.70 -0.74 -8.61
N LEU E 134 25.56 -1.11 -7.34
CA LEU E 134 24.65 -0.40 -6.45
C LEU E 134 25.21 0.95 -6.00
N GLU E 135 26.49 1.21 -6.25
CA GLU E 135 27.09 2.50 -5.91
C GLU E 135 26.92 3.54 -7.01
N LEU E 136 26.74 3.11 -8.26
CA LEU E 136 26.31 4.04 -9.29
C LEU E 136 24.90 4.56 -9.02
N MET E 137 24.03 3.71 -8.47
CA MET E 137 22.65 4.12 -8.22
C MET E 137 22.52 5.06 -7.03
N ARG E 138 23.49 5.07 -6.11
CA ARG E 138 23.47 6.10 -5.08
C ARG E 138 23.88 7.44 -5.66
N PHE E 139 24.89 7.43 -6.53
CA PHE E 139 25.26 8.65 -7.25
C PHE E 139 24.08 9.18 -8.05
N LEU E 140 23.40 8.29 -8.79
CA LEU E 140 22.27 8.72 -9.59
C LEU E 140 21.11 9.24 -8.74
N LYS E 141 21.02 8.82 -7.48
CA LYS E 141 19.97 9.37 -6.63
C LYS E 141 20.43 10.68 -5.98
N LYS E 142 21.75 10.84 -5.78
CA LYS E 142 22.30 12.16 -5.44
C LYS E 142 22.17 13.11 -6.62
N VAL E 143 22.37 12.61 -7.84
CA VAL E 143 22.19 13.43 -9.03
C VAL E 143 20.73 13.84 -9.20
N ASN E 144 19.81 12.88 -9.00
CA ASN E 144 18.39 13.19 -9.16
C ASN E 144 17.90 14.10 -8.04
N SER E 145 18.52 14.03 -6.87
CA SER E 145 18.21 14.97 -5.80
C SER E 145 18.73 16.37 -6.13
N ALA E 146 19.97 16.44 -6.65
CA ALA E 146 20.51 17.73 -7.07
C ALA E 146 19.73 18.30 -8.25
N ARG E 147 19.27 17.43 -9.14
CA ARG E 147 18.48 17.89 -10.29
C ARG E 147 17.19 18.56 -9.84
N ILE E 148 16.48 17.93 -8.90
CA ILE E 148 15.26 18.52 -8.36
C ILE E 148 15.58 19.86 -7.68
N GLN E 149 16.73 19.94 -7.00
CA GLN E 149 17.08 21.15 -6.27
C GLN E 149 17.43 22.31 -7.20
N LEU E 150 17.88 22.00 -8.41
CA LEU E 150 18.30 23.03 -9.37
C LEU E 150 17.41 23.10 -10.60
N ARG E 151 16.28 22.37 -10.60
CA ARG E 151 15.42 22.31 -11.77
C ARG E 151 14.87 23.68 -12.15
N LYS E 152 14.64 24.56 -11.17
CA LYS E 152 14.11 25.88 -11.49
C LYS E 152 15.19 26.80 -12.06
N LYS E 153 16.38 26.79 -11.46
CA LYS E 153 17.44 27.68 -11.91
C LYS E 153 18.02 27.25 -13.26
N ILE E 154 18.03 25.94 -13.54
CA ILE E 154 18.50 25.49 -14.85
C ILE E 154 17.45 25.79 -15.92
N ASN E 155 16.17 25.74 -15.56
CA ASN E 155 15.12 26.05 -16.51
C ASN E 155 15.19 27.50 -16.95
N GLN E 156 15.50 28.41 -16.02
CA GLN E 156 15.66 29.82 -16.37
C GLN E 156 16.86 30.05 -17.27
N ARG E 157 17.84 29.16 -17.24
CA ARG E 157 18.98 29.28 -18.15
C ARG E 157 18.67 28.73 -19.53
N LEU E 158 17.76 27.75 -19.63
CA LEU E 158 17.34 27.28 -20.95
C LEU E 158 16.38 28.25 -21.62
N VAL E 159 15.65 29.03 -20.83
CA VAL E 159 14.81 30.09 -21.40
C VAL E 159 15.69 31.25 -21.85
N ALA E 160 16.76 31.55 -21.11
CA ALA E 160 17.63 32.67 -21.48
C ALA E 160 18.41 32.36 -22.75
N SER E 161 18.78 31.09 -22.96
CA SER E 161 19.46 30.70 -24.18
C SER E 161 18.49 30.44 -25.33
N ASP E 162 17.22 30.78 -25.13
CA ASP E 162 16.12 30.43 -26.03
C ASP E 162 16.27 29.00 -26.54
N LEU E 163 16.16 28.04 -25.62
CA LEU E 163 16.14 26.62 -25.94
C LEU E 163 14.98 25.89 -25.28
N ARG E 164 14.17 26.59 -24.49
CA ARG E 164 13.12 25.94 -23.73
C ARG E 164 12.03 25.39 -24.64
N ASP E 165 11.86 25.97 -25.83
CA ASP E 165 10.91 25.47 -26.82
C ASP E 165 11.60 24.59 -27.86
N VAL E 166 12.83 24.15 -27.62
CA VAL E 166 13.54 23.29 -28.55
C VAL E 166 13.29 21.84 -28.16
N SER E 167 12.66 21.09 -29.07
CA SER E 167 12.33 19.69 -28.81
C SER E 167 13.52 18.78 -29.05
N PHE E 168 13.63 17.73 -28.24
CA PHE E 168 14.62 16.70 -28.46
C PHE E 168 14.10 15.54 -29.32
N ASN E 169 12.79 15.34 -29.34
CA ASN E 169 12.17 14.29 -30.16
C ASN E 169 10.66 14.48 -30.11
N ASN E 170 9.93 13.44 -30.53
CA ASN E 170 8.48 13.54 -30.65
C ASN E 170 7.78 13.64 -29.31
N ARG E 171 8.32 13.02 -28.26
CA ARG E 171 7.58 12.80 -27.04
C ARG E 171 7.11 14.13 -26.43
N ILE E 172 5.90 14.12 -25.89
CA ILE E 172 5.32 15.28 -25.23
C ILE E 172 5.60 15.17 -23.73
N LEU E 173 6.08 16.26 -23.14
CA LEU E 173 6.36 16.33 -21.73
C LEU E 173 5.60 17.50 -21.10
N SER E 174 5.01 17.24 -19.94
CA SER E 174 4.42 18.32 -19.15
C SER E 174 5.51 19.25 -18.65
N SER E 175 5.09 20.45 -18.23
CA SER E 175 6.05 21.42 -17.73
C SER E 175 6.74 20.94 -16.46
N ALA E 176 6.08 20.10 -15.66
CA ALA E 176 6.69 19.60 -14.43
C ALA E 176 7.78 18.58 -14.73
N GLU E 177 7.56 17.68 -15.70
CA GLU E 177 8.59 16.71 -16.05
C GLU E 177 9.73 17.38 -16.81
N SER E 178 9.40 18.37 -17.64
CA SER E 178 10.39 19.02 -18.49
C SER E 178 11.24 20.02 -17.74
N GLU E 179 10.86 20.39 -16.52
CA GLU E 179 11.52 21.47 -15.80
C GLU E 179 13.00 21.19 -15.58
N GLY E 180 13.85 22.10 -16.05
CA GLY E 180 15.28 22.02 -15.86
C GLY E 180 16.02 21.08 -16.80
N ARG E 181 15.32 20.31 -17.62
CA ARG E 181 15.95 19.37 -18.53
C ARG E 181 15.43 19.61 -19.94
N MET E 182 16.01 18.89 -20.89
CA MET E 182 15.55 18.91 -22.28
C MET E 182 14.94 17.60 -22.72
N VAL E 183 15.05 16.53 -21.92
CA VAL E 183 14.59 15.20 -22.30
C VAL E 183 14.60 14.33 -21.05
N VAL E 184 13.75 13.32 -21.01
CA VAL E 184 13.89 12.27 -20.02
C VAL E 184 14.66 11.13 -20.71
N PRO E 185 15.95 10.98 -20.43
CA PRO E 185 16.76 10.04 -21.21
C PRO E 185 16.33 8.60 -20.99
N ARG E 186 16.44 7.81 -22.06
CA ARG E 186 16.24 6.38 -21.98
C ARG E 186 17.58 5.71 -21.66
N LEU E 187 17.58 4.92 -20.60
CA LEU E 187 18.80 4.35 -20.05
C LEU E 187 18.97 2.89 -20.45
N LEU E 188 20.20 2.53 -20.85
CA LEU E 188 20.56 1.18 -21.26
C LEU E 188 21.76 0.71 -20.45
N ILE E 189 21.93 -0.60 -20.38
CA ILE E 189 23.00 -1.22 -19.60
C ILE E 189 23.55 -2.42 -20.37
N ALA E 190 24.87 -2.55 -20.40
CA ALA E 190 25.55 -3.65 -21.09
C ALA E 190 26.45 -4.39 -20.12
N PHE E 191 26.21 -5.68 -19.96
CA PHE E 191 27.02 -6.58 -19.14
C PHE E 191 27.97 -7.41 -19.99
N GLN E 192 29.05 -7.87 -19.35
CA GLN E 192 30.02 -8.72 -20.02
C GLN E 192 29.99 -10.14 -19.44
N ARG E 208 21.54 -19.62 -27.27
CA ARG E 208 20.53 -20.50 -26.70
C ARG E 208 19.29 -19.73 -26.30
N GLU E 209 18.14 -20.41 -26.29
CA GLU E 209 16.91 -19.77 -25.83
C GLU E 209 16.98 -19.43 -24.34
N LEU E 210 17.78 -20.17 -23.58
CA LEU E 210 18.00 -19.84 -22.18
C LEU E 210 18.73 -18.53 -22.00
N TYR E 211 19.49 -18.09 -23.02
CA TYR E 211 20.18 -16.82 -22.92
C TYR E 211 19.22 -15.64 -23.00
N GLU E 212 18.07 -15.83 -23.63
CA GLU E 212 17.07 -14.76 -23.68
C GLU E 212 16.39 -14.59 -22.33
N LYS E 213 16.17 -15.69 -21.60
CA LYS E 213 15.60 -15.60 -20.27
C LYS E 213 16.57 -14.95 -19.27
N LEU E 214 17.88 -15.01 -19.55
CA LEU E 214 18.84 -14.33 -18.69
C LEU E 214 18.75 -12.82 -18.85
N GLU E 215 18.62 -12.33 -20.10
CA GLU E 215 18.44 -10.91 -20.32
C GLU E 215 17.09 -10.44 -19.76
N LYS E 216 16.07 -11.30 -19.85
CA LYS E 216 14.79 -10.99 -19.22
C LYS E 216 14.93 -10.91 -17.71
N ASN E 217 15.71 -11.81 -17.12
CA ASN E 217 15.91 -11.79 -15.68
C ASN E 217 16.69 -10.57 -15.21
N LEU E 218 17.60 -10.06 -16.05
CA LEU E 218 18.33 -8.86 -15.68
C LEU E 218 17.56 -7.59 -15.99
N ASP E 219 16.57 -7.65 -16.88
CA ASP E 219 15.76 -6.49 -17.18
C ASP E 219 14.89 -6.13 -15.97
N ASN E 220 14.22 -7.14 -15.39
CA ASN E 220 13.40 -6.90 -14.21
C ASN E 220 14.25 -6.47 -13.02
N GLN E 221 15.41 -7.09 -12.84
CA GLN E 221 16.33 -6.65 -11.78
C GLN E 221 16.71 -5.18 -11.99
N PHE E 222 17.16 -4.84 -13.19
CA PHE E 222 17.52 -3.46 -13.50
C PHE E 222 16.34 -2.52 -13.26
N SER E 223 15.14 -2.94 -13.66
CA SER E 223 13.97 -2.09 -13.46
C SER E 223 13.68 -1.88 -11.99
N ASP E 224 13.68 -2.97 -11.21
CA ASP E 224 13.28 -2.88 -9.80
C ASP E 224 14.25 -2.03 -8.98
N ILE E 225 15.55 -2.17 -9.23
CA ILE E 225 16.53 -1.36 -8.52
C ILE E 225 16.36 0.12 -8.83
N LEU E 226 16.08 0.45 -10.10
CA LEU E 226 15.90 1.86 -10.46
C LEU E 226 14.68 2.46 -9.77
N LYS E 227 13.65 1.66 -9.47
CA LYS E 227 12.51 2.18 -8.73
C LYS E 227 12.82 2.35 -7.26
N LEU E 228 13.74 1.55 -6.72
CA LEU E 228 14.07 1.65 -5.32
C LEU E 228 14.79 2.96 -5.00
N TYR E 229 15.47 3.54 -6.00
CA TYR E 229 16.15 4.82 -5.84
C TYR E 229 15.36 5.97 -6.46
N ASP E 230 14.07 5.75 -6.74
CA ASP E 230 13.18 6.78 -7.30
C ASP E 230 13.77 7.43 -8.55
N LEU E 231 14.31 6.59 -9.44
CA LEU E 231 14.85 7.06 -10.70
C LEU E 231 13.92 6.84 -11.88
N ILE E 232 12.97 5.92 -11.77
CA ILE E 232 11.97 5.67 -12.81
C ILE E 232 10.61 5.51 -12.15
N ASP E 233 9.57 5.63 -12.97
CA ASP E 233 8.17 5.52 -12.52
C ASP E 233 7.88 6.43 -11.34
N CYS E 234 8.35 7.69 -11.46
CA CYS E 234 8.08 8.71 -10.45
C CYS E 234 7.60 10.01 -11.09
N GLY E 235 7.12 9.97 -12.33
CA GLY E 235 6.54 11.17 -12.92
C GLY E 235 7.61 12.22 -13.17
N ALA E 236 7.31 13.45 -12.76
CA ALA E 236 8.26 14.55 -12.94
C ALA E 236 9.52 14.40 -12.10
N SER E 237 9.48 13.58 -11.06
CA SER E 237 10.63 13.35 -10.21
C SER E 237 11.56 12.26 -10.74
N SER E 238 11.22 11.65 -11.87
CA SER E 238 12.07 10.61 -12.44
C SER E 238 13.31 11.21 -13.07
N LEU E 239 14.40 10.45 -13.04
CA LEU E 239 15.63 10.86 -13.69
C LEU E 239 15.79 10.28 -15.08
N CYS E 240 15.17 9.14 -15.36
CA CYS E 240 15.28 8.51 -16.68
C CYS E 240 14.06 7.60 -16.87
N GLN E 241 14.07 6.85 -17.97
CA GLN E 241 13.00 5.91 -18.30
C GLN E 241 13.59 4.75 -19.07
N LEU E 242 12.75 3.74 -19.34
CA LEU E 242 13.17 2.58 -20.09
C LEU E 242 12.20 2.34 -21.25
N ASN E 243 12.65 1.57 -22.23
CA ASN E 243 11.86 1.31 -23.43
C ASN E 243 10.67 0.39 -23.13
N GLU E 244 9.73 0.36 -24.08
CA GLU E 244 8.55 -0.50 -23.99
C GLU E 244 8.78 -1.86 -24.65
N THR E 245 9.15 -1.88 -25.93
CA THR E 245 9.40 -3.12 -26.64
C THR E 245 10.89 -3.41 -26.81
N ILE E 246 11.70 -2.37 -26.95
CA ILE E 246 13.08 -2.52 -27.41
C ILE E 246 13.96 -2.91 -26.22
N PRO E 247 14.89 -3.85 -26.40
CA PRO E 247 15.68 -4.32 -25.26
C PRO E 247 16.44 -3.19 -24.58
N VAL E 248 16.55 -3.29 -23.26
CA VAL E 248 17.27 -2.31 -22.46
C VAL E 248 18.62 -2.87 -22.04
N VAL E 249 18.68 -4.19 -21.89
CA VAL E 249 19.87 -4.88 -21.40
C VAL E 249 20.50 -5.61 -22.57
N HIS E 250 21.83 -5.59 -22.63
CA HIS E 250 22.57 -6.31 -23.65
C HIS E 250 23.74 -7.02 -22.97
N LEU E 251 24.13 -8.16 -23.52
CA LEU E 251 25.26 -8.92 -23.00
C LEU E 251 26.28 -9.07 -24.11
N LEU E 252 27.50 -8.58 -23.86
CA LEU E 252 28.58 -8.65 -24.83
C LEU E 252 29.35 -9.94 -24.68
N ASN E 253 30.29 -10.15 -25.60
CA ASN E 253 31.13 -11.33 -25.58
C ASN E 253 32.59 -10.92 -25.71
N PRO E 254 33.50 -11.62 -25.01
CA PRO E 254 34.94 -11.30 -25.00
C PRO E 254 35.62 -11.60 -26.34
N ASN E 289 27.64 -8.00 -36.02
CA ASN E 289 27.82 -7.67 -34.61
C ASN E 289 26.47 -7.48 -33.92
N SER E 290 26.20 -8.32 -32.92
CA SER E 290 24.94 -8.21 -32.19
C SER E 290 24.85 -6.94 -31.35
N PHE E 291 26.00 -6.36 -30.97
CA PHE E 291 25.95 -5.16 -30.13
C PHE E 291 25.67 -3.92 -30.98
N VAL E 292 26.28 -3.83 -32.15
CA VAL E 292 26.04 -2.68 -33.01
C VAL E 292 24.58 -2.66 -33.44
N LYS E 293 23.95 -3.82 -33.57
CA LYS E 293 22.52 -3.89 -33.86
C LYS E 293 21.69 -3.52 -32.63
N PHE E 294 22.21 -3.80 -31.43
CA PHE E 294 21.47 -3.45 -30.21
C PHE E 294 21.39 -1.94 -30.03
N LEU E 295 22.37 -1.20 -30.54
CA LEU E 295 22.31 0.25 -30.48
C LEU E 295 21.38 0.81 -31.55
N GLU E 296 21.42 0.24 -32.76
CA GLU E 296 20.57 0.74 -33.84
C GLU E 296 19.09 0.51 -33.55
N ASP E 297 18.76 -0.54 -32.80
CA ASP E 297 17.37 -0.76 -32.42
C ASP E 297 16.84 0.39 -31.55
N ASN E 298 17.68 0.92 -30.66
CA ASN E 298 17.28 2.05 -29.84
C ASN E 298 17.41 3.36 -30.60
N PHE E 299 18.48 3.52 -31.38
CA PHE E 299 18.72 4.80 -32.04
C PHE E 299 17.75 5.03 -33.19
N ARG E 300 17.50 4.00 -34.01
CA ARG E 300 16.62 4.14 -35.16
C ARG E 300 15.14 4.13 -34.78
N SER E 301 14.82 3.85 -33.52
CA SER E 301 13.45 3.93 -33.04
C SER E 301 13.02 5.33 -32.67
N GLU E 302 13.83 6.33 -33.04
CA GLU E 302 13.56 7.71 -32.67
C GLU E 302 14.12 8.57 -33.79
N LYS E 303 13.22 9.24 -34.52
CA LYS E 303 13.66 10.08 -35.62
C LYS E 303 14.43 11.28 -35.08
N ASN E 304 15.56 11.59 -35.70
CA ASN E 304 16.36 12.69 -35.24
C ASN E 304 15.56 13.99 -35.34
N GLU E 305 15.82 14.90 -34.40
CA GLU E 305 14.96 16.06 -34.24
C GLU E 305 15.69 17.35 -33.89
N ILE E 306 16.58 17.31 -32.90
CA ILE E 306 17.23 18.53 -32.47
C ILE E 306 18.42 18.80 -33.39
N SER E 307 18.52 20.04 -33.86
CA SER E 307 19.61 20.44 -34.73
C SER E 307 20.94 20.41 -33.98
N LEU E 308 22.02 20.21 -34.73
CA LEU E 308 23.35 20.28 -34.14
C LEU E 308 23.59 21.65 -33.52
N GLU E 309 23.00 22.69 -34.09
CA GLU E 309 23.18 24.04 -33.56
C GLU E 309 22.64 24.17 -32.14
N ASN E 310 21.43 23.65 -31.90
CA ASN E 310 20.84 23.80 -30.58
C ASN E 310 21.45 22.89 -29.53
N VAL E 311 22.15 21.82 -29.93
CA VAL E 311 22.87 21.06 -28.91
C VAL E 311 24.18 21.74 -28.55
N ILE E 312 24.84 22.35 -29.54
CA ILE E 312 26.08 23.08 -29.27
C ILE E 312 25.83 24.17 -28.23
N GLU E 313 24.74 24.93 -28.39
CA GLU E 313 24.46 25.96 -27.41
C GLU E 313 23.85 25.38 -26.14
N LEU E 314 23.33 24.16 -26.19
CA LEU E 314 22.91 23.48 -24.98
C LEU E 314 24.12 23.09 -24.14
N MET E 315 25.15 22.51 -24.78
CA MET E 315 26.37 22.17 -24.04
C MET E 315 27.06 23.41 -23.51
N ASN E 316 26.93 24.54 -24.21
CA ASN E 316 27.46 25.80 -23.68
C ASN E 316 26.57 26.34 -22.56
N CYS E 317 25.25 26.13 -22.66
CA CYS E 317 24.34 26.63 -21.64
C CYS E 317 24.50 25.87 -20.33
N LEU E 318 24.63 24.55 -20.41
CA LEU E 318 24.74 23.71 -19.21
C LEU E 318 26.16 23.65 -18.66
N GLN E 319 27.04 24.55 -19.07
CA GLN E 319 28.35 24.64 -18.44
C GLN E 319 28.24 25.08 -16.98
N CYS E 320 27.19 25.85 -16.67
CA CYS E 320 26.94 26.26 -15.29
C CYS E 320 26.71 25.07 -14.37
N VAL E 321 26.13 23.99 -14.90
CA VAL E 321 25.93 22.79 -14.10
C VAL E 321 27.27 22.15 -13.76
N LEU E 322 28.19 22.11 -14.74
CA LEU E 322 29.51 21.55 -14.49
C LEU E 322 30.37 22.46 -13.62
N ASP E 323 30.10 23.75 -13.60
CA ASP E 323 30.87 24.71 -12.80
C ASP E 323 30.20 25.06 -11.48
N GLY E 324 29.02 24.52 -11.22
CA GLY E 324 28.32 24.80 -9.97
C GLY E 324 27.94 26.25 -9.78
N ASP E 325 27.72 26.97 -10.88
CA ASP E 325 27.37 28.38 -10.79
C ASP E 325 25.99 28.59 -10.15
N LEU E 326 25.17 27.56 -10.09
CA LEU E 326 23.81 27.66 -9.57
C LEU E 326 23.65 27.10 -8.17
N GLU E 327 24.72 26.55 -7.59
CA GLU E 327 24.68 25.94 -6.28
C GLU E 327 25.10 26.93 -5.21
N GLU E 328 24.69 26.66 -3.97
CA GLU E 328 25.14 27.46 -2.84
C GLU E 328 26.58 27.13 -2.49
N LYS E 329 27.31 28.15 -2.02
CA LYS E 329 28.72 27.98 -1.73
C LYS E 329 28.93 27.06 -0.54
N HIS E 330 30.05 26.34 -0.57
CA HIS E 330 30.49 25.47 0.52
C HIS E 330 29.45 24.39 0.83
N GLU E 331 29.31 23.48 -0.13
CA GLU E 331 28.43 22.32 -0.01
C GLU E 331 29.32 21.09 0.16
N LYS E 332 29.25 20.49 1.35
CA LYS E 332 30.10 19.34 1.69
C LYS E 332 29.38 18.04 1.39
N THR E 333 30.16 16.98 1.15
CA THR E 333 29.61 15.66 0.92
C THR E 333 28.92 15.14 2.16
N ALA E 334 28.14 14.08 1.99
CA ALA E 334 27.53 13.40 3.13
C ALA E 334 28.58 12.90 4.10
N ILE E 335 29.70 12.39 3.58
CA ILE E 335 30.77 11.89 4.44
C ILE E 335 31.48 13.04 5.15
N GLN E 336 31.71 14.15 4.45
CA GLN E 336 32.34 15.31 5.10
C GLN E 336 31.47 15.83 6.24
N THR E 337 30.14 15.86 6.04
CA THR E 337 29.25 16.29 7.11
C THR E 337 29.29 15.29 8.28
N PHE E 338 29.47 14.00 7.98
CA PHE E 338 29.58 13.01 9.04
C PHE E 338 30.87 13.19 9.83
N ILE E 339 31.98 13.43 9.14
CA ILE E 339 33.25 13.65 9.82
C ILE E 339 33.19 14.92 10.64
N LYS E 340 32.64 16.00 10.07
CA LYS E 340 32.58 17.27 10.79
C LYS E 340 31.66 17.18 12.01
N ARG E 341 30.63 16.35 11.95
CA ARG E 341 29.69 16.27 13.05
C ARG E 341 30.23 15.42 14.20
N ILE E 342 30.92 14.32 13.89
CA ILE E 342 31.48 13.50 14.96
C ILE E 342 32.73 14.14 15.55
N GLN E 343 33.42 14.97 14.77
CA GLN E 343 34.58 15.67 15.31
C GLN E 343 34.18 16.85 16.17
N ASN E 344 33.05 17.50 15.87
CA ASN E 344 32.53 18.50 16.78
C ASN E 344 32.06 17.88 18.10
N ASP E 345 31.48 16.67 18.02
CA ASP E 345 31.06 15.99 19.24
C ASP E 345 32.26 15.51 20.06
N HIS E 346 33.28 14.98 19.40
CA HIS E 346 34.47 14.54 20.13
C HIS E 346 35.18 15.71 20.80
N MET E 347 35.21 16.86 20.13
CA MET E 347 35.81 18.04 20.75
C MET E 347 34.94 18.57 21.88
N GLU E 348 33.62 18.47 21.75
CA GLU E 348 32.73 18.91 22.80
C GLU E 348 32.74 17.94 23.98
N GLU E 349 32.82 16.63 23.69
CA GLU E 349 32.86 15.64 24.76
C GLU E 349 34.19 15.68 25.49
N ALA E 350 35.28 15.97 24.79
CA ALA E 350 36.57 16.13 25.46
C ALA E 350 36.55 17.35 26.37
N ARG E 351 35.87 18.41 25.94
CA ARG E 351 35.70 19.58 26.79
C ARG E 351 34.79 19.26 27.99
N ARG E 352 33.79 18.40 27.78
CA ARG E 352 32.94 17.98 28.88
C ARG E 352 33.73 17.22 29.94
N LEU E 353 34.66 16.36 29.51
CA LEU E 353 35.53 15.68 30.46
C LEU E 353 36.55 16.65 31.05
N TYR E 354 36.90 17.70 30.29
CA TYR E 354 37.77 18.74 30.80
C TYR E 354 37.07 19.55 31.89
N THR E 355 35.77 19.82 31.72
CA THR E 355 35.03 20.57 32.72
C THR E 355 34.71 19.71 33.94
N ASN E 356 33.89 18.69 33.76
CA ASN E 356 33.43 17.86 34.87
C ASN E 356 34.41 16.73 35.16
N GLU E 382 42.97 25.00 39.73
CA GLU E 382 44.28 25.01 40.37
C GLU E 382 45.17 23.91 39.79
N GLU E 383 45.69 23.05 40.67
CA GLU E 383 46.53 21.94 40.24
C GLU E 383 45.75 20.82 39.58
N HIS E 384 44.44 20.98 39.38
CA HIS E 384 43.60 19.96 38.77
C HIS E 384 43.76 19.87 37.27
N LEU E 385 44.73 20.58 36.68
CA LEU E 385 44.96 20.48 35.25
C LEU E 385 45.47 19.11 34.82
N MET E 386 45.91 18.28 35.78
CA MET E 386 46.24 16.90 35.45
C MET E 386 45.05 16.18 34.83
N ARG E 387 43.83 16.60 35.17
CA ARG E 387 42.64 16.09 34.51
C ARG E 387 42.57 16.48 33.05
N PHE E 388 43.25 17.56 32.65
CA PHE E 388 43.27 17.92 31.24
C PHE E 388 44.15 16.99 30.41
N ASN E 389 44.75 15.97 31.02
CA ASN E 389 45.44 14.95 30.26
C ASN E 389 44.57 13.74 29.98
N GLU E 390 43.29 13.80 30.37
CA GLU E 390 42.31 12.80 29.99
C GLU E 390 41.45 13.25 28.83
N ALA E 391 41.32 14.56 28.62
CA ALA E 391 40.64 15.06 27.43
C ALA E 391 41.52 14.88 26.19
N THR E 392 42.83 14.99 26.35
CA THR E 392 43.74 14.73 25.24
C THR E 392 43.79 13.25 24.90
N HIS E 393 43.91 12.40 25.92
CA HIS E 393 43.96 10.96 25.69
C HIS E 393 42.64 10.44 25.12
N TYR E 394 41.55 11.18 25.29
CA TYR E 394 40.29 10.77 24.70
C TYR E 394 40.28 11.06 23.20
N ILE E 395 40.81 12.22 22.81
CA ILE E 395 40.83 12.58 21.40
C ILE E 395 41.82 11.71 20.64
N ASP E 396 42.90 11.28 21.29
CA ASP E 396 43.81 10.33 20.68
C ASP E 396 43.13 8.97 20.46
N SER E 397 42.02 8.71 21.14
CA SER E 397 41.33 7.44 21.00
C SER E 397 40.22 7.47 19.96
N VAL E 398 39.67 8.64 19.64
CA VAL E 398 38.44 8.70 18.86
C VAL E 398 38.66 9.43 17.55
N VAL E 399 39.57 10.42 17.55
CA VAL E 399 39.75 11.29 16.40
C VAL E 399 40.87 10.72 15.53
N GLY E 400 40.55 10.41 14.28
CA GLY E 400 41.50 9.85 13.34
C GLY E 400 42.01 10.86 12.33
N VAL E 401 41.07 11.52 11.66
CA VAL E 401 41.37 12.52 10.66
C VAL E 401 41.44 13.88 11.35
N ASN E 402 42.34 14.74 10.90
CA ASN E 402 42.62 16.02 11.55
C ASN E 402 42.96 15.82 13.03
N SER E 403 43.59 14.69 13.34
CA SER E 403 43.88 14.36 14.73
C SER E 403 44.89 15.32 15.35
N ARG E 404 45.95 15.66 14.59
CA ARG E 404 46.94 16.60 15.10
C ARG E 404 46.33 17.97 15.33
N GLU E 405 45.51 18.44 14.39
CA GLU E 405 44.90 19.76 14.54
C GLU E 405 43.85 19.77 15.64
N ALA E 406 43.13 18.67 15.82
CA ALA E 406 42.10 18.62 16.85
C ALA E 406 42.70 18.64 18.25
N LEU E 407 43.82 17.94 18.44
CA LEU E 407 44.43 17.88 19.76
C LEU E 407 44.99 19.23 20.18
N SER E 408 45.72 19.90 19.27
CA SER E 408 46.33 21.18 19.60
C SER E 408 45.30 22.30 19.65
N GLN E 409 44.24 22.21 18.86
CA GLN E 409 43.17 23.20 18.96
C GLN E 409 42.40 23.06 20.26
N LEU E 410 42.46 21.88 20.88
CA LEU E 410 41.86 21.68 22.20
C LEU E 410 42.86 21.86 23.32
N GLN E 411 44.13 21.51 23.10
CA GLN E 411 45.16 21.78 24.10
C GLN E 411 45.32 23.28 24.35
N ALA E 412 45.10 24.09 23.31
CA ALA E 412 45.21 25.54 23.46
C ALA E 412 43.93 26.17 23.97
N GLN E 413 42.77 25.60 23.64
CA GLN E 413 41.50 26.19 24.04
C GLN E 413 41.16 25.92 25.52
N CYS E 414 41.69 24.84 26.10
CA CYS E 414 41.53 24.63 27.54
C CYS E 414 42.54 25.42 28.35
N ASN E 415 43.65 25.85 27.74
CA ASN E 415 44.55 26.76 28.40
C ASN E 415 43.88 28.11 28.62
N GLU E 416 43.06 28.55 27.67
CA GLU E 416 42.29 29.77 27.85
C GLU E 416 41.20 29.58 28.91
N MET E 417 40.67 28.35 29.04
CA MET E 417 39.66 28.10 30.06
C MET E 417 40.26 28.05 31.45
N TRP E 418 41.54 27.65 31.57
CA TRP E 418 42.20 27.65 32.87
C TRP E 418 42.58 29.05 33.30
N GLN E 419 43.00 29.90 32.35
CA GLN E 419 43.34 31.28 32.69
C GLN E 419 42.10 32.10 33.02
N SER E 420 41.00 31.83 32.32
CA SER E 420 39.76 32.56 32.60
C SER E 420 39.15 32.15 33.93
N ASP E 421 39.32 30.89 34.32
CA ASP E 421 38.78 30.41 35.59
C ASP E 421 39.71 30.74 36.74
N MET F 1 39.22 -27.53 17.80
CA MET F 1 37.83 -27.48 17.34
C MET F 1 37.65 -28.33 16.09
N LYS F 2 36.47 -28.95 15.97
CA LYS F 2 36.17 -29.75 14.78
C LYS F 2 35.78 -28.87 13.60
N GLU F 3 35.03 -27.80 13.87
CA GLU F 3 34.54 -26.92 12.82
C GLU F 3 34.35 -25.52 13.40
N SER F 4 33.81 -24.63 12.57
CA SER F 4 33.51 -23.28 13.03
C SER F 4 32.22 -23.26 13.84
N VAL F 5 32.15 -22.34 14.80
CA VAL F 5 30.97 -22.14 15.63
C VAL F 5 30.63 -20.66 15.60
N ARG F 6 29.35 -20.35 15.80
CA ARG F 6 28.88 -18.97 15.74
C ARG F 6 29.50 -18.17 16.89
N PHE F 7 30.19 -17.08 16.55
CA PHE F 7 30.83 -16.24 17.54
C PHE F 7 29.84 -15.30 18.23
N LEU F 8 28.70 -15.03 17.60
CA LEU F 8 27.66 -14.19 18.15
C LEU F 8 26.34 -14.95 18.18
N THR F 9 25.46 -14.54 19.08
CA THR F 9 24.06 -14.94 19.01
C THR F 9 23.26 -13.75 18.54
N ASP F 10 22.04 -13.58 19.05
CA ASP F 10 21.21 -12.48 18.60
C ASP F 10 21.55 -11.19 19.33
N PHE F 11 21.27 -10.07 18.67
CA PHE F 11 21.52 -8.72 19.19
C PHE F 11 22.99 -8.49 19.54
N GLY F 12 23.90 -9.20 18.87
CA GLY F 12 25.31 -8.89 18.95
C GLY F 12 26.04 -9.16 20.26
N GLU F 13 25.49 -9.95 21.18
CA GLU F 13 26.29 -10.41 22.31
C GLU F 13 27.04 -11.68 21.94
N ILE F 14 28.20 -11.87 22.58
CA ILE F 14 29.09 -12.99 22.30
C ILE F 14 28.52 -14.26 22.94
N SER F 15 28.53 -15.36 22.18
CA SER F 15 28.02 -16.63 22.67
C SER F 15 28.80 -17.09 23.89
N ASP F 16 28.10 -17.67 24.87
CA ASP F 16 28.72 -18.17 26.08
C ASP F 16 29.51 -19.46 25.85
N ALA F 17 29.49 -20.03 24.65
CA ALA F 17 30.19 -21.28 24.42
C ALA F 17 31.66 -21.07 24.04
N ILE F 18 32.04 -19.85 23.66
CA ILE F 18 33.42 -19.62 23.20
C ILE F 18 34.39 -19.25 24.32
N SER F 19 33.93 -18.77 25.47
CA SER F 19 34.86 -18.33 26.52
C SER F 19 35.68 -19.49 27.07
N ASP F 20 35.07 -20.68 27.16
CA ASP F 20 35.82 -21.88 27.54
C ASP F 20 36.69 -22.38 26.41
N LEU F 21 36.54 -21.84 25.19
CA LEU F 21 37.41 -22.23 24.08
C LEU F 21 38.72 -21.47 24.09
N LEU F 22 38.81 -20.38 24.85
CA LEU F 22 40.01 -19.57 24.88
C LEU F 22 40.89 -19.98 26.06
N THR F 23 42.15 -19.58 25.99
CA THR F 23 43.16 -19.95 26.97
C THR F 23 43.74 -18.71 27.63
N SER F 24 44.65 -18.93 28.57
CA SER F 24 45.37 -17.85 29.24
C SER F 24 46.70 -17.55 28.57
N SER F 25 46.74 -17.55 27.23
CA SER F 25 47.96 -17.33 26.49
C SER F 25 47.91 -15.96 25.81
N PRO F 26 48.94 -15.14 25.97
CA PRO F 26 49.01 -13.85 25.27
C PRO F 26 49.66 -13.87 23.90
N ASN F 27 50.08 -15.03 23.41
CA ASN F 27 50.77 -15.12 22.12
C ASN F 27 49.83 -15.65 21.03
N PHE F 28 48.73 -14.93 20.83
CA PHE F 28 47.70 -15.31 19.89
C PHE F 28 47.59 -14.28 18.76
N ASN F 29 47.06 -14.72 17.63
CA ASN F 29 46.91 -13.89 16.43
C ASN F 29 45.48 -14.00 15.93
N VAL F 30 44.84 -12.86 15.72
CA VAL F 30 43.44 -12.78 15.30
C VAL F 30 43.40 -12.25 13.87
N ILE F 31 42.69 -12.96 13.00
CA ILE F 31 42.56 -12.57 11.59
C ILE F 31 41.11 -12.68 11.18
N SER F 32 40.51 -11.55 10.80
CA SER F 32 39.15 -11.47 10.29
C SER F 32 39.18 -11.38 8.77
N ALA F 33 38.01 -11.53 8.16
CA ALA F 33 37.87 -11.40 6.71
C ALA F 33 36.54 -10.75 6.38
N ILE F 34 36.59 -9.72 5.52
CA ILE F 34 35.41 -9.00 5.09
C ILE F 34 35.43 -8.92 3.57
N GLY F 35 34.26 -8.67 2.99
CA GLY F 35 34.12 -8.58 1.55
C GLY F 35 32.74 -8.99 1.07
N PRO F 36 32.50 -8.86 -0.24
CA PRO F 36 31.18 -9.23 -0.79
C PRO F 36 30.89 -10.72 -0.70
N GLN F 37 29.72 -11.12 -1.20
CA GLN F 37 29.22 -12.47 -0.98
C GLN F 37 30.06 -13.52 -1.69
N GLY F 38 30.12 -13.45 -3.01
CA GLY F 38 30.71 -14.53 -3.80
C GLY F 38 32.22 -14.50 -3.90
N ALA F 39 32.89 -13.85 -2.95
CA ALA F 39 34.33 -13.64 -3.02
C ALA F 39 35.16 -14.84 -2.56
N GLY F 40 34.53 -15.88 -2.00
CA GLY F 40 35.31 -17.01 -1.51
C GLY F 40 35.96 -16.76 -0.16
N LYS F 41 35.52 -15.73 0.55
CA LYS F 41 36.14 -15.30 1.79
C LYS F 41 36.17 -16.40 2.85
N SER F 42 35.10 -17.17 2.98
CA SER F 42 35.05 -18.22 3.99
C SER F 42 35.94 -19.40 3.62
N THR F 43 35.94 -19.78 2.33
CA THR F 43 36.80 -20.87 1.89
C THR F 43 38.27 -20.51 2.03
N LEU F 44 38.61 -19.23 1.85
CA LEU F 44 40.00 -18.81 1.96
C LEU F 44 40.45 -18.83 3.42
N LEU F 45 39.58 -18.39 4.34
CA LEU F 45 39.89 -18.47 5.76
C LEU F 45 40.01 -19.90 6.25
N SER F 46 39.38 -20.84 5.55
CA SER F 46 39.45 -22.25 5.97
C SER F 46 40.84 -22.83 5.77
N MET F 47 41.60 -22.30 4.81
CA MET F 47 42.89 -22.88 4.47
C MET F 47 44.06 -22.21 5.17
N LEU F 48 43.86 -20.99 5.67
CA LEU F 48 44.76 -20.46 6.69
C LEU F 48 44.51 -21.14 8.02
N ALA F 49 43.38 -21.83 8.14
CA ALA F 49 43.06 -22.65 9.30
C ALA F 49 43.70 -24.03 9.23
N GLY F 50 44.09 -24.50 8.05
CA GLY F 50 44.78 -25.76 7.93
C GLY F 50 44.19 -26.73 6.91
N ASN F 51 43.32 -26.24 6.04
CA ASN F 51 42.65 -27.08 5.06
C ASN F 51 43.49 -27.25 3.80
N ASN F 52 43.49 -28.47 3.26
CA ASN F 52 44.22 -28.77 2.03
C ASN F 52 43.32 -28.62 0.81
N SER F 53 43.94 -28.35 -0.34
CA SER F 53 43.18 -28.10 -1.57
C SER F 53 42.41 -29.33 -2.02
N ARG F 54 42.93 -30.52 -1.75
CA ARG F 54 42.28 -31.75 -2.17
C ARG F 54 41.18 -32.20 -1.22
N GLN F 55 41.00 -31.52 -0.09
CA GLN F 55 40.01 -31.93 0.89
C GLN F 55 38.60 -31.82 0.31
N MET F 56 37.70 -32.64 0.85
CA MET F 56 36.32 -32.63 0.40
C MET F 56 35.62 -31.36 0.85
N TYR F 57 34.46 -31.09 0.24
CA TYR F 57 33.70 -29.90 0.59
C TYR F 57 33.13 -29.99 2.00
N ARG F 58 32.74 -31.19 2.43
CA ARG F 58 32.21 -31.36 3.78
C ARG F 58 33.27 -31.17 4.86
N GLU F 59 34.54 -31.24 4.50
CA GLU F 59 35.63 -31.07 5.45
C GLU F 59 36.06 -29.63 5.61
N TYR F 60 35.54 -28.72 4.80
CA TYR F 60 35.88 -27.31 4.95
C TYR F 60 35.33 -26.79 6.27
N VAL F 61 36.17 -26.09 7.03
CA VAL F 61 35.76 -25.65 8.36
C VAL F 61 34.76 -24.50 8.26
N PHE F 62 34.93 -23.62 7.27
CA PHE F 62 34.05 -22.48 7.07
C PHE F 62 33.19 -22.78 5.84
N ARG F 63 32.11 -23.53 6.07
CA ARG F 63 31.11 -23.97 5.10
C ARG F 63 30.92 -22.99 3.94
N PRO F 64 31.32 -23.37 2.73
CA PRO F 64 31.09 -22.49 1.58
C PRO F 64 29.62 -22.37 1.23
N VAL F 65 29.05 -21.19 1.42
CA VAL F 65 27.62 -20.97 1.19
C VAL F 65 27.31 -21.07 -0.30
N SER F 66 27.83 -20.13 -1.08
CA SER F 66 27.57 -20.04 -2.52
C SER F 66 26.08 -19.97 -2.81
N THR F 77 20.65 -10.49 12.30
CA THR F 77 21.12 -9.42 11.42
C THR F 77 22.58 -9.64 11.05
N ILE F 78 23.43 -9.66 12.07
CA ILE F 78 24.87 -9.83 11.93
C ILE F 78 25.25 -11.17 12.54
N GLN F 79 26.31 -11.77 12.01
CA GLN F 79 26.84 -12.98 12.63
C GLN F 79 28.28 -13.20 12.19
N ILE F 80 29.05 -13.81 13.08
CA ILE F 80 30.46 -14.09 12.87
C ILE F 80 30.72 -15.54 13.24
N ASP F 81 31.51 -16.24 12.41
CA ASP F 81 31.89 -17.61 12.67
C ASP F 81 33.34 -17.61 13.15
N ILE F 82 33.56 -18.13 14.36
CA ILE F 82 34.89 -18.18 14.95
C ILE F 82 35.46 -19.59 14.81
N TYR F 83 36.78 -19.68 14.69
CA TYR F 83 37.48 -20.95 14.66
C TYR F 83 38.90 -20.74 15.15
N ILE F 84 39.39 -21.69 15.94
CA ILE F 84 40.70 -21.56 16.57
C ILE F 84 41.45 -22.88 16.45
N VAL F 85 42.55 -22.88 15.70
CA VAL F 85 43.56 -23.93 15.78
C VAL F 85 44.83 -23.28 16.31
N ASN F 86 45.56 -24.01 17.15
CA ASN F 86 46.75 -23.49 17.83
C ASN F 86 46.25 -22.35 18.70
N HIS F 87 46.76 -21.12 18.56
CA HIS F 87 46.16 -19.97 19.21
C HIS F 87 45.82 -18.87 18.21
N GLN F 88 45.56 -19.23 16.96
CA GLN F 88 45.19 -18.28 15.92
C GLN F 88 43.67 -18.25 15.79
N ILE F 89 43.09 -17.06 15.98
CA ILE F 89 41.65 -16.85 15.95
C ILE F 89 41.25 -16.30 14.59
N PHE F 90 40.35 -17.00 13.91
CA PHE F 90 39.84 -16.58 12.60
C PHE F 90 38.37 -16.20 12.74
N LEU F 91 38.03 -14.99 12.30
CA LEU F 91 36.65 -14.49 12.37
C LEU F 91 36.10 -14.38 10.95
N ASP F 92 35.03 -15.13 10.68
CA ASP F 92 34.34 -15.16 9.40
C ASP F 92 32.91 -14.65 9.56
N CYS F 93 32.57 -13.58 8.84
CA CYS F 93 31.24 -12.99 8.96
C CYS F 93 30.26 -13.77 8.09
N ASP F 114 15.81 -2.36 2.13
CA ASP F 114 16.39 -1.19 2.78
C ASP F 114 17.91 -1.20 2.64
N ASP F 115 18.45 -0.09 2.17
CA ASP F 115 19.89 0.06 1.97
C ASP F 115 20.57 0.84 3.08
N SER F 116 19.98 1.96 3.52
CA SER F 116 20.61 2.81 4.54
C SER F 116 21.01 1.99 5.76
N THR F 117 20.08 1.18 6.27
CA THR F 117 20.37 0.34 7.43
C THR F 117 21.34 -0.77 7.08
N ALA F 118 21.29 -1.28 5.84
CA ALA F 118 22.19 -2.33 5.41
C ALA F 118 23.65 -1.87 5.44
N MET F 119 23.92 -0.62 5.07
CA MET F 119 25.30 -0.15 5.11
C MET F 119 25.74 0.16 6.54
N SER F 120 24.83 0.62 7.39
CA SER F 120 25.19 0.84 8.80
C SER F 120 25.58 -0.47 9.46
N ASP F 121 24.97 -1.58 9.08
CA ASP F 121 25.34 -2.88 9.64
C ASP F 121 26.74 -3.30 9.16
N THR F 122 26.98 -3.24 7.85
CA THR F 122 28.31 -3.50 7.32
C THR F 122 29.35 -2.64 8.03
N LEU F 123 29.07 -1.35 8.20
CA LEU F 123 30.02 -0.45 8.83
C LEU F 123 30.23 -0.80 10.30
N ARG F 124 29.15 -1.14 11.03
CA ARG F 124 29.33 -1.40 12.45
C ARG F 124 30.19 -2.64 12.67
N LEU F 125 30.01 -3.66 11.82
CA LEU F 125 30.75 -4.90 11.97
C LEU F 125 32.17 -4.79 11.44
N THR F 126 32.40 -4.02 10.38
CA THR F 126 33.77 -3.82 9.93
C THR F 126 34.57 -3.06 10.97
N ALA F 127 33.98 -2.00 11.54
CA ALA F 127 34.65 -1.24 12.58
C ALA F 127 35.01 -2.15 13.77
N PHE F 128 34.09 -3.04 14.13
CA PHE F 128 34.37 -3.97 15.22
C PHE F 128 35.53 -4.91 14.87
N LEU F 129 35.60 -5.37 13.62
CA LEU F 129 36.64 -6.31 13.24
C LEU F 129 37.99 -5.65 13.00
N LEU F 130 38.02 -4.37 12.63
CA LEU F 130 39.32 -3.69 12.54
C LEU F 130 39.88 -3.37 13.92
N TYR F 131 39.03 -3.29 14.94
CA TYR F 131 39.50 -2.95 16.27
C TYR F 131 40.02 -4.17 17.03
N VAL F 132 39.47 -5.36 16.76
CA VAL F 132 39.77 -6.55 17.54
C VAL F 132 40.63 -7.55 16.77
N SER F 133 41.16 -7.16 15.61
CA SER F 133 41.98 -8.05 14.80
C SER F 133 43.38 -7.48 14.62
N HIS F 134 44.36 -8.39 14.55
CA HIS F 134 45.70 -7.99 14.13
C HIS F 134 45.71 -7.63 12.65
N THR F 135 45.10 -8.49 11.83
CA THR F 135 44.98 -8.28 10.40
C THR F 135 43.55 -8.64 9.98
N VAL F 136 43.01 -7.89 9.02
CA VAL F 136 41.70 -8.20 8.45
C VAL F 136 41.92 -8.37 6.95
N LEU F 137 41.47 -9.51 6.43
CA LEU F 137 41.57 -9.78 5.00
C LEU F 137 40.36 -9.17 4.30
N VAL F 138 40.61 -8.28 3.35
CA VAL F 138 39.56 -7.71 2.53
C VAL F 138 39.54 -8.52 1.23
N VAL F 139 38.53 -9.37 1.11
CA VAL F 139 38.43 -10.32 0.00
C VAL F 139 37.37 -9.80 -0.96
N SER F 140 37.75 -9.67 -2.22
CA SER F 140 36.86 -9.10 -3.23
C SER F 140 37.40 -9.47 -4.60
N GLU F 141 36.58 -9.20 -5.62
CA GLU F 141 36.98 -9.35 -7.01
C GLU F 141 37.11 -8.00 -7.72
N THR F 142 37.00 -6.90 -6.98
CA THR F 142 36.89 -5.57 -7.58
C THR F 142 38.06 -4.65 -7.25
N HIS F 143 39.05 -5.09 -6.49
CA HIS F 143 40.22 -4.26 -6.21
C HIS F 143 40.90 -3.85 -7.51
N TYR F 144 41.18 -2.55 -7.66
CA TYR F 144 40.90 -1.51 -6.67
C TYR F 144 39.44 -1.04 -6.74
N ASP F 145 38.76 -1.05 -5.60
CA ASP F 145 37.36 -0.66 -5.50
C ASP F 145 37.24 0.49 -4.52
N LYS F 146 36.87 1.67 -5.03
CA LYS F 146 36.86 2.86 -4.18
C LYS F 146 35.83 2.76 -3.06
N VAL F 147 34.68 2.11 -3.32
CA VAL F 147 33.67 1.95 -2.29
C VAL F 147 34.20 1.11 -1.14
N ILE F 148 35.04 0.12 -1.44
CA ILE F 148 35.61 -0.71 -0.39
C ILE F 148 36.59 0.11 0.46
N ILE F 149 37.42 0.93 -0.17
CA ILE F 149 38.33 1.78 0.58
C ILE F 149 37.55 2.82 1.38
N ASP F 150 36.46 3.34 0.81
CA ASP F 150 35.62 4.29 1.53
C ASP F 150 35.06 3.67 2.80
N THR F 151 34.54 2.45 2.70
CA THR F 151 33.99 1.77 3.87
C THR F 151 35.07 1.54 4.93
N LEU F 152 36.26 1.14 4.51
CA LEU F 152 37.33 0.87 5.48
C LEU F 152 37.76 2.14 6.19
N ARG F 153 37.81 3.27 5.48
CA ARG F 153 38.28 4.50 6.10
C ARG F 153 37.21 5.19 6.93
N VAL F 154 35.93 4.95 6.64
CA VAL F 154 34.89 5.50 7.49
C VAL F 154 34.72 4.63 8.73
N ALA F 155 34.86 3.31 8.58
CA ALA F 155 34.79 2.42 9.73
C ALA F 155 35.90 2.70 10.73
N GLU F 156 37.05 3.20 10.26
CA GLU F 156 38.14 3.51 11.17
C GLU F 156 37.81 4.69 12.08
N GLN F 157 36.88 5.55 11.66
CA GLN F 157 36.42 6.63 12.52
C GLN F 157 35.35 6.22 13.51
N ILE F 158 34.79 5.01 13.36
CA ILE F 158 33.85 4.46 14.33
C ILE F 158 34.67 3.83 15.43
N ARG F 159 34.88 4.54 16.53
CA ARG F 159 35.79 4.05 17.55
C ARG F 159 35.16 4.09 18.93
N PRO F 160 35.47 3.13 19.77
CA PRO F 160 35.04 3.16 21.17
C PRO F 160 36.01 3.98 22.01
N TYR F 161 35.70 4.08 23.31
CA TYR F 161 36.58 4.74 24.28
C TYR F 161 36.68 3.83 25.50
N LEU F 162 37.62 2.89 25.44
CA LEU F 162 37.81 1.93 26.54
C LEU F 162 38.93 2.39 27.47
N ALA F 163 38.68 3.54 28.12
CA ALA F 163 39.68 4.11 29.00
C ALA F 163 39.87 3.28 30.27
N ILE F 164 38.77 2.72 30.81
CA ILE F 164 38.84 1.99 32.06
C ILE F 164 39.23 0.52 31.86
N PHE F 165 39.40 0.08 30.63
CA PHE F 165 39.79 -1.31 30.37
C PHE F 165 41.18 -1.57 30.94
N ARG F 166 41.32 -2.70 31.63
CA ARG F 166 42.59 -3.14 32.15
C ARG F 166 42.87 -4.55 31.67
N PRO F 167 44.05 -4.84 31.11
CA PRO F 167 45.18 -3.92 30.93
C PRO F 167 44.87 -2.78 29.95
N LYS F 168 45.47 -1.61 30.18
CA LYS F 168 45.27 -0.48 29.28
C LYS F 168 45.64 -0.88 27.86
N LEU F 169 44.86 -0.39 26.89
CA LEU F 169 44.98 -0.83 25.52
C LEU F 169 45.82 0.14 24.69
N ALA F 170 46.42 -0.40 23.63
CA ALA F 170 47.19 0.43 22.72
C ALA F 170 46.27 1.35 21.96
N ILE F 171 46.66 2.63 21.88
CA ILE F 171 45.82 3.67 21.33
C ILE F 171 46.33 4.16 19.98
N ASP F 172 47.64 4.20 19.78
CA ASP F 172 48.23 4.54 18.50
C ASP F 172 48.43 3.33 17.60
N ARG F 173 47.77 2.21 17.91
CA ARG F 173 48.01 0.95 17.22
C ARG F 173 47.24 0.90 15.91
N LYS F 174 47.89 0.39 14.86
CA LYS F 174 47.31 0.31 13.53
C LYS F 174 46.97 -1.13 13.20
N THR F 175 45.77 -1.34 12.67
CA THR F 175 45.35 -2.67 12.22
C THR F 175 45.82 -2.90 10.79
N ASN F 176 46.44 -4.06 10.56
CA ASN F 176 46.97 -4.38 9.24
C ASN F 176 45.87 -4.88 8.32
N LEU F 177 45.92 -4.46 7.05
CA LEU F 177 44.99 -4.90 6.03
C LEU F 177 45.74 -5.52 4.86
N VAL F 178 45.23 -6.65 4.39
CA VAL F 178 45.79 -7.36 3.24
C VAL F 178 44.69 -7.48 2.20
N PHE F 179 44.87 -6.79 1.07
CA PHE F 179 43.88 -6.82 0.00
C PHE F 179 44.07 -8.06 -0.86
N ILE F 180 42.98 -8.78 -1.10
CA ILE F 180 42.99 -10.02 -1.86
C ILE F 180 41.98 -9.93 -2.98
N LYS F 181 42.43 -10.16 -4.21
CA LYS F 181 41.58 -10.17 -5.39
C LYS F 181 41.35 -11.62 -5.78
N THR F 182 40.19 -12.16 -5.43
CA THR F 182 39.85 -13.53 -5.74
C THR F 182 39.28 -13.65 -7.15
N LYS F 183 39.30 -14.89 -7.66
CA LYS F 183 38.72 -15.25 -8.96
C LYS F 183 39.12 -14.23 -10.02
N ALA F 184 40.43 -14.04 -10.16
CA ALA F 184 41.00 -13.05 -11.04
C ALA F 184 41.49 -13.69 -12.33
N SER F 185 41.45 -12.90 -13.41
CA SER F 185 41.87 -13.37 -14.72
C SER F 185 43.38 -13.22 -14.88
N SER F 186 43.88 -13.63 -16.05
CA SER F 186 45.31 -13.57 -16.30
C SER F 186 45.83 -12.15 -16.31
N ILE F 187 45.00 -11.19 -16.74
CA ILE F 187 45.48 -9.82 -16.85
C ILE F 187 45.64 -9.20 -15.47
N ASP F 188 44.85 -9.64 -14.48
CA ASP F 188 45.00 -9.15 -13.12
C ASP F 188 46.31 -9.59 -12.48
N LEU F 189 46.96 -10.62 -13.02
CA LEU F 189 48.24 -11.09 -12.51
C LEU F 189 49.42 -10.39 -13.16
N ALA F 190 49.17 -9.42 -14.03
CA ALA F 190 50.25 -8.69 -14.66
C ALA F 190 50.95 -7.80 -13.63
N PRO F 191 52.27 -7.85 -13.53
CA PRO F 191 52.96 -7.00 -12.53
C PRO F 191 52.65 -5.52 -12.69
N THR F 192 52.43 -5.04 -13.91
CA THR F 192 52.14 -3.62 -14.09
C THR F 192 50.78 -3.24 -13.53
N VAL F 193 49.79 -4.14 -13.58
CA VAL F 193 48.49 -3.81 -13.04
C VAL F 193 48.46 -4.01 -11.53
N ILE F 194 49.22 -4.97 -11.01
CA ILE F 194 49.27 -5.17 -9.57
C ILE F 194 49.90 -3.94 -8.91
N ARG F 195 51.04 -3.50 -9.42
CA ARG F 195 51.70 -2.32 -8.84
C ARG F 195 50.83 -1.08 -8.99
N GLU F 196 50.08 -0.98 -10.09
CA GLU F 196 49.19 0.17 -10.27
C GLU F 196 48.11 0.21 -9.20
N ARG F 197 47.49 -0.92 -8.88
CA ARG F 197 46.48 -0.94 -7.84
C ARG F 197 47.10 -0.96 -6.45
N GLU F 198 48.24 -1.65 -6.30
CA GLU F 198 48.96 -1.61 -5.02
C GLU F 198 49.34 -0.19 -4.65
N GLU F 199 49.74 0.63 -5.62
CA GLU F 199 50.02 2.03 -5.34
C GLU F 199 48.79 2.73 -4.78
N LEU F 200 47.67 2.63 -5.50
CA LEU F 200 46.45 3.34 -5.09
C LEU F 200 46.00 2.94 -3.69
N LEU F 201 46.29 1.71 -3.26
CA LEU F 201 45.90 1.31 -1.91
C LEU F 201 46.80 1.91 -0.85
N ARG F 202 48.08 2.14 -1.17
CA ARG F 202 48.95 2.78 -0.19
C ARG F 202 48.69 4.28 -0.14
N LEU F 203 48.19 4.86 -1.23
CA LEU F 203 47.69 6.24 -1.16
C LEU F 203 46.41 6.32 -0.35
N SER F 204 45.58 5.27 -0.41
CA SER F 204 44.32 5.24 0.33
C SER F 204 44.49 5.14 1.84
N PHE F 205 45.68 4.80 2.32
CA PHE F 205 45.91 4.67 3.76
C PHE F 205 47.17 5.41 4.21
N GLN F 206 47.79 6.20 3.33
CA GLN F 206 48.93 7.02 3.74
C GLN F 206 48.60 7.89 4.94
N ASP F 207 47.37 8.39 5.02
CA ASP F 207 46.96 9.30 6.09
C ASP F 207 46.14 8.60 7.16
N SER F 208 45.92 7.29 7.04
CA SER F 208 45.18 6.53 8.05
C SER F 208 45.91 6.53 9.38
N ARG F 209 45.14 6.55 10.47
CA ARG F 209 45.70 6.54 11.82
C ARG F 209 45.70 5.18 12.47
N TRP F 210 44.67 4.35 12.24
CA TRP F 210 44.59 3.04 12.84
C TRP F 210 44.50 1.92 11.82
N LEU F 211 44.64 2.23 10.54
CA LEU F 211 44.79 1.22 9.50
C LEU F 211 46.10 1.45 8.77
N LYS F 212 46.77 0.36 8.43
CA LYS F 212 48.01 0.45 7.67
C LYS F 212 48.01 -0.68 6.65
N VAL F 213 48.83 -0.51 5.62
CA VAL F 213 49.01 -1.54 4.61
C VAL F 213 50.50 -1.67 4.35
N SER F 214 50.94 -2.89 4.03
CA SER F 214 52.36 -3.12 3.83
C SER F 214 52.86 -2.31 2.63
N GLN F 215 54.16 -2.02 2.66
CA GLN F 215 54.81 -1.25 1.60
C GLN F 215 55.89 -2.07 0.89
N GLU F 216 55.80 -3.38 0.95
CA GLU F 216 56.65 -4.25 0.16
C GLU F 216 55.89 -4.66 -1.09
N PRO F 217 56.50 -4.52 -2.27
CA PRO F 217 55.80 -4.88 -3.51
C PRO F 217 55.21 -6.29 -3.43
N PHE F 218 54.03 -6.43 -4.03
CA PHE F 218 53.31 -7.71 -4.14
C PHE F 218 52.94 -8.29 -2.77
N LYS F 219 52.84 -7.44 -1.76
CA LYS F 219 52.43 -7.87 -0.42
C LYS F 219 51.23 -7.12 0.13
N THR F 220 50.67 -6.16 -0.60
CA THR F 220 49.45 -5.49 -0.16
C THR F 220 48.22 -5.92 -0.94
N LEU F 221 48.35 -6.26 -2.22
CA LEU F 221 47.23 -6.80 -2.99
C LEU F 221 47.65 -8.16 -3.56
N ILE F 222 46.98 -9.22 -3.10
CA ILE F 222 47.28 -10.58 -3.51
C ILE F 222 46.18 -11.03 -4.46
N VAL F 223 46.58 -11.60 -5.60
CA VAL F 223 45.63 -12.00 -6.64
C VAL F 223 45.65 -13.51 -6.78
N LEU F 224 44.46 -14.08 -6.95
CA LEU F 224 44.29 -15.53 -7.03
C LEU F 224 43.36 -15.87 -8.20
N GLU F 225 43.72 -16.92 -8.95
CA GLU F 225 42.96 -17.34 -10.11
C GLU F 225 41.88 -18.34 -9.69
N GLU F 226 40.90 -18.51 -10.57
CA GLU F 226 39.80 -19.44 -10.31
C GLU F 226 40.27 -20.89 -10.42
N PHE F 250 49.88 -29.64 -5.62
CA PHE F 250 50.26 -28.84 -4.46
C PHE F 250 50.32 -27.37 -4.81
N ASP F 251 49.25 -26.88 -5.47
CA ASP F 251 49.18 -25.48 -5.87
C ASP F 251 49.03 -24.55 -4.68
N GLU F 252 48.63 -25.07 -3.52
CA GLU F 252 48.45 -24.25 -2.34
C GLU F 252 49.79 -23.90 -1.71
N GLN F 253 50.70 -23.33 -2.49
CA GLN F 253 51.97 -22.84 -1.99
C GLN F 253 51.89 -21.37 -1.58
N ILE F 254 51.16 -20.56 -2.34
CA ILE F 254 50.99 -19.16 -1.97
C ILE F 254 50.16 -19.04 -0.71
N ALA F 255 49.23 -19.97 -0.48
CA ALA F 255 48.43 -19.95 0.73
C ALA F 255 49.26 -20.26 1.97
N GLU F 256 50.26 -21.14 1.83
CA GLU F 256 51.13 -21.45 2.95
C GLU F 256 52.04 -20.25 3.29
N LEU F 257 52.49 -19.53 2.26
CA LEU F 257 53.29 -18.33 2.50
C LEU F 257 52.46 -17.25 3.19
N ARG F 258 51.18 -17.14 2.82
CA ARG F 258 50.31 -16.15 3.46
C ARG F 258 50.15 -16.40 4.95
N GLU F 259 50.22 -17.66 5.38
CA GLU F 259 50.09 -17.96 6.81
C GLU F 259 51.29 -17.46 7.60
N GLU F 260 52.47 -17.35 6.98
CA GLU F 260 53.69 -16.98 7.67
C GLU F 260 53.97 -15.48 7.69
N LEU F 261 53.36 -14.71 6.78
CA LEU F 261 53.64 -13.29 6.64
C LEU F 261 53.09 -12.42 7.76
N GLN F 262 52.48 -12.98 8.80
CA GLN F 262 51.91 -12.17 9.89
C GLN F 262 52.91 -12.00 11.03
N LYS F 263 54.00 -11.29 10.71
CA LYS F 263 55.06 -11.01 11.67
C LYS F 263 54.85 -9.68 12.37
N ASN F 264 54.40 -8.65 11.64
CA ASN F 264 54.24 -7.30 12.17
C ASN F 264 52.89 -7.06 12.81
N ARG F 265 52.37 -8.03 13.57
CA ARG F 265 51.13 -7.84 14.31
C ARG F 265 51.43 -7.07 15.59
N GLU F 266 50.60 -6.07 15.90
CA GLU F 266 50.81 -5.21 17.05
C GLU F 266 49.84 -5.56 18.17
N ASP F 267 50.35 -5.60 19.39
CA ASP F 267 49.57 -6.00 20.55
C ASP F 267 48.51 -4.95 20.87
N PHE F 268 47.39 -5.42 21.43
CA PHE F 268 46.30 -4.52 21.79
C PHE F 268 46.57 -3.70 23.05
N THR F 269 47.47 -4.16 23.91
CA THR F 269 47.70 -3.52 25.20
C THR F 269 48.99 -2.69 25.19
N VAL F 270 49.07 -1.76 26.13
CA VAL F 270 50.25 -0.89 26.22
C VAL F 270 51.51 -1.66 26.58
N GLU F 271 51.39 -2.70 27.39
CA GLU F 271 52.54 -3.49 27.83
C GLU F 271 52.49 -4.86 27.18
N THR F 272 53.66 -5.39 26.83
CA THR F 272 53.73 -6.64 26.07
C THR F 272 53.19 -7.81 26.87
N ALA F 273 52.42 -8.66 26.20
CA ALA F 273 51.91 -9.91 26.76
C ALA F 273 51.07 -9.65 28.02
N ALA F 274 50.25 -8.60 27.98
CA ALA F 274 49.37 -8.25 29.08
C ALA F 274 47.96 -8.77 28.90
N MET F 275 47.60 -9.22 27.70
CA MET F 275 46.26 -9.65 27.39
C MET F 275 46.29 -11.10 26.91
N ASP F 276 45.64 -11.99 27.66
CA ASP F 276 45.40 -13.35 27.25
C ASP F 276 44.16 -13.44 26.36
N GLU F 277 43.92 -14.64 25.80
CA GLU F 277 42.77 -14.83 24.93
C GLU F 277 41.46 -14.54 25.67
N LYS F 278 41.41 -14.79 26.97
CA LYS F 278 40.18 -14.56 27.71
C LYS F 278 39.88 -13.08 27.89
N LYS F 279 40.92 -12.25 28.04
CA LYS F 279 40.71 -10.81 28.16
C LYS F 279 40.59 -10.11 26.81
N TRP F 280 41.10 -10.72 25.73
CA TRP F 280 40.79 -10.21 24.40
C TRP F 280 39.30 -10.24 24.14
N LEU F 281 38.60 -11.27 24.64
CA LEU F 281 37.16 -11.34 24.45
C LEU F 281 36.44 -10.30 25.29
N ASP F 282 36.92 -10.06 26.51
CA ASP F 282 36.32 -9.02 27.33
C ASP F 282 36.45 -7.66 26.66
N MET F 283 37.51 -7.48 25.86
CA MET F 283 37.59 -6.30 25.01
C MET F 283 36.52 -6.31 23.93
N CYS F 284 36.27 -7.48 23.32
CA CYS F 284 35.27 -7.57 22.28
C CYS F 284 33.88 -7.22 22.81
N ARG F 285 33.52 -7.75 23.99
CA ARG F 285 32.20 -7.46 24.53
C ARG F 285 32.08 -6.00 24.94
N GLU F 286 33.15 -5.41 25.46
CA GLU F 286 33.09 -4.00 25.87
C GLU F 286 33.18 -3.04 24.69
N VAL F 287 33.57 -3.53 23.52
CA VAL F 287 33.52 -2.70 22.32
C VAL F 287 32.11 -2.68 21.76
N ILE F 288 31.44 -3.83 21.78
CA ILE F 288 30.08 -3.92 21.28
C ILE F 288 29.10 -3.19 22.17
N ARG F 289 29.47 -2.96 23.43
CA ARG F 289 28.63 -2.25 24.38
C ARG F 289 28.99 -0.78 24.52
N ASP F 290 30.09 -0.33 23.92
CA ASP F 290 30.58 1.01 24.17
C ASP F 290 29.64 2.06 23.57
N LYS F 291 29.26 3.02 24.40
CA LYS F 291 28.28 4.03 23.98
C LYS F 291 28.89 5.09 23.09
N THR F 292 30.18 5.41 23.30
CA THR F 292 30.85 6.36 22.42
C THR F 292 30.91 5.85 20.98
N LEU F 293 31.13 4.54 20.82
CA LEU F 293 31.11 3.95 19.48
C LEU F 293 29.71 3.99 18.86
N HIS F 294 28.68 3.65 19.66
CA HIS F 294 27.32 3.60 19.14
C HIS F 294 26.87 4.96 18.61
N LYS F 295 27.18 6.04 19.35
CA LYS F 295 26.74 7.36 18.94
C LYS F 295 27.38 7.79 17.63
N THR F 296 28.65 7.44 17.42
CA THR F 296 29.36 7.87 16.21
C THR F 296 28.75 7.25 14.95
N LEU F 297 28.45 5.94 14.98
CA LEU F 297 27.83 5.33 13.81
C LEU F 297 26.38 5.78 13.66
N LYS F 298 25.71 6.09 14.77
CA LYS F 298 24.35 6.61 14.68
C LYS F 298 24.33 7.91 13.90
N GLU F 299 25.34 8.76 14.10
CA GLU F 299 25.44 9.99 13.33
C GLU F 299 25.88 9.73 11.90
N TYR F 300 26.47 8.55 11.64
CA TYR F 300 26.73 8.13 10.26
C TYR F 300 25.42 7.85 9.53
N GLN F 301 24.58 6.99 10.12
CA GLN F 301 23.27 6.72 9.54
C GLN F 301 22.48 8.02 9.34
N ARG F 302 22.58 8.93 10.30
CA ARG F 302 21.92 10.23 10.17
C ARG F 302 22.48 11.01 8.99
N ALA F 303 23.81 11.02 8.83
CA ALA F 303 24.43 11.76 7.74
C ALA F 303 24.21 11.10 6.38
N MET F 304 23.95 9.79 6.34
CA MET F 304 23.71 9.13 5.07
C MET F 304 22.26 9.27 4.61
N THR F 305 21.33 9.60 5.51
CA THR F 305 19.93 9.80 5.18
C THR F 305 19.55 11.27 5.14
N ASP F 306 20.52 12.17 4.96
CA ASP F 306 20.28 13.61 4.93
C ASP F 306 19.59 14.10 6.20
#